data_7Q85
# 
_entry.id   7Q85 
# 
_audit_conform.dict_name       mmcif_pdbx.dic 
_audit_conform.dict_version    5.385 
_audit_conform.dict_location   http://mmcif.pdb.org/dictionaries/ascii/mmcif_pdbx.dic 
# 
loop_
_database_2.database_id 
_database_2.database_code 
_database_2.pdbx_database_accession 
_database_2.pdbx_DOI 
PDB   7Q85         pdb_00007q85 10.2210/pdb7q85/pdb 
WWPDB D_1292119166 ?            ?                   
# 
loop_
_pdbx_audit_revision_history.ordinal 
_pdbx_audit_revision_history.data_content_type 
_pdbx_audit_revision_history.major_revision 
_pdbx_audit_revision_history.minor_revision 
_pdbx_audit_revision_history.revision_date 
1 'Structure model' 1 0 2022-10-19 
2 'Structure model' 1 1 2023-05-31 
3 'Structure model' 1 2 2023-08-23 
4 'Structure model' 1 3 2024-02-07 
# 
_pdbx_audit_revision_details.ordinal             1 
_pdbx_audit_revision_details.revision_ordinal    1 
_pdbx_audit_revision_details.data_content_type   'Structure model' 
_pdbx_audit_revision_details.provider            repository 
_pdbx_audit_revision_details.type                'Initial release' 
_pdbx_audit_revision_details.description         ? 
_pdbx_audit_revision_details.details             ? 
# 
loop_
_pdbx_audit_revision_group.ordinal 
_pdbx_audit_revision_group.revision_ordinal 
_pdbx_audit_revision_group.data_content_type 
_pdbx_audit_revision_group.group 
1 2 'Structure model' 'Database references'    
2 2 'Structure model' 'Source and taxonomy'    
3 2 'Structure model' 'Structure summary'      
4 3 'Structure model' 'Data collection'        
5 3 'Structure model' 'Database references'    
6 4 'Structure model' 'Refinement description' 
# 
loop_
_pdbx_audit_revision_category.ordinal 
_pdbx_audit_revision_category.revision_ordinal 
_pdbx_audit_revision_category.data_content_type 
_pdbx_audit_revision_category.category 
1  2 'Structure model' entity                        
2  2 'Structure model' entity_name_com               
3  2 'Structure model' entity_src_gen                
4  2 'Structure model' struct_ref                    
5  2 'Structure model' struct_ref_seq                
6  2 'Structure model' struct_ref_seq_dif            
7  3 'Structure model' chem_comp_atom                
8  3 'Structure model' chem_comp_bond                
9  3 'Structure model' citation                      
10 3 'Structure model' citation_author               
11 4 'Structure model' pdbx_initial_refinement_model 
# 
loop_
_pdbx_audit_revision_item.ordinal 
_pdbx_audit_revision_item.revision_ordinal 
_pdbx_audit_revision_item.data_content_type 
_pdbx_audit_revision_item.item 
1  2 'Structure model' '_entity.pdbx_description'             
2  2 'Structure model' '_entity_src_gen.gene_src_common_name' 
3  2 'Structure model' '_entity_src_gen.pdbx_gene_src_gene'   
4  2 'Structure model' '_struct_ref.db_code'                  
5  2 'Structure model' '_struct_ref.pdbx_db_accession'        
6  2 'Structure model' '_struct_ref.pdbx_seq_one_letter_code' 
7  2 'Structure model' '_struct_ref_seq.pdbx_db_accession'    
8  3 'Structure model' '_citation.country'                    
9  3 'Structure model' '_citation.journal_abbrev'             
10 3 'Structure model' '_citation.journal_id_ASTM'            
11 3 'Structure model' '_citation.journal_id_CSD'             
12 3 'Structure model' '_citation.journal_id_ISSN'            
13 3 'Structure model' '_citation.journal_volume'             
14 3 'Structure model' '_citation.page_first'                 
15 3 'Structure model' '_citation.page_last'                  
16 3 'Structure model' '_citation.pdbx_database_id_DOI'       
17 3 'Structure model' '_citation.pdbx_database_id_PubMed'    
18 3 'Structure model' '_citation.title'                      
19 3 'Structure model' '_citation.year'                       
# 
_pdbx_database_status.status_code                     REL 
_pdbx_database_status.status_code_sf                  REL 
_pdbx_database_status.status_code_mr                  ? 
_pdbx_database_status.entry_id                        7Q85 
_pdbx_database_status.recvd_initial_deposition_date   2021-11-10 
_pdbx_database_status.SG_entry                        N 
_pdbx_database_status.deposit_site                    PDBE 
_pdbx_database_status.process_site                    PDBE 
_pdbx_database_status.status_code_cs                  ? 
_pdbx_database_status.status_code_nmr_data            ? 
_pdbx_database_status.methods_development_category    ? 
_pdbx_database_status.pdb_format_compatible           Y 
# 
_pdbx_contact_author.id                 2 
_pdbx_contact_author.email              boura@uochb.cas.cz 
_pdbx_contact_author.name_first         Evzen 
_pdbx_contact_author.name_last          Boura 
_pdbx_contact_author.name_mi            ? 
_pdbx_contact_author.role               'principal investigator/group leader' 
_pdbx_contact_author.identifier_ORCID   0000-0002-9652-4065 
# 
loop_
_audit_author.name 
_audit_author.pdbx_ordinal 
_audit_author.identifier_ORCID 
'Smola, M.' 1 0000-0002-4611-739X 
'Klima, M.' 2 0000-0002-9083-509X 
'Boura, E.' 3 0000-0002-9652-4065 
# 
_citation.abstract                  ? 
_citation.abstract_id_CAS           ? 
_citation.book_id_ISBN              ? 
_citation.book_publisher            ? 
_citation.book_publisher_city       ? 
_citation.book_title                ? 
_citation.coordinate_linkage        ? 
_citation.country                   FR 
_citation.database_id_Medline       ? 
_citation.details                   ? 
_citation.id                        primary 
_citation.journal_abbrev            Eur.J.Med.Chem. 
_citation.journal_id_ASTM           EJMCA5 
_citation.journal_id_CSD            0493 
_citation.journal_id_ISSN           0223-5234 
_citation.journal_full              ? 
_citation.journal_issue             ? 
_citation.journal_volume            259 
_citation.language                  ? 
_citation.page_first                115685 
_citation.page_last                 115685 
_citation.title                     'Vinylphosphonate-based cyclic dinucleotides enhance STING-mediated cancer immunotherapy.' 
_citation.year                      2023 
_citation.database_id_CSD           ? 
_citation.pdbx_database_id_DOI      10.1016/j.ejmech.2023.115685 
_citation.pdbx_database_id_PubMed   37567057 
_citation.pdbx_database_id_patent   ? 
_citation.unpublished_flag          ? 
# 
loop_
_citation_author.citation_id 
_citation_author.name 
_citation_author.ordinal 
_citation_author.identifier_ORCID 
primary 'Dejmek, M.'       1  ? 
primary 'Brazdova, A.'     2  ? 
primary 'Otava, T.'        3  ? 
primary 'Polidarova, M.P.' 4  ? 
primary 'Klima, M.'        5  ? 
primary 'Smola, M.'        6  ? 
primary 'Vavrina, Z.'      7  ? 
primary 'Budesinsky, M.'   8  ? 
primary 'Dracinsky, M.'    9  ? 
primary 'Liboska, R.'      10 ? 
primary 'Boura, E.'        11 ? 
primary 'Birkus, G.'       12 ? 
primary 'Nencka, R.'       13 ? 
# 
loop_
_entity.id 
_entity.type 
_entity.src_method 
_entity.pdbx_description 
_entity.formula_weight 
_entity.pdbx_number_of_molecules 
_entity.pdbx_ec 
_entity.pdbx_mutation 
_entity.pdbx_fragment 
_entity.details 
1 polymer     man 'Stimulator of interferon genes protein' 23189.064 1  ? ? ? ? 
2 non-polymer syn 
;9-[(1R,6R,8R,13E,15R,17R,18R)-17-(6-aminopurin-9-yl)-9,18-bis(fluoranyl)-3,12-bis(oxidanyl)-3,12-bis(oxidanylidene)-2,4,7,11,16-pentaoxa-3$l^{5},12$l^{5}-diphosphatricyclo[13.3.0.0^{6,10}]octadec-13-en-8-yl]purin-6-amine
;
658.405   1  ? ? ? ? 
3 water       nat water 18.015    27 ? ? ? ? 
# 
_entity_name_com.entity_id   1 
_entity_name_com.name        
'hSTING,Endoplasmic reticulum interferon stimulator,ERIS,Mediator of IRF3 activation,hMITA,Transmembrane protein 173' 
# 
_entity_poly.entity_id                      1 
_entity_poly.type                           'polypeptide(L)' 
_entity_poly.nstd_linkage                   no 
_entity_poly.nstd_monomer                   no 
_entity_poly.pdbx_seq_one_letter_code       
;APAEISAVCEKGNFNVAHGLAWSYYIGYLRLILPELQARIRTYNQHYNNLLRGAVSQRLYILLPLDCGVPDNLSMADPNI
RFLDKLPQQTGDRAGIKDRVYSNSIYELLENGQRAGTCVLEYATPLQTLFAMSQYSQAGFSREDRLEQAKLFCRTLEDIL
ADAPESQNNCRLIAYQEPADDSSFSLSQEVLRHLRQEEKEEVTV
;
_entity_poly.pdbx_seq_one_letter_code_can   
;APAEISAVCEKGNFNVAHGLAWSYYIGYLRLILPELQARIRTYNQHYNNLLRGAVSQRLYILLPLDCGVPDNLSMADPNI
RFLDKLPQQTGDRAGIKDRVYSNSIYELLENGQRAGTCVLEYATPLQTLFAMSQYSQAGFSREDRLEQAKLFCRTLEDIL
ADAPESQNNCRLIAYQEPADDSSFSLSQEVLRHLRQEEKEEVTV
;
_entity_poly.pdbx_strand_id                 A 
_entity_poly.pdbx_target_identifier         ? 
# 
loop_
_pdbx_entity_nonpoly.entity_id 
_pdbx_entity_nonpoly.name 
_pdbx_entity_nonpoly.comp_id 
2 
;9-[(1R,6R,8R,13E,15R,17R,18R)-17-(6-aminopurin-9-yl)-9,18-bis(fluoranyl)-3,12-bis(oxidanyl)-3,12-bis(oxidanylidene)-2,4,7,11,16-pentaoxa-3$l^{5},12$l^{5}-diphosphatricyclo[13.3.0.0^{6,10}]octadec-13-en-8-yl]purin-6-amine
;
98F 
3 water HOH 
# 
loop_
_entity_poly_seq.entity_id 
_entity_poly_seq.num 
_entity_poly_seq.mon_id 
_entity_poly_seq.hetero 
1 1   ALA n 
1 2   PRO n 
1 3   ALA n 
1 4   GLU n 
1 5   ILE n 
1 6   SER n 
1 7   ALA n 
1 8   VAL n 
1 9   CYS n 
1 10  GLU n 
1 11  LYS n 
1 12  GLY n 
1 13  ASN n 
1 14  PHE n 
1 15  ASN n 
1 16  VAL n 
1 17  ALA n 
1 18  HIS n 
1 19  GLY n 
1 20  LEU n 
1 21  ALA n 
1 22  TRP n 
1 23  SER n 
1 24  TYR n 
1 25  TYR n 
1 26  ILE n 
1 27  GLY n 
1 28  TYR n 
1 29  LEU n 
1 30  ARG n 
1 31  LEU n 
1 32  ILE n 
1 33  LEU n 
1 34  PRO n 
1 35  GLU n 
1 36  LEU n 
1 37  GLN n 
1 38  ALA n 
1 39  ARG n 
1 40  ILE n 
1 41  ARG n 
1 42  THR n 
1 43  TYR n 
1 44  ASN n 
1 45  GLN n 
1 46  HIS n 
1 47  TYR n 
1 48  ASN n 
1 49  ASN n 
1 50  LEU n 
1 51  LEU n 
1 52  ARG n 
1 53  GLY n 
1 54  ALA n 
1 55  VAL n 
1 56  SER n 
1 57  GLN n 
1 58  ARG n 
1 59  LEU n 
1 60  TYR n 
1 61  ILE n 
1 62  LEU n 
1 63  LEU n 
1 64  PRO n 
1 65  LEU n 
1 66  ASP n 
1 67  CYS n 
1 68  GLY n 
1 69  VAL n 
1 70  PRO n 
1 71  ASP n 
1 72  ASN n 
1 73  LEU n 
1 74  SER n 
1 75  MET n 
1 76  ALA n 
1 77  ASP n 
1 78  PRO n 
1 79  ASN n 
1 80  ILE n 
1 81  ARG n 
1 82  PHE n 
1 83  LEU n 
1 84  ASP n 
1 85  LYS n 
1 86  LEU n 
1 87  PRO n 
1 88  GLN n 
1 89  GLN n 
1 90  THR n 
1 91  GLY n 
1 92  ASP n 
1 93  ARG n 
1 94  ALA n 
1 95  GLY n 
1 96  ILE n 
1 97  LYS n 
1 98  ASP n 
1 99  ARG n 
1 100 VAL n 
1 101 TYR n 
1 102 SER n 
1 103 ASN n 
1 104 SER n 
1 105 ILE n 
1 106 TYR n 
1 107 GLU n 
1 108 LEU n 
1 109 LEU n 
1 110 GLU n 
1 111 ASN n 
1 112 GLY n 
1 113 GLN n 
1 114 ARG n 
1 115 ALA n 
1 116 GLY n 
1 117 THR n 
1 118 CYS n 
1 119 VAL n 
1 120 LEU n 
1 121 GLU n 
1 122 TYR n 
1 123 ALA n 
1 124 THR n 
1 125 PRO n 
1 126 LEU n 
1 127 GLN n 
1 128 THR n 
1 129 LEU n 
1 130 PHE n 
1 131 ALA n 
1 132 MET n 
1 133 SER n 
1 134 GLN n 
1 135 TYR n 
1 136 SER n 
1 137 GLN n 
1 138 ALA n 
1 139 GLY n 
1 140 PHE n 
1 141 SER n 
1 142 ARG n 
1 143 GLU n 
1 144 ASP n 
1 145 ARG n 
1 146 LEU n 
1 147 GLU n 
1 148 GLN n 
1 149 ALA n 
1 150 LYS n 
1 151 LEU n 
1 152 PHE n 
1 153 CYS n 
1 154 ARG n 
1 155 THR n 
1 156 LEU n 
1 157 GLU n 
1 158 ASP n 
1 159 ILE n 
1 160 LEU n 
1 161 ALA n 
1 162 ASP n 
1 163 ALA n 
1 164 PRO n 
1 165 GLU n 
1 166 SER n 
1 167 GLN n 
1 168 ASN n 
1 169 ASN n 
1 170 CYS n 
1 171 ARG n 
1 172 LEU n 
1 173 ILE n 
1 174 ALA n 
1 175 TYR n 
1 176 GLN n 
1 177 GLU n 
1 178 PRO n 
1 179 ALA n 
1 180 ASP n 
1 181 ASP n 
1 182 SER n 
1 183 SER n 
1 184 PHE n 
1 185 SER n 
1 186 LEU n 
1 187 SER n 
1 188 GLN n 
1 189 GLU n 
1 190 VAL n 
1 191 LEU n 
1 192 ARG n 
1 193 HIS n 
1 194 LEU n 
1 195 ARG n 
1 196 GLN n 
1 197 GLU n 
1 198 GLU n 
1 199 LYS n 
1 200 GLU n 
1 201 GLU n 
1 202 VAL n 
1 203 THR n 
1 204 VAL n 
# 
_entity_src_gen.entity_id                          1 
_entity_src_gen.pdbx_src_id                        1 
_entity_src_gen.pdbx_alt_source_flag               sample 
_entity_src_gen.pdbx_seq_type                      'Biological sequence' 
_entity_src_gen.pdbx_beg_seq_num                   1 
_entity_src_gen.pdbx_end_seq_num                   204 
_entity_src_gen.gene_src_common_name               human 
_entity_src_gen.gene_src_genus                     ? 
_entity_src_gen.pdbx_gene_src_gene                 'STING1, ERIS, MITA, STING, TMEM173' 
_entity_src_gen.gene_src_species                   ? 
_entity_src_gen.gene_src_strain                    ? 
_entity_src_gen.gene_src_tissue                    ? 
_entity_src_gen.gene_src_tissue_fraction           ? 
_entity_src_gen.gene_src_details                   ? 
_entity_src_gen.pdbx_gene_src_fragment             ? 
_entity_src_gen.pdbx_gene_src_scientific_name      'Homo sapiens' 
_entity_src_gen.pdbx_gene_src_ncbi_taxonomy_id     9606 
_entity_src_gen.pdbx_gene_src_variant              ? 
_entity_src_gen.pdbx_gene_src_cell_line            ? 
_entity_src_gen.pdbx_gene_src_atcc                 ? 
_entity_src_gen.pdbx_gene_src_organ                ? 
_entity_src_gen.pdbx_gene_src_organelle            ? 
_entity_src_gen.pdbx_gene_src_cell                 ? 
_entity_src_gen.pdbx_gene_src_cellular_location    ? 
_entity_src_gen.host_org_common_name               ? 
_entity_src_gen.pdbx_host_org_scientific_name      'Escherichia coli BL21(DE3)' 
_entity_src_gen.pdbx_host_org_ncbi_taxonomy_id     469008 
_entity_src_gen.host_org_genus                     ? 
_entity_src_gen.pdbx_host_org_gene                 ? 
_entity_src_gen.pdbx_host_org_organ                ? 
_entity_src_gen.host_org_species                   ? 
_entity_src_gen.pdbx_host_org_tissue               ? 
_entity_src_gen.pdbx_host_org_tissue_fraction      ? 
_entity_src_gen.pdbx_host_org_strain               ? 
_entity_src_gen.pdbx_host_org_variant              ? 
_entity_src_gen.pdbx_host_org_cell_line            ? 
_entity_src_gen.pdbx_host_org_atcc                 ? 
_entity_src_gen.pdbx_host_org_culture_collection   ? 
_entity_src_gen.pdbx_host_org_cell                 ? 
_entity_src_gen.pdbx_host_org_organelle            ? 
_entity_src_gen.pdbx_host_org_cellular_location    ? 
_entity_src_gen.pdbx_host_org_vector_type          ? 
_entity_src_gen.pdbx_host_org_vector               ? 
_entity_src_gen.host_org_details                   ? 
_entity_src_gen.expression_system_id               ? 
_entity_src_gen.plasmid_name                       ? 
_entity_src_gen.plasmid_details                    ? 
_entity_src_gen.pdbx_description                   ? 
# 
loop_
_chem_comp.id 
_chem_comp.type 
_chem_comp.mon_nstd_flag 
_chem_comp.name 
_chem_comp.pdbx_synonyms 
_chem_comp.formula 
_chem_comp.formula_weight 
98F non-polymer         . 
;9-[(1R,6R,8R,13E,15R,17R,18R)-17-(6-aminopurin-9-yl)-9,18-bis(fluoranyl)-3,12-bis(oxidanyl)-3,12-bis(oxidanylidene)-2,4,7,11,16-pentaoxa-3$l^{5},12$l^{5}-diphosphatricyclo[13.3.0.0^{6,10}]octadec-13-en-8-yl]purin-6-amine
;
? 'C21 H22 F2 N10 O9 P2' 658.405 
ALA 'L-peptide linking' y ALANINE ? 'C3 H7 N O2'           89.093  
ARG 'L-peptide linking' y ARGININE ? 'C6 H15 N4 O2 1'       175.209 
ASN 'L-peptide linking' y ASPARAGINE ? 'C4 H8 N2 O3'          132.118 
ASP 'L-peptide linking' y 'ASPARTIC ACID' ? 'C4 H7 N O4'           133.103 
CYS 'L-peptide linking' y CYSTEINE ? 'C3 H7 N O2 S'         121.158 
GLN 'L-peptide linking' y GLUTAMINE ? 'C5 H10 N2 O3'         146.144 
GLU 'L-peptide linking' y 'GLUTAMIC ACID' ? 'C5 H9 N O4'           147.129 
GLY 'peptide linking'   y GLYCINE ? 'C2 H5 N O2'           75.067  
HIS 'L-peptide linking' y HISTIDINE ? 'C6 H10 N3 O2 1'       156.162 
HOH non-polymer         . WATER ? 'H2 O'                 18.015  
ILE 'L-peptide linking' y ISOLEUCINE ? 'C6 H13 N O2'          131.173 
LEU 'L-peptide linking' y LEUCINE ? 'C6 H13 N O2'          131.173 
LYS 'L-peptide linking' y LYSINE ? 'C6 H15 N2 O2 1'       147.195 
MET 'L-peptide linking' y METHIONINE ? 'C5 H11 N O2 S'        149.211 
PHE 'L-peptide linking' y PHENYLALANINE ? 'C9 H11 N O2'          165.189 
PRO 'L-peptide linking' y PROLINE ? 'C5 H9 N O2'           115.130 
SER 'L-peptide linking' y SERINE ? 'C3 H7 N O3'           105.093 
THR 'L-peptide linking' y THREONINE ? 'C4 H9 N O3'           119.119 
TRP 'L-peptide linking' y TRYPTOPHAN ? 'C11 H12 N2 O2'        204.225 
TYR 'L-peptide linking' y TYROSINE ? 'C9 H11 N O3'          181.189 
VAL 'L-peptide linking' y VALINE ? 'C5 H11 N O2'          117.146 
# 
loop_
_pdbx_poly_seq_scheme.asym_id 
_pdbx_poly_seq_scheme.entity_id 
_pdbx_poly_seq_scheme.seq_id 
_pdbx_poly_seq_scheme.mon_id 
_pdbx_poly_seq_scheme.ndb_seq_num 
_pdbx_poly_seq_scheme.pdb_seq_num 
_pdbx_poly_seq_scheme.auth_seq_num 
_pdbx_poly_seq_scheme.pdb_mon_id 
_pdbx_poly_seq_scheme.auth_mon_id 
_pdbx_poly_seq_scheme.pdb_strand_id 
_pdbx_poly_seq_scheme.pdb_ins_code 
_pdbx_poly_seq_scheme.hetero 
A 1 1   ALA 1   140 ?   ?   ?   A . n 
A 1 2   PRO 2   141 ?   ?   ?   A . n 
A 1 3   ALA 3   142 ?   ?   ?   A . n 
A 1 4   GLU 4   143 ?   ?   ?   A . n 
A 1 5   ILE 5   144 ?   ?   ?   A . n 
A 1 6   SER 6   145 ?   ?   ?   A . n 
A 1 7   ALA 7   146 ?   ?   ?   A . n 
A 1 8   VAL 8   147 ?   ?   ?   A . n 
A 1 9   CYS 9   148 ?   ?   ?   A . n 
A 1 10  GLU 10  149 ?   ?   ?   A . n 
A 1 11  LYS 11  150 ?   ?   ?   A . n 
A 1 12  GLY 12  151 ?   ?   ?   A . n 
A 1 13  ASN 13  152 ?   ?   ?   A . n 
A 1 14  PHE 14  153 ?   ?   ?   A . n 
A 1 15  ASN 15  154 154 ASN ASN A . n 
A 1 16  VAL 16  155 155 VAL VAL A . n 
A 1 17  ALA 17  156 156 ALA ALA A . n 
A 1 18  HIS 18  157 157 HIS HIS A . n 
A 1 19  GLY 19  158 158 GLY GLY A . n 
A 1 20  LEU 20  159 159 LEU LEU A . n 
A 1 21  ALA 21  160 160 ALA ALA A . n 
A 1 22  TRP 22  161 161 TRP TRP A . n 
A 1 23  SER 23  162 162 SER SER A . n 
A 1 24  TYR 24  163 163 TYR TYR A . n 
A 1 25  TYR 25  164 164 TYR TYR A . n 
A 1 26  ILE 26  165 165 ILE ILE A . n 
A 1 27  GLY 27  166 166 GLY GLY A . n 
A 1 28  TYR 28  167 167 TYR TYR A . n 
A 1 29  LEU 29  168 168 LEU LEU A . n 
A 1 30  ARG 30  169 169 ARG ARG A . n 
A 1 31  LEU 31  170 170 LEU LEU A . n 
A 1 32  ILE 32  171 171 ILE ILE A . n 
A 1 33  LEU 33  172 172 LEU LEU A . n 
A 1 34  PRO 34  173 173 PRO PRO A . n 
A 1 35  GLU 35  174 174 GLU GLU A . n 
A 1 36  LEU 36  175 175 LEU LEU A . n 
A 1 37  GLN 37  176 176 GLN GLN A . n 
A 1 38  ALA 38  177 177 ALA ALA A . n 
A 1 39  ARG 39  178 178 ARG ARG A . n 
A 1 40  ILE 40  179 179 ILE ILE A . n 
A 1 41  ARG 41  180 180 ARG ARG A . n 
A 1 42  THR 42  181 181 THR THR A . n 
A 1 43  TYR 43  182 182 TYR TYR A . n 
A 1 44  ASN 44  183 183 ASN ASN A . n 
A 1 45  GLN 45  184 184 GLN GLN A . n 
A 1 46  HIS 46  185 185 HIS HIS A . n 
A 1 47  TYR 47  186 ?   ?   ?   A . n 
A 1 48  ASN 48  187 ?   ?   ?   A . n 
A 1 49  ASN 49  188 ?   ?   ?   A . n 
A 1 50  LEU 50  189 ?   ?   ?   A . n 
A 1 51  LEU 51  190 ?   ?   ?   A . n 
A 1 52  ARG 52  191 ?   ?   ?   A . n 
A 1 53  GLY 53  192 192 GLY GLY A . n 
A 1 54  ALA 54  193 193 ALA ALA A . n 
A 1 55  VAL 55  194 194 VAL VAL A . n 
A 1 56  SER 56  195 195 SER SER A . n 
A 1 57  GLN 57  196 196 GLN GLN A . n 
A 1 58  ARG 58  197 197 ARG ARG A . n 
A 1 59  LEU 59  198 198 LEU LEU A . n 
A 1 60  TYR 60  199 199 TYR TYR A . n 
A 1 61  ILE 61  200 200 ILE ILE A . n 
A 1 62  LEU 62  201 201 LEU LEU A . n 
A 1 63  LEU 63  202 202 LEU LEU A . n 
A 1 64  PRO 64  203 203 PRO PRO A . n 
A 1 65  LEU 65  204 204 LEU LEU A . n 
A 1 66  ASP 66  205 205 ASP ASP A . n 
A 1 67  CYS 67  206 206 CYS CYS A . n 
A 1 68  GLY 68  207 207 GLY GLY A . n 
A 1 69  VAL 69  208 208 VAL VAL A . n 
A 1 70  PRO 70  209 209 PRO PRO A . n 
A 1 71  ASP 71  210 210 ASP ASP A . n 
A 1 72  ASN 72  211 211 ASN ASN A . n 
A 1 73  LEU 73  212 212 LEU LEU A . n 
A 1 74  SER 74  213 213 SER SER A . n 
A 1 75  MET 75  214 214 MET MET A . n 
A 1 76  ALA 76  215 215 ALA ALA A . n 
A 1 77  ASP 77  216 216 ASP ASP A . n 
A 1 78  PRO 78  217 217 PRO PRO A . n 
A 1 79  ASN 79  218 218 ASN ASN A . n 
A 1 80  ILE 80  219 219 ILE ILE A . n 
A 1 81  ARG 81  220 220 ARG ARG A . n 
A 1 82  PHE 82  221 221 PHE PHE A . n 
A 1 83  LEU 83  222 222 LEU LEU A . n 
A 1 84  ASP 84  223 223 ASP ASP A . n 
A 1 85  LYS 85  224 224 LYS LYS A . n 
A 1 86  LEU 86  225 225 LEU LEU A . n 
A 1 87  PRO 87  226 226 PRO PRO A . n 
A 1 88  GLN 88  227 227 GLN GLN A . n 
A 1 89  GLN 89  228 228 GLN GLN A . n 
A 1 90  THR 90  229 229 THR THR A . n 
A 1 91  GLY 91  230 230 GLY GLY A . n 
A 1 92  ASP 92  231 231 ASP ASP A . n 
A 1 93  ARG 93  232 232 ARG ARG A . n 
A 1 94  ALA 94  233 233 ALA ALA A . n 
A 1 95  GLY 95  234 234 GLY GLY A . n 
A 1 96  ILE 96  235 235 ILE ILE A . n 
A 1 97  LYS 97  236 236 LYS LYS A . n 
A 1 98  ASP 98  237 237 ASP ASP A . n 
A 1 99  ARG 99  238 238 ARG ARG A . n 
A 1 100 VAL 100 239 239 VAL VAL A . n 
A 1 101 TYR 101 240 240 TYR TYR A . n 
A 1 102 SER 102 241 241 SER SER A . n 
A 1 103 ASN 103 242 242 ASN ASN A . n 
A 1 104 SER 104 243 243 SER SER A . n 
A 1 105 ILE 105 244 244 ILE ILE A . n 
A 1 106 TYR 106 245 245 TYR TYR A . n 
A 1 107 GLU 107 246 246 GLU GLU A . n 
A 1 108 LEU 108 247 247 LEU LEU A . n 
A 1 109 LEU 109 248 248 LEU LEU A . n 
A 1 110 GLU 110 249 249 GLU GLU A . n 
A 1 111 ASN 111 250 250 ASN ASN A . n 
A 1 112 GLY 112 251 251 GLY GLY A . n 
A 1 113 GLN 113 252 252 GLN GLN A . n 
A 1 114 ARG 114 253 253 ARG ARG A . n 
A 1 115 ALA 115 254 254 ALA ALA A . n 
A 1 116 GLY 116 255 255 GLY GLY A . n 
A 1 117 THR 117 256 256 THR THR A . n 
A 1 118 CYS 118 257 257 CYS CYS A . n 
A 1 119 VAL 119 258 258 VAL VAL A . n 
A 1 120 LEU 120 259 259 LEU LEU A . n 
A 1 121 GLU 121 260 260 GLU GLU A . n 
A 1 122 TYR 122 261 261 TYR TYR A . n 
A 1 123 ALA 123 262 262 ALA ALA A . n 
A 1 124 THR 124 263 263 THR THR A . n 
A 1 125 PRO 125 264 264 PRO PRO A . n 
A 1 126 LEU 126 265 265 LEU LEU A . n 
A 1 127 GLN 127 266 266 GLN GLN A . n 
A 1 128 THR 128 267 267 THR THR A . n 
A 1 129 LEU 129 268 268 LEU LEU A . n 
A 1 130 PHE 130 269 269 PHE PHE A . n 
A 1 131 ALA 131 270 270 ALA ALA A . n 
A 1 132 MET 132 271 271 MET MET A . n 
A 1 133 SER 133 272 272 SER SER A . n 
A 1 134 GLN 134 273 273 GLN GLN A . n 
A 1 135 TYR 135 274 274 TYR TYR A . n 
A 1 136 SER 136 275 275 SER SER A . n 
A 1 137 GLN 137 276 276 GLN GLN A . n 
A 1 138 ALA 138 277 277 ALA ALA A . n 
A 1 139 GLY 139 278 278 GLY GLY A . n 
A 1 140 PHE 140 279 279 PHE PHE A . n 
A 1 141 SER 141 280 280 SER SER A . n 
A 1 142 ARG 142 281 281 ARG ARG A . n 
A 1 143 GLU 143 282 282 GLU GLU A . n 
A 1 144 ASP 144 283 283 ASP ASP A . n 
A 1 145 ARG 145 284 284 ARG ARG A . n 
A 1 146 LEU 146 285 285 LEU LEU A . n 
A 1 147 GLU 147 286 286 GLU GLU A . n 
A 1 148 GLN 148 287 287 GLN GLN A . n 
A 1 149 ALA 149 288 288 ALA ALA A . n 
A 1 150 LYS 150 289 289 LYS LYS A . n 
A 1 151 LEU 151 290 290 LEU LEU A . n 
A 1 152 PHE 152 291 291 PHE PHE A . n 
A 1 153 CYS 153 292 292 CYS CYS A . n 
A 1 154 ARG 154 293 293 ARG ARG A . n 
A 1 155 THR 155 294 294 THR THR A . n 
A 1 156 LEU 156 295 295 LEU LEU A . n 
A 1 157 GLU 157 296 296 GLU GLU A . n 
A 1 158 ASP 158 297 297 ASP ASP A . n 
A 1 159 ILE 159 298 298 ILE ILE A . n 
A 1 160 LEU 160 299 299 LEU LEU A . n 
A 1 161 ALA 161 300 300 ALA ALA A . n 
A 1 162 ASP 162 301 301 ASP ASP A . n 
A 1 163 ALA 163 302 302 ALA ALA A . n 
A 1 164 PRO 164 303 303 PRO PRO A . n 
A 1 165 GLU 165 304 304 GLU GLU A . n 
A 1 166 SER 166 305 305 SER SER A . n 
A 1 167 GLN 167 306 306 GLN GLN A . n 
A 1 168 ASN 168 307 307 ASN ASN A . n 
A 1 169 ASN 169 308 308 ASN ASN A . n 
A 1 170 CYS 170 309 309 CYS CYS A . n 
A 1 171 ARG 171 310 310 ARG ARG A . n 
A 1 172 LEU 172 311 311 LEU LEU A . n 
A 1 173 ILE 173 312 312 ILE ILE A . n 
A 1 174 ALA 174 313 313 ALA ALA A . n 
A 1 175 TYR 175 314 314 TYR TYR A . n 
A 1 176 GLN 176 315 315 GLN GLN A . n 
A 1 177 GLU 177 316 316 GLU GLU A . n 
A 1 178 PRO 178 317 317 PRO PRO A . n 
A 1 179 ALA 179 318 318 ALA ALA A . n 
A 1 180 ASP 180 319 319 ASP ASP A . n 
A 1 181 ASP 181 320 320 ASP ASP A . n 
A 1 182 SER 182 321 321 SER SER A . n 
A 1 183 SER 183 322 322 SER SER A . n 
A 1 184 PHE 184 323 323 PHE PHE A . n 
A 1 185 SER 185 324 324 SER SER A . n 
A 1 186 LEU 186 325 325 LEU LEU A . n 
A 1 187 SER 187 326 326 SER SER A . n 
A 1 188 GLN 188 327 327 GLN GLN A . n 
A 1 189 GLU 189 328 328 GLU GLU A . n 
A 1 190 VAL 190 329 329 VAL VAL A . n 
A 1 191 LEU 191 330 330 LEU LEU A . n 
A 1 192 ARG 192 331 331 ARG ARG A . n 
A 1 193 HIS 193 332 332 HIS HIS A . n 
A 1 194 LEU 194 333 333 LEU LEU A . n 
A 1 195 ARG 195 334 334 ARG ARG A . n 
A 1 196 GLN 196 335 335 GLN GLN A . n 
A 1 197 GLU 197 336 336 GLU GLU A . n 
A 1 198 GLU 198 337 337 GLU GLU A . n 
A 1 199 LYS 199 338 ?   ?   ?   A . n 
A 1 200 GLU 200 339 ?   ?   ?   A . n 
A 1 201 GLU 201 340 ?   ?   ?   A . n 
A 1 202 VAL 202 341 ?   ?   ?   A . n 
A 1 203 THR 203 342 ?   ?   ?   A . n 
A 1 204 VAL 204 343 ?   ?   ?   A . n 
# 
loop_
_pdbx_nonpoly_scheme.asym_id 
_pdbx_nonpoly_scheme.entity_id 
_pdbx_nonpoly_scheme.mon_id 
_pdbx_nonpoly_scheme.ndb_seq_num 
_pdbx_nonpoly_scheme.pdb_seq_num 
_pdbx_nonpoly_scheme.auth_seq_num 
_pdbx_nonpoly_scheme.pdb_mon_id 
_pdbx_nonpoly_scheme.auth_mon_id 
_pdbx_nonpoly_scheme.pdb_strand_id 
_pdbx_nonpoly_scheme.pdb_ins_code 
B 2 98F 1  401 1  98F MD1 A . 
C 3 HOH 1  501 5  HOH HOH A . 
C 3 HOH 2  502 21 HOH HOH A . 
C 3 HOH 3  503 4  HOH HOH A . 
C 3 HOH 4  504 24 HOH HOH A . 
C 3 HOH 5  505 9  HOH HOH A . 
C 3 HOH 6  506 11 HOH HOH A . 
C 3 HOH 7  507 20 HOH HOH A . 
C 3 HOH 8  508 15 HOH HOH A . 
C 3 HOH 9  509 10 HOH HOH A . 
C 3 HOH 10 510 2  HOH HOH A . 
C 3 HOH 11 511 1  HOH HOH A . 
C 3 HOH 12 512 6  HOH HOH A . 
C 3 HOH 13 513 3  HOH HOH A . 
C 3 HOH 14 514 18 HOH HOH A . 
C 3 HOH 15 515 17 HOH HOH A . 
C 3 HOH 16 516 26 HOH HOH A . 
C 3 HOH 17 517 12 HOH HOH A . 
C 3 HOH 18 518 22 HOH HOH A . 
C 3 HOH 19 519 25 HOH HOH A . 
C 3 HOH 20 520 23 HOH HOH A . 
C 3 HOH 21 521 8  HOH HOH A . 
C 3 HOH 22 522 13 HOH HOH A . 
C 3 HOH 23 523 7  HOH HOH A . 
C 3 HOH 24 524 19 HOH HOH A . 
C 3 HOH 25 525 27 HOH HOH A . 
C 3 HOH 26 526 14 HOH HOH A . 
C 3 HOH 27 527 16 HOH HOH A . 
# 
loop_
_software.citation_id 
_software.classification 
_software.compiler_name 
_software.compiler_version 
_software.contact_author 
_software.contact_author_email 
_software.date 
_software.description 
_software.dependencies 
_software.hardware 
_software.language 
_software.location 
_software.mods 
_software.name 
_software.os 
_software.os_version 
_software.type 
_software.version 
_software.pdbx_ordinal 
? 'data reduction' ? ? ? ? ? ? ? ? ? ? ? XDS    ? ? ? xdsgui2  1 
? 'data scaling'   ? ? ? ? ? ? ? ? ? ? ? XDS    ? ? ? xdsgui2  2 
? phasing          ? ? ? ? ? ? ? ? ? ? ? PHASER ? ? ? 2.5.5    3 
? 'model building' ? ? ? ? ? ? ? ? ? ? ? Coot   ? ? ? 0.7.1    4 
? refinement       ? ? ? ? ? ? ? ? ? ? ? PHENIX ? ? ? 1.9_1692 5 
# 
_cell.angle_alpha                  90.0 
_cell.angle_alpha_esd              ? 
_cell.angle_beta                   90.0 
_cell.angle_beta_esd               ? 
_cell.angle_gamma                  90.0 
_cell.angle_gamma_esd              ? 
_cell.entry_id                     7Q85 
_cell.details                      ? 
_cell.formula_units_Z              ? 
_cell.length_a                     111.034 
_cell.length_a_esd                 ? 
_cell.length_b                     111.034 
_cell.length_b_esd                 ? 
_cell.length_c                     35.091 
_cell.length_c_esd                 ? 
_cell.volume                       432621.118433 
_cell.volume_esd                   ? 
_cell.Z_PDB                        8 
_cell.reciprocal_angle_alpha       ? 
_cell.reciprocal_angle_beta        ? 
_cell.reciprocal_angle_gamma       ? 
_cell.reciprocal_angle_alpha_esd   ? 
_cell.reciprocal_angle_beta_esd    ? 
_cell.reciprocal_angle_gamma_esd   ? 
_cell.reciprocal_length_a          ? 
_cell.reciprocal_length_b          ? 
_cell.reciprocal_length_c          ? 
_cell.reciprocal_length_a_esd      ? 
_cell.reciprocal_length_b_esd      ? 
_cell.reciprocal_length_c_esd      ? 
_cell.pdbx_unique_axis             ? 
# 
_symmetry.entry_id                         7Q85 
_symmetry.cell_setting                     ? 
_symmetry.Int_Tables_number                92 
_symmetry.space_group_name_Hall            'P 4abw 2nw' 
_symmetry.space_group_name_H-M             'P 41 21 2' 
_symmetry.pdbx_full_space_group_name_H-M   ? 
# 
_exptl.absorpt_coefficient_mu     ? 
_exptl.absorpt_correction_T_max   ? 
_exptl.absorpt_correction_T_min   ? 
_exptl.absorpt_correction_type    ? 
_exptl.absorpt_process_details    ? 
_exptl.entry_id                   7Q85 
_exptl.crystals_number            1 
_exptl.details                    ? 
_exptl.method                     'X-RAY DIFFRACTION' 
_exptl.method_details             ? 
# 
_exptl_crystal.colour                      ? 
_exptl_crystal.density_diffrn              ? 
_exptl_crystal.density_Matthews            2.33 
_exptl_crystal.density_method              ? 
_exptl_crystal.density_percent_sol         47.26 
_exptl_crystal.description                 ? 
_exptl_crystal.F_000                       ? 
_exptl_crystal.id                          1 
_exptl_crystal.preparation                 ? 
_exptl_crystal.size_max                    ? 
_exptl_crystal.size_mid                    ? 
_exptl_crystal.size_min                    ? 
_exptl_crystal.size_rad                    ? 
_exptl_crystal.colour_lustre               ? 
_exptl_crystal.colour_modifier             ? 
_exptl_crystal.colour_primary              ? 
_exptl_crystal.density_meas                ? 
_exptl_crystal.density_meas_esd            ? 
_exptl_crystal.density_meas_gt             ? 
_exptl_crystal.density_meas_lt             ? 
_exptl_crystal.density_meas_temp           ? 
_exptl_crystal.density_meas_temp_esd       ? 
_exptl_crystal.density_meas_temp_gt        ? 
_exptl_crystal.density_meas_temp_lt        ? 
_exptl_crystal.pdbx_crystal_image_url      ? 
_exptl_crystal.pdbx_crystal_image_format   ? 
_exptl_crystal.pdbx_mosaicity              ? 
_exptl_crystal.pdbx_mosaicity_esd          ? 
# 
_exptl_crystal_grow.apparatus       ? 
_exptl_crystal_grow.atmosphere      ? 
_exptl_crystal_grow.crystal_id      1 
_exptl_crystal_grow.details         ? 
_exptl_crystal_grow.method          'VAPOR DIFFUSION, SITTING DROP' 
_exptl_crystal_grow.method_ref      ? 
_exptl_crystal_grow.pH              ? 
_exptl_crystal_grow.pressure        ? 
_exptl_crystal_grow.pressure_esd    ? 
_exptl_crystal_grow.seeding         ? 
_exptl_crystal_grow.seeding_ref     ? 
_exptl_crystal_grow.temp            291 
_exptl_crystal_grow.temp_details    ? 
_exptl_crystal_grow.temp_esd        ? 
_exptl_crystal_grow.time            ? 
_exptl_crystal_grow.pdbx_details    
;0.2 M Lithium acetate, 
20% (w/v) PEG 3350
;
_exptl_crystal_grow.pdbx_pH_range   ? 
# 
_diffrn.ambient_environment              ? 
_diffrn.ambient_temp                     100 
_diffrn.ambient_temp_details             ? 
_diffrn.ambient_temp_esd                 ? 
_diffrn.crystal_id                       1 
_diffrn.crystal_support                  ? 
_diffrn.crystal_treatment                ? 
_diffrn.details                          ? 
_diffrn.id                               1 
_diffrn.ambient_pressure                 ? 
_diffrn.ambient_pressure_esd             ? 
_diffrn.ambient_pressure_gt              ? 
_diffrn.ambient_pressure_lt              ? 
_diffrn.ambient_temp_gt                  ? 
_diffrn.ambient_temp_lt                  ? 
_diffrn.pdbx_serial_crystal_experiment   N 
# 
_diffrn_detector.details                      ? 
_diffrn_detector.detector                     PIXEL 
_diffrn_detector.diffrn_id                    1 
_diffrn_detector.type                         'DECTRIS PILATUS 200K' 
_diffrn_detector.area_resol_mean              ? 
_diffrn_detector.dtime                        ? 
_diffrn_detector.pdbx_frames_total            ? 
_diffrn_detector.pdbx_collection_time_total   ? 
_diffrn_detector.pdbx_collection_date         2019-09-17 
_diffrn_detector.pdbx_frequency               ? 
# 
_diffrn_radiation.collimation                      ? 
_diffrn_radiation.diffrn_id                        1 
_diffrn_radiation.filter_edge                      ? 
_diffrn_radiation.inhomogeneity                    ? 
_diffrn_radiation.monochromator                    ? 
_diffrn_radiation.polarisn_norm                    ? 
_diffrn_radiation.polarisn_ratio                   ? 
_diffrn_radiation.probe                            ? 
_diffrn_radiation.type                             ? 
_diffrn_radiation.xray_symbol                      ? 
_diffrn_radiation.wavelength_id                    1 
_diffrn_radiation.pdbx_monochromatic_or_laue_m_l   M 
_diffrn_radiation.pdbx_wavelength_list             ? 
_diffrn_radiation.pdbx_wavelength                  ? 
_diffrn_radiation.pdbx_diffrn_protocol             'SINGLE WAVELENGTH' 
_diffrn_radiation.pdbx_analyzer                    ? 
_diffrn_radiation.pdbx_scattering_type             x-ray 
# 
_diffrn_radiation_wavelength.id           1 
_diffrn_radiation_wavelength.wavelength   1.541870 
_diffrn_radiation_wavelength.wt           1.0 
# 
_diffrn_source.current                     ? 
_diffrn_source.details                     ? 
_diffrn_source.diffrn_id                   1 
_diffrn_source.power                       ? 
_diffrn_source.size                        ? 
_diffrn_source.source                      'ROTATING ANODE' 
_diffrn_source.target                      ? 
_diffrn_source.type                        'RIGAKU MICROMAX-007 HF' 
_diffrn_source.voltage                     ? 
_diffrn_source.take-off_angle              ? 
_diffrn_source.pdbx_wavelength_list        1.541870 
_diffrn_source.pdbx_wavelength             ? 
_diffrn_source.pdbx_synchrotron_beamline   ? 
_diffrn_source.pdbx_synchrotron_site       ? 
# 
_reflns.B_iso_Wilson_estimate                          48.470708483 
_reflns.entry_id                                       7Q85 
_reflns.data_reduction_details                         ? 
_reflns.data_reduction_method                          ? 
_reflns.d_resolution_high                              2.359 
_reflns.d_resolution_low                               33.46 
_reflns.details                                        ? 
_reflns.limit_h_max                                    ? 
_reflns.limit_h_min                                    ? 
_reflns.limit_k_max                                    ? 
_reflns.limit_k_min                                    ? 
_reflns.limit_l_max                                    ? 
_reflns.limit_l_min                                    ? 
_reflns.number_all                                     ? 
_reflns.number_obs                                     9486 
_reflns.observed_criterion                             ? 
_reflns.observed_criterion_F_max                       ? 
_reflns.observed_criterion_F_min                       ? 
_reflns.observed_criterion_I_max                       ? 
_reflns.observed_criterion_I_min                       ? 
_reflns.observed_criterion_sigma_F                     ? 
_reflns.observed_criterion_sigma_I                     ? 
_reflns.percent_possible_obs                           100 
_reflns.R_free_details                                 ? 
_reflns.Rmerge_F_all                                   ? 
_reflns.Rmerge_F_obs                                   ? 
_reflns.Friedel_coverage                               ? 
_reflns.number_gt                                      ? 
_reflns.threshold_expression                           ? 
_reflns.pdbx_redundancy                                10.6 
_reflns.pdbx_Rmerge_I_obs                              0.08003 
_reflns.pdbx_Rmerge_I_all                              ? 
_reflns.pdbx_Rsym_value                                ? 
_reflns.pdbx_netI_over_av_sigmaI                       ? 
_reflns.pdbx_netI_over_sigmaI                          22.72 
_reflns.pdbx_res_netI_over_av_sigmaI_2                 ? 
_reflns.pdbx_res_netI_over_sigmaI_2                    ? 
_reflns.pdbx_chi_squared                               ? 
_reflns.pdbx_scaling_rejects                           ? 
_reflns.pdbx_d_res_high_opt                            ? 
_reflns.pdbx_d_res_low_opt                             ? 
_reflns.pdbx_d_res_opt_method                          ? 
_reflns.phase_calculation_details                      ? 
_reflns.pdbx_Rrim_I_all                                0.08426 
_reflns.pdbx_Rpim_I_all                                ? 
_reflns.pdbx_d_opt                                     ? 
_reflns.pdbx_number_measured_all                       ? 
_reflns.pdbx_diffrn_id                                 1 
_reflns.pdbx_ordinal                                   1 
_reflns.pdbx_CC_half                                   0.999 
_reflns.pdbx_CC_star                                   1.000 
_reflns.pdbx_R_split                                   ? 
_reflns.pdbx_aniso_diffraction_limit_axis_1_ortho[1]   ? 
_reflns.pdbx_aniso_diffraction_limit_axis_1_ortho[2]   ? 
_reflns.pdbx_aniso_diffraction_limit_axis_1_ortho[3]   ? 
_reflns.pdbx_aniso_diffraction_limit_axis_2_ortho[1]   ? 
_reflns.pdbx_aniso_diffraction_limit_axis_2_ortho[2]   ? 
_reflns.pdbx_aniso_diffraction_limit_axis_2_ortho[3]   ? 
_reflns.pdbx_aniso_diffraction_limit_axis_3_ortho[1]   ? 
_reflns.pdbx_aniso_diffraction_limit_axis_3_ortho[2]   ? 
_reflns.pdbx_aniso_diffraction_limit_axis_3_ortho[3]   ? 
_reflns.pdbx_aniso_diffraction_limit_1                 ? 
_reflns.pdbx_aniso_diffraction_limit_2                 ? 
_reflns.pdbx_aniso_diffraction_limit_3                 ? 
_reflns.pdbx_aniso_B_tensor_eigenvector_1_ortho[1]     ? 
_reflns.pdbx_aniso_B_tensor_eigenvector_1_ortho[2]     ? 
_reflns.pdbx_aniso_B_tensor_eigenvector_1_ortho[3]     ? 
_reflns.pdbx_aniso_B_tensor_eigenvector_2_ortho[1]     ? 
_reflns.pdbx_aniso_B_tensor_eigenvector_2_ortho[2]     ? 
_reflns.pdbx_aniso_B_tensor_eigenvector_2_ortho[3]     ? 
_reflns.pdbx_aniso_B_tensor_eigenvector_3_ortho[1]     ? 
_reflns.pdbx_aniso_B_tensor_eigenvector_3_ortho[2]     ? 
_reflns.pdbx_aniso_B_tensor_eigenvector_3_ortho[3]     ? 
_reflns.pdbx_aniso_B_tensor_eigenvalue_1               ? 
_reflns.pdbx_aniso_B_tensor_eigenvalue_2               ? 
_reflns.pdbx_aniso_B_tensor_eigenvalue_3               ? 
_reflns.pdbx_orthogonalization_convention              ? 
_reflns.pdbx_percent_possible_ellipsoidal              ? 
_reflns.pdbx_percent_possible_spherical                ? 
_reflns.pdbx_percent_possible_ellipsoidal_anomalous    ? 
_reflns.pdbx_percent_possible_spherical_anomalous      ? 
_reflns.pdbx_redundancy_anomalous                      ? 
_reflns.pdbx_CC_half_anomalous                         ? 
_reflns.pdbx_absDiff_over_sigma_anomalous              ? 
_reflns.pdbx_percent_possible_anomalous                ? 
_reflns.pdbx_observed_signal_threshold                 ? 
_reflns.pdbx_signal_type                               ? 
_reflns.pdbx_signal_details                            ? 
_reflns.pdbx_signal_software_id                        ? 
# 
_reflns_shell.d_res_high                                    2.359 
_reflns_shell.d_res_low                                     2.444 
_reflns_shell.meanI_over_sigI_all                           ? 
_reflns_shell.meanI_over_sigI_obs                           2.50 
_reflns_shell.number_measured_all                           ? 
_reflns_shell.number_measured_obs                           ? 
_reflns_shell.number_possible                               ? 
_reflns_shell.number_unique_all                             ? 
_reflns_shell.number_unique_obs                             888 
_reflns_shell.percent_possible_all                          98 
_reflns_shell.percent_possible_obs                          ? 
_reflns_shell.Rmerge_F_all                                  ? 
_reflns_shell.Rmerge_F_obs                                  ? 
_reflns_shell.Rmerge_I_all                                  ? 
_reflns_shell.Rmerge_I_obs                                  0.8697 
_reflns_shell.meanI_over_sigI_gt                            ? 
_reflns_shell.meanI_over_uI_all                             ? 
_reflns_shell.meanI_over_uI_gt                              ? 
_reflns_shell.number_measured_gt                            ? 
_reflns_shell.number_unique_gt                              ? 
_reflns_shell.percent_possible_gt                           ? 
_reflns_shell.Rmerge_F_gt                                   ? 
_reflns_shell.Rmerge_I_gt                                   ? 
_reflns_shell.pdbx_redundancy                               10.5 
_reflns_shell.pdbx_Rsym_value                               ? 
_reflns_shell.pdbx_chi_squared                              ? 
_reflns_shell.pdbx_netI_over_sigmaI_all                     ? 
_reflns_shell.pdbx_netI_over_sigmaI_obs                     ? 
_reflns_shell.pdbx_Rrim_I_all                               0.9134 
_reflns_shell.pdbx_Rpim_I_all                               ? 
_reflns_shell.pdbx_rejects                                  ? 
_reflns_shell.pdbx_ordinal                                  1 
_reflns_shell.pdbx_diffrn_id                                1 
_reflns_shell.pdbx_CC_half                                  0.832 
_reflns_shell.pdbx_CC_star                                  0.953 
_reflns_shell.pdbx_R_split                                  ? 
_reflns_shell.pdbx_percent_possible_ellipsoidal             ? 
_reflns_shell.pdbx_percent_possible_spherical               ? 
_reflns_shell.pdbx_percent_possible_ellipsoidal_anomalous   ? 
_reflns_shell.pdbx_percent_possible_spherical_anomalous     ? 
_reflns_shell.pdbx_redundancy_anomalous                     ? 
_reflns_shell.pdbx_CC_half_anomalous                        ? 
_reflns_shell.pdbx_absDiff_over_sigma_anomalous             ? 
_reflns_shell.pdbx_percent_possible_anomalous               ? 
# 
_refine.aniso_B[1][1]                            ? 
_refine.aniso_B[1][2]                            ? 
_refine.aniso_B[1][3]                            ? 
_refine.aniso_B[2][2]                            ? 
_refine.aniso_B[2][3]                            ? 
_refine.aniso_B[3][3]                            ? 
_refine.B_iso_max                                ? 
_refine.B_iso_mean                               53.8608320989 
_refine.B_iso_min                                ? 
_refine.correlation_coeff_Fo_to_Fc               ? 
_refine.correlation_coeff_Fo_to_Fc_free          ? 
_refine.details                                  ? 
_refine.diff_density_max                         ? 
_refine.diff_density_max_esd                     ? 
_refine.diff_density_min                         ? 
_refine.diff_density_min_esd                     ? 
_refine.diff_density_rms                         ? 
_refine.diff_density_rms_esd                     ? 
_refine.entry_id                                 7Q85 
_refine.pdbx_refine_id                           'X-RAY DIFFRACTION' 
_refine.ls_abs_structure_details                 ? 
_refine.ls_abs_structure_Flack                   ? 
_refine.ls_abs_structure_Flack_esd               ? 
_refine.ls_abs_structure_Rogers                  ? 
_refine.ls_abs_structure_Rogers_esd              ? 
_refine.ls_d_res_high                            2.359 
_refine.ls_d_res_low                             33.46 
_refine.ls_extinction_coef                       ? 
_refine.ls_extinction_coef_esd                   ? 
_refine.ls_extinction_expression                 ? 
_refine.ls_extinction_method                     ? 
_refine.ls_goodness_of_fit_all                   ? 
_refine.ls_goodness_of_fit_all_esd               ? 
_refine.ls_goodness_of_fit_obs                   ? 
_refine.ls_goodness_of_fit_obs_esd               ? 
_refine.ls_hydrogen_treatment                    ? 
_refine.ls_matrix_type                           ? 
_refine.ls_number_constraints                    ? 
_refine.ls_number_parameters                     ? 
_refine.ls_number_reflns_all                     ? 
_refine.ls_number_reflns_obs                     9486 
_refine.ls_number_reflns_R_free                  472 
_refine.ls_number_reflns_R_work                  9014 
_refine.ls_number_restraints                     ? 
_refine.ls_percent_reflns_obs                    99.7581238826 
_refine.ls_percent_reflns_R_free                 4.97575374236 
_refine.ls_R_factor_all                          ? 
_refine.ls_R_factor_obs                          0.228791971087 
_refine.ls_R_factor_R_free                       0.25241627685 
_refine.ls_R_factor_R_free_error                 ? 
_refine.ls_R_factor_R_free_error_details         ? 
_refine.ls_R_factor_R_work                       0.227483582821 
_refine.ls_R_Fsqd_factor_obs                     ? 
_refine.ls_R_I_factor_obs                        ? 
_refine.ls_redundancy_reflns_all                 ? 
_refine.ls_redundancy_reflns_obs                 ? 
_refine.ls_restrained_S_all                      ? 
_refine.ls_restrained_S_obs                      ? 
_refine.ls_shift_over_esd_max                    ? 
_refine.ls_shift_over_esd_mean                   ? 
_refine.ls_structure_factor_coef                 ? 
_refine.ls_weighting_details                     ? 
_refine.ls_weighting_scheme                      ? 
_refine.ls_wR_factor_all                         ? 
_refine.ls_wR_factor_obs                         ? 
_refine.ls_wR_factor_R_free                      ? 
_refine.ls_wR_factor_R_work                      ? 
_refine.occupancy_max                            ? 
_refine.occupancy_min                            ? 
_refine.solvent_model_details                    'FLAT BULK SOLVENT MODEL' 
_refine.solvent_model_param_bsol                 ? 
_refine.solvent_model_param_ksol                 ? 
_refine.pdbx_R_complete                          ? 
_refine.ls_R_factor_gt                           ? 
_refine.ls_goodness_of_fit_gt                    ? 
_refine.ls_goodness_of_fit_ref                   ? 
_refine.ls_shift_over_su_max                     ? 
_refine.ls_shift_over_su_max_lt                  ? 
_refine.ls_shift_over_su_mean                    ? 
_refine.ls_shift_over_su_mean_lt                 ? 
_refine.pdbx_ls_sigma_I                          ? 
_refine.pdbx_ls_sigma_F                          1.36293201139 
_refine.pdbx_ls_sigma_Fsqd                       ? 
_refine.pdbx_data_cutoff_high_absF               ? 
_refine.pdbx_data_cutoff_high_rms_absF           ? 
_refine.pdbx_data_cutoff_low_absF                ? 
_refine.pdbx_isotropic_thermal_model             ? 
_refine.pdbx_ls_cross_valid_method               'FREE R-VALUE' 
_refine.pdbx_method_to_determine_struct          'MOLECULAR REPLACEMENT' 
_refine.pdbx_starting_model                      4ksy 
_refine.pdbx_stereochemistry_target_values       ? 
_refine.pdbx_R_Free_selection_details            'random selection' 
_refine.pdbx_stereochem_target_val_spec_case     ? 
_refine.pdbx_overall_ESU_R                       ? 
_refine.pdbx_overall_ESU_R_Free                  ? 
_refine.pdbx_solvent_vdw_probe_radii             1.11 
_refine.pdbx_solvent_ion_probe_radii             ? 
_refine.pdbx_solvent_shrinkage_radii             0.9 
_refine.pdbx_real_space_R                        ? 
_refine.pdbx_density_correlation                 ? 
_refine.pdbx_pd_number_of_powder_patterns        ? 
_refine.pdbx_pd_number_of_points                 ? 
_refine.pdbx_pd_meas_number_of_points            ? 
_refine.pdbx_pd_proc_ls_prof_R_factor            ? 
_refine.pdbx_pd_proc_ls_prof_wR_factor           ? 
_refine.pdbx_pd_Marquardt_correlation_coeff      ? 
_refine.pdbx_pd_Fsqrd_R_factor                   ? 
_refine.pdbx_pd_ls_matrix_band_width             ? 
_refine.pdbx_overall_phase_error                 29.0768958222 
_refine.pdbx_overall_SU_R_free_Cruickshank_DPI   ? 
_refine.pdbx_overall_SU_R_free_Blow_DPI          ? 
_refine.pdbx_overall_SU_R_Blow_DPI               ? 
_refine.pdbx_TLS_residual_ADP_flag               ? 
_refine.pdbx_diffrn_id                           1 
_refine.overall_SU_B                             ? 
_refine.overall_SU_ML                            0.276715772423 
_refine.overall_SU_R_Cruickshank_DPI             ? 
_refine.overall_SU_R_free                        ? 
_refine.overall_FOM_free_R_set                   ? 
_refine.overall_FOM_work_R_set                   ? 
_refine.pdbx_average_fsc_overall                 ? 
_refine.pdbx_average_fsc_work                    ? 
_refine.pdbx_average_fsc_free                    ? 
# 
_refine_hist.pdbx_refine_id                   'X-RAY DIFFRACTION' 
_refine_hist.cycle_id                         LAST 
_refine_hist.details                          ? 
_refine_hist.d_res_high                       2.359 
_refine_hist.d_res_low                        33.46 
_refine_hist.number_atoms_solvent             27 
_refine_hist.number_atoms_total               1498 
_refine_hist.number_reflns_all                ? 
_refine_hist.number_reflns_obs                ? 
_refine_hist.number_reflns_R_free             ? 
_refine_hist.number_reflns_R_work             ? 
_refine_hist.R_factor_all                     ? 
_refine_hist.R_factor_obs                     ? 
_refine_hist.R_factor_R_free                  ? 
_refine_hist.R_factor_R_work                  ? 
_refine_hist.pdbx_number_residues_total       ? 
_refine_hist.pdbx_B_iso_mean_ligand           ? 
_refine_hist.pdbx_B_iso_mean_solvent          ? 
_refine_hist.pdbx_number_atoms_protein        1427 
_refine_hist.pdbx_number_atoms_nucleic_acid   0 
_refine_hist.pdbx_number_atoms_ligand         44 
_refine_hist.pdbx_number_atoms_lipid          ? 
_refine_hist.pdbx_number_atoms_carb           ? 
_refine_hist.pdbx_pseudo_atom_details         ? 
# 
loop_
_refine_ls_restr.pdbx_refine_id 
_refine_ls_restr.criterion 
_refine_ls_restr.dev_ideal 
_refine_ls_restr.dev_ideal_target 
_refine_ls_restr.number 
_refine_ls_restr.rejects 
_refine_ls_restr.type 
_refine_ls_restr.weight 
_refine_ls_restr.pdbx_restraint_function 
'X-RAY DIFFRACTION' ? 0.0030876545333  ? 1503 ? f_bond_d           ? ? 
'X-RAY DIFFRACTION' ? 0.799032439448   ? 2046 ? f_angle_d          ? ? 
'X-RAY DIFFRACTION' ? 0.0284257799658  ? 223  ? f_chiral_restr     ? ? 
'X-RAY DIFFRACTION' ? 0.00446044295178 ? 265  ? f_plane_restr      ? ? 
'X-RAY DIFFRACTION' ? 12.7164541176    ? 552  ? f_dihedral_angle_d ? ? 
# 
loop_
_refine_ls_shell.pdbx_refine_id 
_refine_ls_shell.d_res_high 
_refine_ls_shell.d_res_low 
_refine_ls_shell.number_reflns_all 
_refine_ls_shell.number_reflns_obs 
_refine_ls_shell.number_reflns_R_free 
_refine_ls_shell.number_reflns_R_work 
_refine_ls_shell.percent_reflns_obs 
_refine_ls_shell.percent_reflns_R_free 
_refine_ls_shell.R_factor_all 
_refine_ls_shell.R_factor_obs 
_refine_ls_shell.R_factor_R_free 
_refine_ls_shell.R_factor_R_free_error 
_refine_ls_shell.R_factor_R_work 
_refine_ls_shell.redundancy_reflns_all 
_refine_ls_shell.redundancy_reflns_obs 
_refine_ls_shell.wR_factor_all 
_refine_ls_shell.wR_factor_obs 
_refine_ls_shell.wR_factor_R_free 
_refine_ls_shell.wR_factor_R_work 
_refine_ls_shell.pdbx_R_complete 
_refine_ls_shell.pdbx_total_number_of_bins_used 
_refine_ls_shell.pdbx_phase_error 
_refine_ls_shell.pdbx_fsc_work 
_refine_ls_shell.pdbx_fsc_free 
'X-RAY DIFFRACTION' 2.3594 2.7006 . . 154 2927 99.515503876  . . . 0.319921080101 . 0.287676897668 . . . . . . . . . . . 
'X-RAY DIFFRACTION' 2.7006 3.402  . . 156 2955 100.0         . . . 0.314527043068 . 0.277321153486 . . . . . . . . . . . 
'X-RAY DIFFRACTION' 3.402  33.46  . . 162 3132 99.7577225924 . . . 0.2153057637   . 0.196640307891 . . . . . . . . . . . 
# 
_struct.entry_id                     7Q85 
_struct.title                        'Crystal structure of human STING in complex with MD1193' 
_struct.pdbx_model_details           ? 
_struct.pdbx_formula_weight          ? 
_struct.pdbx_formula_weight_method   ? 
_struct.pdbx_model_type_details      ? 
_struct.pdbx_CASP_flag               N 
# 
_struct_keywords.entry_id        7Q85 
_struct_keywords.text            'sting, antiviral, activator, IMMUNE SYSTEM' 
_struct_keywords.pdbx_keywords   'IMMUNE SYSTEM' 
# 
loop_
_struct_asym.id 
_struct_asym.pdbx_blank_PDB_chainid_flag 
_struct_asym.pdbx_modified 
_struct_asym.entity_id 
_struct_asym.details 
A N N 1 ? 
B N N 2 ? 
C N N 3 ? 
# 
_struct_ref.id                         1 
_struct_ref.db_name                    UNP 
_struct_ref.db_code                    STING_HUMAN 
_struct_ref.pdbx_db_accession          Q86WV6 
_struct_ref.pdbx_db_isoform            ? 
_struct_ref.entity_id                  1 
_struct_ref.pdbx_seq_one_letter_code   
;APAEISAVCEKGNFNVAHGLAWSYYIGYLRLILPELQARIRTYNQHYNNLLRGAVSQRLYILLPLDCGVPDNLSMADPNI
RFLDKLPQQTGDHAGIKDRVYSNSIYELLENGQRAGTCVLEYATPLQTLFAMSQYSQAGFSREDRLEQAKLFCRTLEDIL
ADAPESQNNCRLIAYQEPADDSSFSLSQEVLRHLRQEEKEEVTV
;
_struct_ref.pdbx_align_begin           140 
# 
_struct_ref_seq.align_id                      1 
_struct_ref_seq.ref_id                        1 
_struct_ref_seq.pdbx_PDB_id_code              7Q85 
_struct_ref_seq.pdbx_strand_id                A 
_struct_ref_seq.seq_align_beg                 1 
_struct_ref_seq.pdbx_seq_align_beg_ins_code   ? 
_struct_ref_seq.seq_align_end                 204 
_struct_ref_seq.pdbx_seq_align_end_ins_code   ? 
_struct_ref_seq.pdbx_db_accession             Q86WV6 
_struct_ref_seq.db_align_beg                  140 
_struct_ref_seq.pdbx_db_align_beg_ins_code    ? 
_struct_ref_seq.db_align_end                  343 
_struct_ref_seq.pdbx_db_align_end_ins_code    ? 
_struct_ref_seq.pdbx_auth_seq_align_beg       140 
_struct_ref_seq.pdbx_auth_seq_align_end       343 
# 
_struct_ref_seq_dif.align_id                     1 
_struct_ref_seq_dif.pdbx_pdb_id_code             7Q85 
_struct_ref_seq_dif.mon_id                       ARG 
_struct_ref_seq_dif.pdbx_pdb_strand_id           A 
_struct_ref_seq_dif.seq_num                      93 
_struct_ref_seq_dif.pdbx_pdb_ins_code            ? 
_struct_ref_seq_dif.pdbx_seq_db_name             UNP 
_struct_ref_seq_dif.pdbx_seq_db_accession_code   Q86WV6 
_struct_ref_seq_dif.db_mon_id                    HIS 
_struct_ref_seq_dif.pdbx_seq_db_seq_num          232 
_struct_ref_seq_dif.details                      variant 
_struct_ref_seq_dif.pdbx_auth_seq_num            232 
_struct_ref_seq_dif.pdbx_ordinal                 1 
# 
_pdbx_struct_assembly.id                   1 
_pdbx_struct_assembly.details              author_and_software_defined_assembly 
_pdbx_struct_assembly.method_details       PISA 
_pdbx_struct_assembly.oligomeric_details   dimeric 
_pdbx_struct_assembly.oligomeric_count     2 
# 
loop_
_pdbx_struct_assembly_prop.biol_id 
_pdbx_struct_assembly_prop.type 
_pdbx_struct_assembly_prop.value 
_pdbx_struct_assembly_prop.details 
1 'ABSA (A^2)' 4120  ? 
1 MORE         -17   ? 
1 'SSA (A^2)'  15880 ? 
# 
_pdbx_struct_assembly_gen.assembly_id       1 
_pdbx_struct_assembly_gen.oper_expression   1,2 
_pdbx_struct_assembly_gen.asym_id_list      A,B,C 
# 
_pdbx_struct_assembly_auth_evidence.id                     1 
_pdbx_struct_assembly_auth_evidence.assembly_id            1 
_pdbx_struct_assembly_auth_evidence.experimental_support   'gel filtration' 
_pdbx_struct_assembly_auth_evidence.details                ? 
# 
loop_
_pdbx_struct_oper_list.id 
_pdbx_struct_oper_list.type 
_pdbx_struct_oper_list.name 
_pdbx_struct_oper_list.symmetry_operation 
_pdbx_struct_oper_list.matrix[1][1] 
_pdbx_struct_oper_list.matrix[1][2] 
_pdbx_struct_oper_list.matrix[1][3] 
_pdbx_struct_oper_list.vector[1] 
_pdbx_struct_oper_list.matrix[2][1] 
_pdbx_struct_oper_list.matrix[2][2] 
_pdbx_struct_oper_list.matrix[2][3] 
_pdbx_struct_oper_list.vector[2] 
_pdbx_struct_oper_list.matrix[3][1] 
_pdbx_struct_oper_list.matrix[3][2] 
_pdbx_struct_oper_list.matrix[3][3] 
_pdbx_struct_oper_list.vector[3] 
1 'identity operation'         1_555 x,y,z        1.0000000000  0.0000000000 0.0000000000 0.0000000000   0.0000000000 1.0000000000 0.0000000000 0.0000000000  0.0000000000 0.0000000000 1.0000000000  0.0000000000  
2 'crystal symmetry operation' 8_554 -y,-x,-z-1/2 -0.4602583508 0.8863531866 0.0504011812 -22.4298792349 0.8863531866 0.4555518786 0.0827678346 13.7937793283 0.0504011812 0.0827678346 -0.9952935278 -2.3773302857 
# 
loop_
_struct_conf.conf_type_id 
_struct_conf.id 
_struct_conf.pdbx_PDB_helix_id 
_struct_conf.beg_label_comp_id 
_struct_conf.beg_label_asym_id 
_struct_conf.beg_label_seq_id 
_struct_conf.pdbx_beg_PDB_ins_code 
_struct_conf.end_label_comp_id 
_struct_conf.end_label_asym_id 
_struct_conf.end_label_seq_id 
_struct_conf.pdbx_end_PDB_ins_code 
_struct_conf.beg_auth_comp_id 
_struct_conf.beg_auth_asym_id 
_struct_conf.beg_auth_seq_id 
_struct_conf.end_auth_comp_id 
_struct_conf.end_auth_asym_id 
_struct_conf.end_auth_seq_id 
_struct_conf.pdbx_PDB_helix_class 
_struct_conf.details 
_struct_conf.pdbx_PDB_helix_length 
HELX_P HELX_P1 AA1 ASN A 15  ? TYR A 28  ? ASN A 154 TYR A 167 1 ? 14 
HELX_P HELX_P2 AA2 TYR A 28  ? HIS A 46  ? TYR A 167 HIS A 185 1 ? 19 
HELX_P HELX_P3 AA3 ASN A 72  ? ASP A 77  ? ASN A 211 ASP A 216 1 ? 6  
HELX_P HELX_P4 AA4 THR A 124 ? TYR A 135 ? THR A 263 TYR A 274 1 ? 12 
HELX_P HELX_P5 AA5 SER A 136 ? GLY A 139 ? SER A 275 GLY A 278 5 ? 4  
HELX_P HELX_P6 AA6 SER A 141 ? GLU A 143 ? SER A 280 GLU A 282 5 ? 3  
HELX_P HELX_P7 AA7 ASP A 144 ? ALA A 163 ? ASP A 283 ALA A 302 1 ? 20 
HELX_P HELX_P8 AA8 SER A 185 ? GLU A 198 ? SER A 324 GLU A 337 1 ? 14 
# 
_struct_conf_type.id          HELX_P 
_struct_conf_type.criteria    ? 
_struct_conf_type.reference   ? 
# 
loop_
_struct_sheet.id 
_struct_sheet.type 
_struct_sheet.number_strands 
_struct_sheet.details 
AA1 ? 5 ? 
AA2 ? 2 ? 
# 
loop_
_struct_sheet_order.sheet_id 
_struct_sheet_order.range_id_1 
_struct_sheet_order.range_id_2 
_struct_sheet_order.offset 
_struct_sheet_order.sense 
AA1 1 2 ? anti-parallel 
AA1 2 3 ? anti-parallel 
AA1 3 4 ? parallel      
AA1 4 5 ? parallel      
AA2 1 2 ? anti-parallel 
# 
loop_
_struct_sheet_range.sheet_id 
_struct_sheet_range.id 
_struct_sheet_range.beg_label_comp_id 
_struct_sheet_range.beg_label_asym_id 
_struct_sheet_range.beg_label_seq_id 
_struct_sheet_range.pdbx_beg_PDB_ins_code 
_struct_sheet_range.end_label_comp_id 
_struct_sheet_range.end_label_asym_id 
_struct_sheet_range.end_label_seq_id 
_struct_sheet_range.pdbx_end_PDB_ins_code 
_struct_sheet_range.beg_auth_comp_id 
_struct_sheet_range.beg_auth_asym_id 
_struct_sheet_range.beg_auth_seq_id 
_struct_sheet_range.end_auth_comp_id 
_struct_sheet_range.end_auth_asym_id 
_struct_sheet_range.end_auth_seq_id 
AA1 1 ILE A 80  ? LYS A 85  ? ILE A 219 LYS A 224 
AA1 2 SER A 104 ? GLU A 110 ? SER A 243 GLU A 249 
AA1 3 GLN A 113 ? TYR A 122 ? GLN A 252 TYR A 261 
AA1 4 LEU A 59  ? PRO A 64  ? LEU A 198 PRO A 203 
AA1 5 CYS A 170 ? TYR A 175 ? CYS A 309 TYR A 314 
AA2 1 GLN A 89  ? ARG A 93  ? GLN A 228 ARG A 232 
AA2 2 ILE A 96  ? TYR A 101 ? ILE A 235 TYR A 240 
# 
loop_
_pdbx_struct_sheet_hbond.sheet_id 
_pdbx_struct_sheet_hbond.range_id_1 
_pdbx_struct_sheet_hbond.range_id_2 
_pdbx_struct_sheet_hbond.range_1_label_atom_id 
_pdbx_struct_sheet_hbond.range_1_label_comp_id 
_pdbx_struct_sheet_hbond.range_1_label_asym_id 
_pdbx_struct_sheet_hbond.range_1_label_seq_id 
_pdbx_struct_sheet_hbond.range_1_PDB_ins_code 
_pdbx_struct_sheet_hbond.range_1_auth_atom_id 
_pdbx_struct_sheet_hbond.range_1_auth_comp_id 
_pdbx_struct_sheet_hbond.range_1_auth_asym_id 
_pdbx_struct_sheet_hbond.range_1_auth_seq_id 
_pdbx_struct_sheet_hbond.range_2_label_atom_id 
_pdbx_struct_sheet_hbond.range_2_label_comp_id 
_pdbx_struct_sheet_hbond.range_2_label_asym_id 
_pdbx_struct_sheet_hbond.range_2_label_seq_id 
_pdbx_struct_sheet_hbond.range_2_PDB_ins_code 
_pdbx_struct_sheet_hbond.range_2_auth_atom_id 
_pdbx_struct_sheet_hbond.range_2_auth_comp_id 
_pdbx_struct_sheet_hbond.range_2_auth_asym_id 
_pdbx_struct_sheet_hbond.range_2_auth_seq_id 
AA1 1 2 N ARG A 81  ? N ARG A 220 O GLU A 107 ? O GLU A 246 
AA1 2 3 N GLU A 110 ? N GLU A 249 O GLN A 113 ? O GLN A 252 
AA1 3 4 O GLU A 121 ? O GLU A 260 N LEU A 62  ? N LEU A 201 
AA1 4 5 N LEU A 63  ? N LEU A 202 O ILE A 173 ? O ILE A 312 
AA2 1 2 N GLN A 89  ? N GLN A 228 O TYR A 101 ? O TYR A 240 
# 
loop_
_pdbx_validate_torsion.id 
_pdbx_validate_torsion.PDB_model_num 
_pdbx_validate_torsion.auth_comp_id 
_pdbx_validate_torsion.auth_asym_id 
_pdbx_validate_torsion.auth_seq_id 
_pdbx_validate_torsion.PDB_ins_code 
_pdbx_validate_torsion.label_alt_id 
_pdbx_validate_torsion.phi 
_pdbx_validate_torsion.psi 
1 1 TYR A 167 ? ? -132.80 -70.12 
2 1 CYS A 206 ? ? 59.02   19.17  
3 1 ASN A 307 ? ? 49.46   23.56  
4 1 ASP A 319 ? ? 77.13   -3.31  
# 
_pdbx_struct_special_symmetry.id              1 
_pdbx_struct_special_symmetry.PDB_model_num   1 
_pdbx_struct_special_symmetry.auth_asym_id    A 
_pdbx_struct_special_symmetry.auth_comp_id    HOH 
_pdbx_struct_special_symmetry.auth_seq_id     514 
_pdbx_struct_special_symmetry.PDB_ins_code    ? 
_pdbx_struct_special_symmetry.label_asym_id   C 
_pdbx_struct_special_symmetry.label_comp_id   HOH 
_pdbx_struct_special_symmetry.label_seq_id    . 
# 
loop_
_space_group_symop.id 
_space_group_symop.operation_xyz 
1 x,y,z               
2 -y+1/2,x+1/2,z+1/4  
3 y+1/2,-x+1/2,z+3/4  
4 x+1/2,-y+1/2,-z+3/4 
5 -x+1/2,y+1/2,-z+1/4 
6 -x,-y,z+1/2         
7 y,x,-z              
8 -y,-x,-z+1/2        
# 
_pdbx_entry_details.entry_id                 7Q85 
_pdbx_entry_details.has_ligand_of_interest   Y 
_pdbx_entry_details.compound_details         ? 
_pdbx_entry_details.source_details           ? 
_pdbx_entry_details.nonpolymer_details       ? 
_pdbx_entry_details.sequence_details         ? 
# 
loop_
_pdbx_unobs_or_zero_occ_residues.id 
_pdbx_unobs_or_zero_occ_residues.PDB_model_num 
_pdbx_unobs_or_zero_occ_residues.polymer_flag 
_pdbx_unobs_or_zero_occ_residues.occupancy_flag 
_pdbx_unobs_or_zero_occ_residues.auth_asym_id 
_pdbx_unobs_or_zero_occ_residues.auth_comp_id 
_pdbx_unobs_or_zero_occ_residues.auth_seq_id 
_pdbx_unobs_or_zero_occ_residues.PDB_ins_code 
_pdbx_unobs_or_zero_occ_residues.label_asym_id 
_pdbx_unobs_or_zero_occ_residues.label_comp_id 
_pdbx_unobs_or_zero_occ_residues.label_seq_id 
1  1 Y 1 A ALA 140 ? A ALA 1   
2  1 Y 1 A PRO 141 ? A PRO 2   
3  1 Y 1 A ALA 142 ? A ALA 3   
4  1 Y 1 A GLU 143 ? A GLU 4   
5  1 Y 1 A ILE 144 ? A ILE 5   
6  1 Y 1 A SER 145 ? A SER 6   
7  1 Y 1 A ALA 146 ? A ALA 7   
8  1 Y 1 A VAL 147 ? A VAL 8   
9  1 Y 1 A CYS 148 ? A CYS 9   
10 1 Y 1 A GLU 149 ? A GLU 10  
11 1 Y 1 A LYS 150 ? A LYS 11  
12 1 Y 1 A GLY 151 ? A GLY 12  
13 1 Y 1 A ASN 152 ? A ASN 13  
14 1 Y 1 A PHE 153 ? A PHE 14  
15 1 Y 1 A TYR 186 ? A TYR 47  
16 1 Y 1 A ASN 187 ? A ASN 48  
17 1 Y 1 A ASN 188 ? A ASN 49  
18 1 Y 1 A LEU 189 ? A LEU 50  
19 1 Y 1 A LEU 190 ? A LEU 51  
20 1 Y 1 A ARG 191 ? A ARG 52  
21 1 Y 1 A LYS 338 ? A LYS 199 
22 1 Y 1 A GLU 339 ? A GLU 200 
23 1 Y 1 A GLU 340 ? A GLU 201 
24 1 Y 1 A VAL 341 ? A VAL 202 
25 1 Y 1 A THR 342 ? A THR 203 
26 1 Y 1 A VAL 343 ? A VAL 204 
# 
loop_
_chem_comp_atom.comp_id 
_chem_comp_atom.atom_id 
_chem_comp_atom.type_symbol 
_chem_comp_atom.pdbx_aromatic_flag 
_chem_comp_atom.pdbx_stereo_config 
_chem_comp_atom.pdbx_ordinal 
98F C10  C Y N 1   
98F C11  C Y N 2   
98F C12  C Y N 3   
98F C13  C Y N 4   
98F C14  C Y N 5   
98F C16  C N R 6   
98F C15  C N R 7   
98F C17  C N R 8   
98F C20  C N N 9   
98F C7   C N R 10  
98F N9   N N N 11  
98F C4   C Y N 12  
98F N3   N Y N 13  
98F C2   C Y N 14  
98F N2   N Y N 15  
98F N1   N Y N 16  
98F C6   C N R 17  
98F C5   C N R 18  
98F N7   N Y N 19  
98F C8   C N R 20  
98F N    N Y N 21  
98F C    C Y N 22  
98F O    O N N 23  
98F C1   C Y N 24  
98F C18  C N R 25  
98F C19  C N N 26  
98F C3   C Y N 27  
98F C9   C N N 28  
98F F1   F N N 29  
98F F2   F N N 30  
98F N4   N Y N 31  
98F N5   N Y N 32  
98F N6   N Y N 33  
98F O1   O N N 34  
98F O10  O N N 35  
98F O2   O N N 36  
98F O22  O N N 37  
98F O3   O N N 38  
98F O4   O N N 39  
98F O5   O N N 40  
98F O7   O N N 41  
98F P    P N N 42  
98F P1   P N N 43  
98F N10  N N N 44  
98F H1   H N N 45  
98F H2   H N N 46  
98F H3   H N N 47  
98F H4   H N N 48  
98F H5   H N N 49  
98F H6   H N N 50  
98F H7   H N N 51  
98F H8   H N N 52  
98F H9   H N N 53  
98F H10  H N N 54  
98F H11  H N N 55  
98F H13  H N N 56  
98F H15  H N N 57  
98F H16  H N N 58  
98F H17  H N N 59  
98F H18  H N N 60  
98F H19  H N N 61  
98F H20  H N N 62  
98F H21  H N N 63  
98F H22  H N N 64  
98F H23  H N N 65  
98F H24  H N N 66  
ALA N    N N N 67  
ALA CA   C N S 68  
ALA C    C N N 69  
ALA O    O N N 70  
ALA CB   C N N 71  
ALA OXT  O N N 72  
ALA H    H N N 73  
ALA H2   H N N 74  
ALA HA   H N N 75  
ALA HB1  H N N 76  
ALA HB2  H N N 77  
ALA HB3  H N N 78  
ALA HXT  H N N 79  
ARG N    N N N 80  
ARG CA   C N S 81  
ARG C    C N N 82  
ARG O    O N N 83  
ARG CB   C N N 84  
ARG CG   C N N 85  
ARG CD   C N N 86  
ARG NE   N N N 87  
ARG CZ   C N N 88  
ARG NH1  N N N 89  
ARG NH2  N N N 90  
ARG OXT  O N N 91  
ARG H    H N N 92  
ARG H2   H N N 93  
ARG HA   H N N 94  
ARG HB2  H N N 95  
ARG HB3  H N N 96  
ARG HG2  H N N 97  
ARG HG3  H N N 98  
ARG HD2  H N N 99  
ARG HD3  H N N 100 
ARG HE   H N N 101 
ARG HH11 H N N 102 
ARG HH12 H N N 103 
ARG HH21 H N N 104 
ARG HH22 H N N 105 
ARG HXT  H N N 106 
ASN N    N N N 107 
ASN CA   C N S 108 
ASN C    C N N 109 
ASN O    O N N 110 
ASN CB   C N N 111 
ASN CG   C N N 112 
ASN OD1  O N N 113 
ASN ND2  N N N 114 
ASN OXT  O N N 115 
ASN H    H N N 116 
ASN H2   H N N 117 
ASN HA   H N N 118 
ASN HB2  H N N 119 
ASN HB3  H N N 120 
ASN HD21 H N N 121 
ASN HD22 H N N 122 
ASN HXT  H N N 123 
ASP N    N N N 124 
ASP CA   C N S 125 
ASP C    C N N 126 
ASP O    O N N 127 
ASP CB   C N N 128 
ASP CG   C N N 129 
ASP OD1  O N N 130 
ASP OD2  O N N 131 
ASP OXT  O N N 132 
ASP H    H N N 133 
ASP H2   H N N 134 
ASP HA   H N N 135 
ASP HB2  H N N 136 
ASP HB3  H N N 137 
ASP HD2  H N N 138 
ASP HXT  H N N 139 
CYS N    N N N 140 
CYS CA   C N R 141 
CYS C    C N N 142 
CYS O    O N N 143 
CYS CB   C N N 144 
CYS SG   S N N 145 
CYS OXT  O N N 146 
CYS H    H N N 147 
CYS H2   H N N 148 
CYS HA   H N N 149 
CYS HB2  H N N 150 
CYS HB3  H N N 151 
CYS HG   H N N 152 
CYS HXT  H N N 153 
GLN N    N N N 154 
GLN CA   C N S 155 
GLN C    C N N 156 
GLN O    O N N 157 
GLN CB   C N N 158 
GLN CG   C N N 159 
GLN CD   C N N 160 
GLN OE1  O N N 161 
GLN NE2  N N N 162 
GLN OXT  O N N 163 
GLN H    H N N 164 
GLN H2   H N N 165 
GLN HA   H N N 166 
GLN HB2  H N N 167 
GLN HB3  H N N 168 
GLN HG2  H N N 169 
GLN HG3  H N N 170 
GLN HE21 H N N 171 
GLN HE22 H N N 172 
GLN HXT  H N N 173 
GLU N    N N N 174 
GLU CA   C N S 175 
GLU C    C N N 176 
GLU O    O N N 177 
GLU CB   C N N 178 
GLU CG   C N N 179 
GLU CD   C N N 180 
GLU OE1  O N N 181 
GLU OE2  O N N 182 
GLU OXT  O N N 183 
GLU H    H N N 184 
GLU H2   H N N 185 
GLU HA   H N N 186 
GLU HB2  H N N 187 
GLU HB3  H N N 188 
GLU HG2  H N N 189 
GLU HG3  H N N 190 
GLU HE2  H N N 191 
GLU HXT  H N N 192 
GLY N    N N N 193 
GLY CA   C N N 194 
GLY C    C N N 195 
GLY O    O N N 196 
GLY OXT  O N N 197 
GLY H    H N N 198 
GLY H2   H N N 199 
GLY HA2  H N N 200 
GLY HA3  H N N 201 
GLY HXT  H N N 202 
HIS N    N N N 203 
HIS CA   C N S 204 
HIS C    C N N 205 
HIS O    O N N 206 
HIS CB   C N N 207 
HIS CG   C Y N 208 
HIS ND1  N Y N 209 
HIS CD2  C Y N 210 
HIS CE1  C Y N 211 
HIS NE2  N Y N 212 
HIS OXT  O N N 213 
HIS H    H N N 214 
HIS H2   H N N 215 
HIS HA   H N N 216 
HIS HB2  H N N 217 
HIS HB3  H N N 218 
HIS HD1  H N N 219 
HIS HD2  H N N 220 
HIS HE1  H N N 221 
HIS HE2  H N N 222 
HIS HXT  H N N 223 
HOH O    O N N 224 
HOH H1   H N N 225 
HOH H2   H N N 226 
ILE N    N N N 227 
ILE CA   C N S 228 
ILE C    C N N 229 
ILE O    O N N 230 
ILE CB   C N S 231 
ILE CG1  C N N 232 
ILE CG2  C N N 233 
ILE CD1  C N N 234 
ILE OXT  O N N 235 
ILE H    H N N 236 
ILE H2   H N N 237 
ILE HA   H N N 238 
ILE HB   H N N 239 
ILE HG12 H N N 240 
ILE HG13 H N N 241 
ILE HG21 H N N 242 
ILE HG22 H N N 243 
ILE HG23 H N N 244 
ILE HD11 H N N 245 
ILE HD12 H N N 246 
ILE HD13 H N N 247 
ILE HXT  H N N 248 
LEU N    N N N 249 
LEU CA   C N S 250 
LEU C    C N N 251 
LEU O    O N N 252 
LEU CB   C N N 253 
LEU CG   C N N 254 
LEU CD1  C N N 255 
LEU CD2  C N N 256 
LEU OXT  O N N 257 
LEU H    H N N 258 
LEU H2   H N N 259 
LEU HA   H N N 260 
LEU HB2  H N N 261 
LEU HB3  H N N 262 
LEU HG   H N N 263 
LEU HD11 H N N 264 
LEU HD12 H N N 265 
LEU HD13 H N N 266 
LEU HD21 H N N 267 
LEU HD22 H N N 268 
LEU HD23 H N N 269 
LEU HXT  H N N 270 
LYS N    N N N 271 
LYS CA   C N S 272 
LYS C    C N N 273 
LYS O    O N N 274 
LYS CB   C N N 275 
LYS CG   C N N 276 
LYS CD   C N N 277 
LYS CE   C N N 278 
LYS NZ   N N N 279 
LYS OXT  O N N 280 
LYS H    H N N 281 
LYS H2   H N N 282 
LYS HA   H N N 283 
LYS HB2  H N N 284 
LYS HB3  H N N 285 
LYS HG2  H N N 286 
LYS HG3  H N N 287 
LYS HD2  H N N 288 
LYS HD3  H N N 289 
LYS HE2  H N N 290 
LYS HE3  H N N 291 
LYS HZ1  H N N 292 
LYS HZ2  H N N 293 
LYS HZ3  H N N 294 
LYS HXT  H N N 295 
MET N    N N N 296 
MET CA   C N S 297 
MET C    C N N 298 
MET O    O N N 299 
MET CB   C N N 300 
MET CG   C N N 301 
MET SD   S N N 302 
MET CE   C N N 303 
MET OXT  O N N 304 
MET H    H N N 305 
MET H2   H N N 306 
MET HA   H N N 307 
MET HB2  H N N 308 
MET HB3  H N N 309 
MET HG2  H N N 310 
MET HG3  H N N 311 
MET HE1  H N N 312 
MET HE2  H N N 313 
MET HE3  H N N 314 
MET HXT  H N N 315 
PHE N    N N N 316 
PHE CA   C N S 317 
PHE C    C N N 318 
PHE O    O N N 319 
PHE CB   C N N 320 
PHE CG   C Y N 321 
PHE CD1  C Y N 322 
PHE CD2  C Y N 323 
PHE CE1  C Y N 324 
PHE CE2  C Y N 325 
PHE CZ   C Y N 326 
PHE OXT  O N N 327 
PHE H    H N N 328 
PHE H2   H N N 329 
PHE HA   H N N 330 
PHE HB2  H N N 331 
PHE HB3  H N N 332 
PHE HD1  H N N 333 
PHE HD2  H N N 334 
PHE HE1  H N N 335 
PHE HE2  H N N 336 
PHE HZ   H N N 337 
PHE HXT  H N N 338 
PRO N    N N N 339 
PRO CA   C N S 340 
PRO C    C N N 341 
PRO O    O N N 342 
PRO CB   C N N 343 
PRO CG   C N N 344 
PRO CD   C N N 345 
PRO OXT  O N N 346 
PRO H    H N N 347 
PRO HA   H N N 348 
PRO HB2  H N N 349 
PRO HB3  H N N 350 
PRO HG2  H N N 351 
PRO HG3  H N N 352 
PRO HD2  H N N 353 
PRO HD3  H N N 354 
PRO HXT  H N N 355 
SER N    N N N 356 
SER CA   C N S 357 
SER C    C N N 358 
SER O    O N N 359 
SER CB   C N N 360 
SER OG   O N N 361 
SER OXT  O N N 362 
SER H    H N N 363 
SER H2   H N N 364 
SER HA   H N N 365 
SER HB2  H N N 366 
SER HB3  H N N 367 
SER HG   H N N 368 
SER HXT  H N N 369 
THR N    N N N 370 
THR CA   C N S 371 
THR C    C N N 372 
THR O    O N N 373 
THR CB   C N R 374 
THR OG1  O N N 375 
THR CG2  C N N 376 
THR OXT  O N N 377 
THR H    H N N 378 
THR H2   H N N 379 
THR HA   H N N 380 
THR HB   H N N 381 
THR HG1  H N N 382 
THR HG21 H N N 383 
THR HG22 H N N 384 
THR HG23 H N N 385 
THR HXT  H N N 386 
TRP N    N N N 387 
TRP CA   C N S 388 
TRP C    C N N 389 
TRP O    O N N 390 
TRP CB   C N N 391 
TRP CG   C Y N 392 
TRP CD1  C Y N 393 
TRP CD2  C Y N 394 
TRP NE1  N Y N 395 
TRP CE2  C Y N 396 
TRP CE3  C Y N 397 
TRP CZ2  C Y N 398 
TRP CZ3  C Y N 399 
TRP CH2  C Y N 400 
TRP OXT  O N N 401 
TRP H    H N N 402 
TRP H2   H N N 403 
TRP HA   H N N 404 
TRP HB2  H N N 405 
TRP HB3  H N N 406 
TRP HD1  H N N 407 
TRP HE1  H N N 408 
TRP HE3  H N N 409 
TRP HZ2  H N N 410 
TRP HZ3  H N N 411 
TRP HH2  H N N 412 
TRP HXT  H N N 413 
TYR N    N N N 414 
TYR CA   C N S 415 
TYR C    C N N 416 
TYR O    O N N 417 
TYR CB   C N N 418 
TYR CG   C Y N 419 
TYR CD1  C Y N 420 
TYR CD2  C Y N 421 
TYR CE1  C Y N 422 
TYR CE2  C Y N 423 
TYR CZ   C Y N 424 
TYR OH   O N N 425 
TYR OXT  O N N 426 
TYR H    H N N 427 
TYR H2   H N N 428 
TYR HA   H N N 429 
TYR HB2  H N N 430 
TYR HB3  H N N 431 
TYR HD1  H N N 432 
TYR HD2  H N N 433 
TYR HE1  H N N 434 
TYR HE2  H N N 435 
TYR HH   H N N 436 
TYR HXT  H N N 437 
VAL N    N N N 438 
VAL CA   C N S 439 
VAL C    C N N 440 
VAL O    O N N 441 
VAL CB   C N N 442 
VAL CG1  C N N 443 
VAL CG2  C N N 444 
VAL OXT  O N N 445 
VAL H    H N N 446 
VAL H2   H N N 447 
VAL HA   H N N 448 
VAL HB   H N N 449 
VAL HG11 H N N 450 
VAL HG12 H N N 451 
VAL HG13 H N N 452 
VAL HG21 H N N 453 
VAL HG22 H N N 454 
VAL HG23 H N N 455 
VAL HXT  H N N 456 
# 
loop_
_chem_comp_bond.comp_id 
_chem_comp_bond.atom_id_1 
_chem_comp_bond.atom_id_2 
_chem_comp_bond.value_order 
_chem_comp_bond.pdbx_aromatic_flag 
_chem_comp_bond.pdbx_stereo_config 
_chem_comp_bond.pdbx_ordinal 
98F C10 N4   sing Y N 1   
98F C10 N5   doub Y N 2   
98F C11 C12  doub Y N 3   
98F C11 N5   sing Y N 4   
98F C11 N6   sing Y N 5   
98F C12 C13  sing Y N 6   
98F C12 N7   sing Y N 7   
98F C13 N9   sing N N 8   
98F C13 N4   doub Y N 9   
98F C14 N7   doub Y N 10  
98F C14 N6   sing Y N 11  
98F C16 C15  sing N N 12  
98F C16 C17  sing N N 13  
98F C16 F1   sing N N 14  
98F C15 C18  sing N N 15  
98F C15 O7   sing N N 16  
98F C17 N6   sing N N 17  
98F C17 O5   sing N N 18  
98F C20 C19  doub N E 19  
98F C20 P1   sing N N 20  
98F C7  N2   sing N N 21  
98F C7  C6   sing N N 22  
98F C7  O1   sing N N 23  
98F C4  N3   doub Y N 24  
98F C4  N2   sing Y N 25  
98F N3  C2   sing Y N 26  
98F C2  C1   doub Y N 27  
98F C2  C3   sing Y N 28  
98F N2  C1   sing Y N 29  
98F N1  C    doub Y N 30  
98F N1  C1   sing Y N 31  
98F C6  F2   sing N N 32  
98F C5  C8   sing N N 33  
98F C5  O10  sing N N 34  
98F C8  C9   sing N N 35  
98F C8  O1   sing N N 36  
98F N   C    sing Y N 37  
98F N   C3   doub Y N 38  
98F O   P    doub N N 39  
98F C18 C19  sing N N 40  
98F C18 O5   sing N N 41  
98F C3  N10  sing N N 42  
98F C9  O2   sing N N 43  
98F O10 P1   sing N N 44  
98F O2  P    sing N N 45  
98F O22 P1   doub N N 46  
98F O3  P    sing N N 47  
98F O4  P1   sing N N 48  
98F O7  P    sing N N 49  
98F C10 H1   sing N N 50  
98F C14 H2   sing N N 51  
98F C16 H3   sing N N 52  
98F C15 H4   sing N N 53  
98F C17 H5   sing N N 54  
98F C20 H6   sing N N 55  
98F C7  H7   sing N N 56  
98F N9  H8   sing N N 57  
98F N9  H9   sing N N 58  
98F C4  H10  sing N N 59  
98F C6  H11  sing N N 60  
98F C5  H13  sing N N 61  
98F C8  H15  sing N N 62  
98F C   H16  sing N N 63  
98F C18 H17  sing N N 64  
98F C19 H18  sing N N 65  
98F C9  H19  sing N N 66  
98F C9  H20  sing N N 67  
98F O3  H21  sing N N 68  
98F O4  H22  sing N N 69  
98F N10 H23  sing N N 70  
98F N10 H24  sing N N 71  
98F C5  C6   sing N N 72  
ALA N   CA   sing N N 73  
ALA N   H    sing N N 74  
ALA N   H2   sing N N 75  
ALA CA  C    sing N N 76  
ALA CA  CB   sing N N 77  
ALA CA  HA   sing N N 78  
ALA C   O    doub N N 79  
ALA C   OXT  sing N N 80  
ALA CB  HB1  sing N N 81  
ALA CB  HB2  sing N N 82  
ALA CB  HB3  sing N N 83  
ALA OXT HXT  sing N N 84  
ARG N   CA   sing N N 85  
ARG N   H    sing N N 86  
ARG N   H2   sing N N 87  
ARG CA  C    sing N N 88  
ARG CA  CB   sing N N 89  
ARG CA  HA   sing N N 90  
ARG C   O    doub N N 91  
ARG C   OXT  sing N N 92  
ARG CB  CG   sing N N 93  
ARG CB  HB2  sing N N 94  
ARG CB  HB3  sing N N 95  
ARG CG  CD   sing N N 96  
ARG CG  HG2  sing N N 97  
ARG CG  HG3  sing N N 98  
ARG CD  NE   sing N N 99  
ARG CD  HD2  sing N N 100 
ARG CD  HD3  sing N N 101 
ARG NE  CZ   sing N N 102 
ARG NE  HE   sing N N 103 
ARG CZ  NH1  sing N N 104 
ARG CZ  NH2  doub N N 105 
ARG NH1 HH11 sing N N 106 
ARG NH1 HH12 sing N N 107 
ARG NH2 HH21 sing N N 108 
ARG NH2 HH22 sing N N 109 
ARG OXT HXT  sing N N 110 
ASN N   CA   sing N N 111 
ASN N   H    sing N N 112 
ASN N   H2   sing N N 113 
ASN CA  C    sing N N 114 
ASN CA  CB   sing N N 115 
ASN CA  HA   sing N N 116 
ASN C   O    doub N N 117 
ASN C   OXT  sing N N 118 
ASN CB  CG   sing N N 119 
ASN CB  HB2  sing N N 120 
ASN CB  HB3  sing N N 121 
ASN CG  OD1  doub N N 122 
ASN CG  ND2  sing N N 123 
ASN ND2 HD21 sing N N 124 
ASN ND2 HD22 sing N N 125 
ASN OXT HXT  sing N N 126 
ASP N   CA   sing N N 127 
ASP N   H    sing N N 128 
ASP N   H2   sing N N 129 
ASP CA  C    sing N N 130 
ASP CA  CB   sing N N 131 
ASP CA  HA   sing N N 132 
ASP C   O    doub N N 133 
ASP C   OXT  sing N N 134 
ASP CB  CG   sing N N 135 
ASP CB  HB2  sing N N 136 
ASP CB  HB3  sing N N 137 
ASP CG  OD1  doub N N 138 
ASP CG  OD2  sing N N 139 
ASP OD2 HD2  sing N N 140 
ASP OXT HXT  sing N N 141 
CYS N   CA   sing N N 142 
CYS N   H    sing N N 143 
CYS N   H2   sing N N 144 
CYS CA  C    sing N N 145 
CYS CA  CB   sing N N 146 
CYS CA  HA   sing N N 147 
CYS C   O    doub N N 148 
CYS C   OXT  sing N N 149 
CYS CB  SG   sing N N 150 
CYS CB  HB2  sing N N 151 
CYS CB  HB3  sing N N 152 
CYS SG  HG   sing N N 153 
CYS OXT HXT  sing N N 154 
GLN N   CA   sing N N 155 
GLN N   H    sing N N 156 
GLN N   H2   sing N N 157 
GLN CA  C    sing N N 158 
GLN CA  CB   sing N N 159 
GLN CA  HA   sing N N 160 
GLN C   O    doub N N 161 
GLN C   OXT  sing N N 162 
GLN CB  CG   sing N N 163 
GLN CB  HB2  sing N N 164 
GLN CB  HB3  sing N N 165 
GLN CG  CD   sing N N 166 
GLN CG  HG2  sing N N 167 
GLN CG  HG3  sing N N 168 
GLN CD  OE1  doub N N 169 
GLN CD  NE2  sing N N 170 
GLN NE2 HE21 sing N N 171 
GLN NE2 HE22 sing N N 172 
GLN OXT HXT  sing N N 173 
GLU N   CA   sing N N 174 
GLU N   H    sing N N 175 
GLU N   H2   sing N N 176 
GLU CA  C    sing N N 177 
GLU CA  CB   sing N N 178 
GLU CA  HA   sing N N 179 
GLU C   O    doub N N 180 
GLU C   OXT  sing N N 181 
GLU CB  CG   sing N N 182 
GLU CB  HB2  sing N N 183 
GLU CB  HB3  sing N N 184 
GLU CG  CD   sing N N 185 
GLU CG  HG2  sing N N 186 
GLU CG  HG3  sing N N 187 
GLU CD  OE1  doub N N 188 
GLU CD  OE2  sing N N 189 
GLU OE2 HE2  sing N N 190 
GLU OXT HXT  sing N N 191 
GLY N   CA   sing N N 192 
GLY N   H    sing N N 193 
GLY N   H2   sing N N 194 
GLY CA  C    sing N N 195 
GLY CA  HA2  sing N N 196 
GLY CA  HA3  sing N N 197 
GLY C   O    doub N N 198 
GLY C   OXT  sing N N 199 
GLY OXT HXT  sing N N 200 
HIS N   CA   sing N N 201 
HIS N   H    sing N N 202 
HIS N   H2   sing N N 203 
HIS CA  C    sing N N 204 
HIS CA  CB   sing N N 205 
HIS CA  HA   sing N N 206 
HIS C   O    doub N N 207 
HIS C   OXT  sing N N 208 
HIS CB  CG   sing N N 209 
HIS CB  HB2  sing N N 210 
HIS CB  HB3  sing N N 211 
HIS CG  ND1  sing Y N 212 
HIS CG  CD2  doub Y N 213 
HIS ND1 CE1  doub Y N 214 
HIS ND1 HD1  sing N N 215 
HIS CD2 NE2  sing Y N 216 
HIS CD2 HD2  sing N N 217 
HIS CE1 NE2  sing Y N 218 
HIS CE1 HE1  sing N N 219 
HIS NE2 HE2  sing N N 220 
HIS OXT HXT  sing N N 221 
HOH O   H1   sing N N 222 
HOH O   H2   sing N N 223 
ILE N   CA   sing N N 224 
ILE N   H    sing N N 225 
ILE N   H2   sing N N 226 
ILE CA  C    sing N N 227 
ILE CA  CB   sing N N 228 
ILE CA  HA   sing N N 229 
ILE C   O    doub N N 230 
ILE C   OXT  sing N N 231 
ILE CB  CG1  sing N N 232 
ILE CB  CG2  sing N N 233 
ILE CB  HB   sing N N 234 
ILE CG1 CD1  sing N N 235 
ILE CG1 HG12 sing N N 236 
ILE CG1 HG13 sing N N 237 
ILE CG2 HG21 sing N N 238 
ILE CG2 HG22 sing N N 239 
ILE CG2 HG23 sing N N 240 
ILE CD1 HD11 sing N N 241 
ILE CD1 HD12 sing N N 242 
ILE CD1 HD13 sing N N 243 
ILE OXT HXT  sing N N 244 
LEU N   CA   sing N N 245 
LEU N   H    sing N N 246 
LEU N   H2   sing N N 247 
LEU CA  C    sing N N 248 
LEU CA  CB   sing N N 249 
LEU CA  HA   sing N N 250 
LEU C   O    doub N N 251 
LEU C   OXT  sing N N 252 
LEU CB  CG   sing N N 253 
LEU CB  HB2  sing N N 254 
LEU CB  HB3  sing N N 255 
LEU CG  CD1  sing N N 256 
LEU CG  CD2  sing N N 257 
LEU CG  HG   sing N N 258 
LEU CD1 HD11 sing N N 259 
LEU CD1 HD12 sing N N 260 
LEU CD1 HD13 sing N N 261 
LEU CD2 HD21 sing N N 262 
LEU CD2 HD22 sing N N 263 
LEU CD2 HD23 sing N N 264 
LEU OXT HXT  sing N N 265 
LYS N   CA   sing N N 266 
LYS N   H    sing N N 267 
LYS N   H2   sing N N 268 
LYS CA  C    sing N N 269 
LYS CA  CB   sing N N 270 
LYS CA  HA   sing N N 271 
LYS C   O    doub N N 272 
LYS C   OXT  sing N N 273 
LYS CB  CG   sing N N 274 
LYS CB  HB2  sing N N 275 
LYS CB  HB3  sing N N 276 
LYS CG  CD   sing N N 277 
LYS CG  HG2  sing N N 278 
LYS CG  HG3  sing N N 279 
LYS CD  CE   sing N N 280 
LYS CD  HD2  sing N N 281 
LYS CD  HD3  sing N N 282 
LYS CE  NZ   sing N N 283 
LYS CE  HE2  sing N N 284 
LYS CE  HE3  sing N N 285 
LYS NZ  HZ1  sing N N 286 
LYS NZ  HZ2  sing N N 287 
LYS NZ  HZ3  sing N N 288 
LYS OXT HXT  sing N N 289 
MET N   CA   sing N N 290 
MET N   H    sing N N 291 
MET N   H2   sing N N 292 
MET CA  C    sing N N 293 
MET CA  CB   sing N N 294 
MET CA  HA   sing N N 295 
MET C   O    doub N N 296 
MET C   OXT  sing N N 297 
MET CB  CG   sing N N 298 
MET CB  HB2  sing N N 299 
MET CB  HB3  sing N N 300 
MET CG  SD   sing N N 301 
MET CG  HG2  sing N N 302 
MET CG  HG3  sing N N 303 
MET SD  CE   sing N N 304 
MET CE  HE1  sing N N 305 
MET CE  HE2  sing N N 306 
MET CE  HE3  sing N N 307 
MET OXT HXT  sing N N 308 
PHE N   CA   sing N N 309 
PHE N   H    sing N N 310 
PHE N   H2   sing N N 311 
PHE CA  C    sing N N 312 
PHE CA  CB   sing N N 313 
PHE CA  HA   sing N N 314 
PHE C   O    doub N N 315 
PHE C   OXT  sing N N 316 
PHE CB  CG   sing N N 317 
PHE CB  HB2  sing N N 318 
PHE CB  HB3  sing N N 319 
PHE CG  CD1  doub Y N 320 
PHE CG  CD2  sing Y N 321 
PHE CD1 CE1  sing Y N 322 
PHE CD1 HD1  sing N N 323 
PHE CD2 CE2  doub Y N 324 
PHE CD2 HD2  sing N N 325 
PHE CE1 CZ   doub Y N 326 
PHE CE1 HE1  sing N N 327 
PHE CE2 CZ   sing Y N 328 
PHE CE2 HE2  sing N N 329 
PHE CZ  HZ   sing N N 330 
PHE OXT HXT  sing N N 331 
PRO N   CA   sing N N 332 
PRO N   CD   sing N N 333 
PRO N   H    sing N N 334 
PRO CA  C    sing N N 335 
PRO CA  CB   sing N N 336 
PRO CA  HA   sing N N 337 
PRO C   O    doub N N 338 
PRO C   OXT  sing N N 339 
PRO CB  CG   sing N N 340 
PRO CB  HB2  sing N N 341 
PRO CB  HB3  sing N N 342 
PRO CG  CD   sing N N 343 
PRO CG  HG2  sing N N 344 
PRO CG  HG3  sing N N 345 
PRO CD  HD2  sing N N 346 
PRO CD  HD3  sing N N 347 
PRO OXT HXT  sing N N 348 
SER N   CA   sing N N 349 
SER N   H    sing N N 350 
SER N   H2   sing N N 351 
SER CA  C    sing N N 352 
SER CA  CB   sing N N 353 
SER CA  HA   sing N N 354 
SER C   O    doub N N 355 
SER C   OXT  sing N N 356 
SER CB  OG   sing N N 357 
SER CB  HB2  sing N N 358 
SER CB  HB3  sing N N 359 
SER OG  HG   sing N N 360 
SER OXT HXT  sing N N 361 
THR N   CA   sing N N 362 
THR N   H    sing N N 363 
THR N   H2   sing N N 364 
THR CA  C    sing N N 365 
THR CA  CB   sing N N 366 
THR CA  HA   sing N N 367 
THR C   O    doub N N 368 
THR C   OXT  sing N N 369 
THR CB  OG1  sing N N 370 
THR CB  CG2  sing N N 371 
THR CB  HB   sing N N 372 
THR OG1 HG1  sing N N 373 
THR CG2 HG21 sing N N 374 
THR CG2 HG22 sing N N 375 
THR CG2 HG23 sing N N 376 
THR OXT HXT  sing N N 377 
TRP N   CA   sing N N 378 
TRP N   H    sing N N 379 
TRP N   H2   sing N N 380 
TRP CA  C    sing N N 381 
TRP CA  CB   sing N N 382 
TRP CA  HA   sing N N 383 
TRP C   O    doub N N 384 
TRP C   OXT  sing N N 385 
TRP CB  CG   sing N N 386 
TRP CB  HB2  sing N N 387 
TRP CB  HB3  sing N N 388 
TRP CG  CD1  doub Y N 389 
TRP CG  CD2  sing Y N 390 
TRP CD1 NE1  sing Y N 391 
TRP CD1 HD1  sing N N 392 
TRP CD2 CE2  doub Y N 393 
TRP CD2 CE3  sing Y N 394 
TRP NE1 CE2  sing Y N 395 
TRP NE1 HE1  sing N N 396 
TRP CE2 CZ2  sing Y N 397 
TRP CE3 CZ3  doub Y N 398 
TRP CE3 HE3  sing N N 399 
TRP CZ2 CH2  doub Y N 400 
TRP CZ2 HZ2  sing N N 401 
TRP CZ3 CH2  sing Y N 402 
TRP CZ3 HZ3  sing N N 403 
TRP CH2 HH2  sing N N 404 
TRP OXT HXT  sing N N 405 
TYR N   CA   sing N N 406 
TYR N   H    sing N N 407 
TYR N   H2   sing N N 408 
TYR CA  C    sing N N 409 
TYR CA  CB   sing N N 410 
TYR CA  HA   sing N N 411 
TYR C   O    doub N N 412 
TYR C   OXT  sing N N 413 
TYR CB  CG   sing N N 414 
TYR CB  HB2  sing N N 415 
TYR CB  HB3  sing N N 416 
TYR CG  CD1  doub Y N 417 
TYR CG  CD2  sing Y N 418 
TYR CD1 CE1  sing Y N 419 
TYR CD1 HD1  sing N N 420 
TYR CD2 CE2  doub Y N 421 
TYR CD2 HD2  sing N N 422 
TYR CE1 CZ   doub Y N 423 
TYR CE1 HE1  sing N N 424 
TYR CE2 CZ   sing Y N 425 
TYR CE2 HE2  sing N N 426 
TYR CZ  OH   sing N N 427 
TYR OH  HH   sing N N 428 
TYR OXT HXT  sing N N 429 
VAL N   CA   sing N N 430 
VAL N   H    sing N N 431 
VAL N   H2   sing N N 432 
VAL CA  C    sing N N 433 
VAL CA  CB   sing N N 434 
VAL CA  HA   sing N N 435 
VAL C   O    doub N N 436 
VAL C   OXT  sing N N 437 
VAL CB  CG1  sing N N 438 
VAL CB  CG2  sing N N 439 
VAL CB  HB   sing N N 440 
VAL CG1 HG11 sing N N 441 
VAL CG1 HG12 sing N N 442 
VAL CG1 HG13 sing N N 443 
VAL CG2 HG21 sing N N 444 
VAL CG2 HG22 sing N N 445 
VAL CG2 HG23 sing N N 446 
VAL OXT HXT  sing N N 447 
# 
_pdbx_audit_support.funding_organization   'Not funded' 
_pdbx_audit_support.country                ? 
_pdbx_audit_support.grant_number           ? 
_pdbx_audit_support.ordinal                1 
# 
_pdbx_entity_instance_feature.ordinal        1 
_pdbx_entity_instance_feature.comp_id        98F 
_pdbx_entity_instance_feature.asym_id        ? 
_pdbx_entity_instance_feature.seq_num        ? 
_pdbx_entity_instance_feature.auth_comp_id   98F 
_pdbx_entity_instance_feature.auth_asym_id   ? 
_pdbx_entity_instance_feature.auth_seq_num   ? 
_pdbx_entity_instance_feature.feature_type   'SUBJECT OF INVESTIGATION' 
_pdbx_entity_instance_feature.details        ? 
# 
_pdbx_initial_refinement_model.id               1 
_pdbx_initial_refinement_model.entity_id_list   ? 
_pdbx_initial_refinement_model.type             'experimental model' 
_pdbx_initial_refinement_model.source_name      PDB 
_pdbx_initial_refinement_model.accession_code   4KSY 
_pdbx_initial_refinement_model.details          ? 
# 
_atom_sites.entry_id                    7Q85 
_atom_sites.Cartn_transf_matrix[1][1]   ? 
_atom_sites.Cartn_transf_matrix[1][2]   ? 
_atom_sites.Cartn_transf_matrix[1][3]   ? 
_atom_sites.Cartn_transf_matrix[2][1]   ? 
_atom_sites.Cartn_transf_matrix[2][2]   ? 
_atom_sites.Cartn_transf_matrix[2][3]   ? 
_atom_sites.Cartn_transf_matrix[3][1]   ? 
_atom_sites.Cartn_transf_matrix[3][2]   ? 
_atom_sites.Cartn_transf_matrix[3][3]   ? 
_atom_sites.Cartn_transf_vector[1]      ? 
_atom_sites.Cartn_transf_vector[2]      ? 
_atom_sites.Cartn_transf_vector[3]      ? 
_atom_sites.fract_transf_matrix[1][1]   0.00865947 
_atom_sites.fract_transf_matrix[1][2]   0.00211901 
_atom_sites.fract_transf_matrix[1][3]   0.00127723 
_atom_sites.fract_transf_matrix[2][1]   0.00204303 
_atom_sites.fract_transf_matrix[2][2]   -0.00874639 
_atom_sites.fract_transf_matrix[2][3]   0.00065938 
_atom_sites.fract_transf_matrix[3][1]   0.00441586 
_atom_sites.fract_transf_matrix[3][2]   -0.00108935 
_atom_sites.fract_transf_matrix[3][3]   -0.02813170 
_atom_sites.fract_transf_vector[1]      -0.096427 
_atom_sites.fract_transf_vector[2]      0.264465 
_atom_sites.fract_transf_vector[3]      -0.226400 
_atom_sites.solution_primary            ? 
_atom_sites.solution_secondary          ? 
_atom_sites.solution_hydrogens          ? 
_atom_sites.special_details             ? 
# 
loop_
_atom_type.symbol 
_atom_type.scat_dispersion_real 
_atom_type.scat_dispersion_imag 
_atom_type.scat_Cromer_Mann_a1 
_atom_type.scat_Cromer_Mann_a2 
_atom_type.scat_Cromer_Mann_b1 
_atom_type.scat_Cromer_Mann_b2 
_atom_type.scat_Cromer_Mann_c 
_atom_type.scat_source 
_atom_type.scat_dispersion_source 
C ? ? 3.54356 2.42580 25.62398 1.50364  0.0 
;2-Gaussian fit: Grosse-Kunstleve RW, Sauter NK, Adams PD: Newsletter of the IUCr Commission on Crystallographic Computing 2004, 3, 22-31.
;
? 
F ? ? 8.95735 ?       7.27484  ?        0.0 
;1-Gaussian fit: Grosse-Kunstleve RW, Sauter NK, Adams PD: Newsletter of the IUCr Commission on Crystallographic Computing 2004, 3, 22-31.
;
? 
N ? ? 4.01032 2.96436 19.97189 1.75589  0.0 
;2-Gaussian fit: Grosse-Kunstleve RW, Sauter NK, Adams PD: Newsletter of the IUCr Commission on Crystallographic Computing 2004, 3, 22-31.
;
? 
O ? ? 4.49882 3.47563 15.80542 1.70748  0.0 
;2-Gaussian fit: Grosse-Kunstleve RW, Sauter NK, Adams PD: Newsletter of the IUCr Commission on Crystallographic Computing 2004, 3, 22-31.
;
? 
P ? ? 9.51135 5.44231 1.42069  35.72801 0.0 
;2-Gaussian fit: Grosse-Kunstleve RW, Sauter NK, Adams PD: Newsletter of the IUCr Commission on Crystallographic Computing 2004, 3, 22-31.
;
? 
S ? ? 9.55732 6.39887 1.23737  29.19336 0.0 
;2-Gaussian fit: Grosse-Kunstleve RW, Sauter NK, Adams PD: Newsletter of the IUCr Commission on Crystallographic Computing 2004, 3, 22-31.
;
? 
# 
loop_
_atom_site.group_PDB 
_atom_site.id 
_atom_site.type_symbol 
_atom_site.label_atom_id 
_atom_site.label_alt_id 
_atom_site.label_comp_id 
_atom_site.label_asym_id 
_atom_site.label_entity_id 
_atom_site.label_seq_id 
_atom_site.pdbx_PDB_ins_code 
_atom_site.Cartn_x 
_atom_site.Cartn_y 
_atom_site.Cartn_z 
_atom_site.occupancy 
_atom_site.B_iso_or_equiv 
_atom_site.pdbx_formal_charge 
_atom_site.auth_seq_id 
_atom_site.auth_comp_id 
_atom_site.auth_asym_id 
_atom_site.auth_atom_id 
_atom_site.pdbx_PDB_model_num 
ATOM   1    N N   . ASN A 1 15  ? -18.68552 -11.94094 -0.14050  1.000 51.83525  ? 154 ASN A N   1 
ATOM   2    C CA  . ASN A 1 15  ? -17.42240 -11.52636 -0.74030  1.000 55.24757  ? 154 ASN A CA  1 
ATOM   3    C C   . ASN A 1 15  ? -17.33550 -10.01554 -0.92395  1.000 54.75023  ? 154 ASN A C   1 
ATOM   4    O O   . ASN A 1 15  ? -17.27207 -9.51610  -2.04863  1.000 51.87929  ? 154 ASN A O   1 
ATOM   5    C CB  . ASN A 1 15  ? -17.21917 -12.22685 -2.08426  1.000 64.62034  ? 154 ASN A CB  1 
ATOM   6    C CG  . ASN A 1 15  ? -16.99403 -13.71866 -1.93240  1.000 80.15983  ? 154 ASN A CG  1 
ATOM   7    O OD1 . ASN A 1 15  ? -16.63013 -14.19708 -0.85592  1.000 74.64828  ? 154 ASN A OD1 1 
ATOM   8    N ND2 . ASN A 1 15  ? -17.20660 -14.46352 -3.01373  1.000 77.84457  ? 154 ASN A ND2 1 
ATOM   9    N N   . VAL A 1 16  ? -17.32585 -9.29675  0.19441   1.000 49.41633  ? 155 VAL A N   1 
ATOM   10   C CA  . VAL A 1 16  ? -17.25174 -7.83996  0.19420   1.000 50.78380  ? 155 VAL A CA  1 
ATOM   11   C C   . VAL A 1 16  ? -15.91463 -7.35488  -0.38254  1.000 42.30522  ? 155 VAL A C   1 
ATOM   12   O O   . VAL A 1 16  ? -15.83772 -6.29452  -1.00615  1.000 37.05541  ? 155 VAL A O   1 
ATOM   13   C CB  . VAL A 1 16  ? -17.45693 -7.28622  1.63268   1.000 43.25487  ? 155 VAL A CB  1 
ATOM   14   C CG1 . VAL A 1 16  ? -16.56182 -8.02143  2.61508   1.000 48.42303  ? 155 VAL A CG1 1 
ATOM   15   C CG2 . VAL A 1 16  ? -17.22191 -5.77864  1.69831   1.000 37.12848  ? 155 VAL A CG2 1 
ATOM   16   N N   . ALA A 1 17  ? -14.87148 -8.15660  -0.19484  1.000 46.54135  ? 156 ALA A N   1 
ATOM   17   C CA  . ALA A 1 17  ? -13.52296 -7.79234  -0.62025  1.000 43.50608  ? 156 ALA A CA  1 
ATOM   18   C C   . ALA A 1 17  ? -13.40484 -7.61828  -2.13299  1.000 43.37141  ? 156 ALA A C   1 
ATOM   19   O O   . ALA A 1 17  ? -12.57618 -6.84267  -2.60732  1.000 40.48750  ? 156 ALA A O   1 
ATOM   20   C CB  . ALA A 1 17  ? -12.53559 -8.82934  -0.14350  1.000 38.29744  ? 156 ALA A CB  1 
ATOM   21   N N   . HIS A 1 18  ? -14.22797 -8.34680  -2.88129  1.000 47.00406  ? 157 HIS A N   1 
ATOM   22   C CA  . HIS A 1 18  ? -14.23263 -8.25282  -4.33828  1.000 45.00840  ? 157 HIS A CA  1 
ATOM   23   C C   . HIS A 1 18  ? -14.48776 -6.81804  -4.79856  1.000 42.76697  ? 157 HIS A C   1 
ATOM   24   O O   . HIS A 1 18  ? -13.72725 -6.26371  -5.59309  1.000 42.35496  ? 157 HIS A O   1 
ATOM   25   C CB  . HIS A 1 18  ? -15.28517 -9.19477  -4.92591  1.000 38.47534  ? 157 HIS A CB  1 
ATOM   26   C CG  . HIS A 1 18  ? -15.48997 -9.03166  -6.40281  1.000 43.74006  ? 157 HIS A CG  1 
ATOM   27   N ND1 . HIS A 1 18  ? -14.65299 -9.59848  -7.33641  1.000 40.34701  ? 157 HIS A ND1 1 
ATOM   28   C CD2 . HIS A 1 18  ? -16.44485 -8.36915  -7.09903  1.000 40.27263  ? 157 HIS A CD2 1 
ATOM   29   C CE1 . HIS A 1 18  ? -15.08065 -9.29055  -8.55102  1.000 41.06960  ? 157 HIS A CE1 1 
ATOM   30   N NE2 . HIS A 1 18  ? -16.16614 -8.54672  -8.43315  1.000 38.78788  ? 157 HIS A NE2 1 
ATOM   31   N N   . GLY A 1 19  ? -15.55315 -6.21949  -4.27989  1.000 42.04545  ? 158 GLY A N   1 
ATOM   32   C CA  . GLY A 1 19  ? -15.91147 -4.85683  -4.62594  1.000 35.93034  ? 158 GLY A CA  1 
ATOM   33   C C   . GLY A 1 19  ? -14.89420 -3.84443  -4.14180  1.000 40.08659  ? 158 GLY A C   1 
ATOM   34   O O   . GLY A 1 19  ? -14.59788 -2.87444  -4.84092  1.000 45.20935  ? 158 GLY A O   1 
ATOM   35   N N   . LEU A 1 20  ? -14.35543 -4.06719  -2.94749  1.000 32.08105  ? 159 LEU A N   1 
ATOM   36   C CA  . LEU A 1 20  ? -13.37554 -3.15059  -2.37535  1.000 38.41982  ? 159 LEU A CA  1 
ATOM   37   C C   . LEU A 1 20  ? -12.10411 -3.10950  -3.21567  1.000 42.31103  ? 159 LEU A C   1 
ATOM   38   O O   . LEU A 1 20  ? -11.55884 -2.03360  -3.47260  1.000 41.91663  ? 159 LEU A O   1 
ATOM   39   C CB  . LEU A 1 20  ? -13.03760 -3.54274  -0.93452  1.000 39.08038  ? 159 LEU A CB  1 
ATOM   40   C CG  . LEU A 1 20  ? -14.17517 -3.51592  0.09133   1.000 47.06452  ? 159 LEU A CG  1 
ATOM   41   C CD1 . LEU A 1 20  ? -13.61768 -3.50010  1.51030   1.000 36.96311  ? 159 LEU A CD1 1 
ATOM   42   C CD2 . LEU A 1 20  ? -15.11199 -2.33313  -0.13799  1.000 34.62217  ? 159 LEU A CD2 1 
ATOM   43   N N   . ALA A 1 21  ? -11.64011 -4.28214  -3.64039  1.000 35.60056  ? 160 ALA A N   1 
ATOM   44   C CA  . ALA A 1 21  ? -10.45584 -4.38331  -4.48585  1.000 36.01187  ? 160 ALA A CA  1 
ATOM   45   C C   . ALA A 1 21  ? -10.66761 -3.62352  -5.78435  1.000 34.78304  ? 160 ALA A C   1 
ATOM   46   O O   . ALA A 1 21  ? -9.77990  -2.91540  -6.25793  1.000 38.97646  ? 160 ALA A O   1 
ATOM   47   C CB  . ALA A 1 21  ? -10.12015 -5.84396  -4.76862  1.000 36.47274  ? 160 ALA A CB  1 
ATOM   48   N N   . TRP A 1 22  ? -11.86026 -3.76630  -6.34590  1.000 33.17405  ? 161 TRP A N   1 
ATOM   49   C CA  . TRP A 1 22  ? -12.20075 -3.10036  -7.58906  1.000 33.69233  ? 161 TRP A CA  1 
ATOM   50   C C   . TRP A 1 22  ? -12.32071 -1.59108  -7.42524  1.000 42.29965  ? 161 TRP A C   1 
ATOM   51   O O   . TRP A 1 22  ? -11.88725 -0.83573  -8.29611  1.000 43.09552  ? 161 TRP A O   1 
ATOM   52   C CB  . TRP A 1 22  ? -13.49283 -3.68470  -8.15418  1.000 37.90446  ? 161 TRP A CB  1 
ATOM   53   C CG  . TRP A 1 22  ? -13.19606 -4.79187  -9.09088  1.000 43.40346  ? 161 TRP A CG  1 
ATOM   54   C CD1 . TRP A 1 22  ? -13.26608 -6.12968  -8.83633  1.000 45.57128  ? 161 TRP A CD1 1 
ATOM   55   C CD2 . TRP A 1 22  ? -12.71963 -4.66013  -10.43127 1.000 44.04645  ? 161 TRP A CD2 1 
ATOM   56   N NE1 . TRP A 1 22  ? -12.88257 -6.84049  -9.94696  1.000 47.23999  ? 161 TRP A NE1 1 
ATOM   57   C CE2 . TRP A 1 22  ? -12.53767 -5.95868  -10.94198 1.000 46.52237  ? 161 TRP A CE2 1 
ATOM   58   C CE3 . TRP A 1 22  ? -12.43436 -3.56843  -11.25739 1.000 42.10544  ? 161 TRP A CE3 1 
ATOM   59   C CZ2 . TRP A 1 22  ? -12.08633 -6.19709  -12.23855 1.000 49.29068  ? 161 TRP A CZ2 1 
ATOM   60   C CZ3 . TRP A 1 22  ? -11.98852 -3.80325  -12.54381 1.000 47.90262  ? 161 TRP A CZ3 1 
ATOM   61   C CH2 . TRP A 1 22  ? -11.82095 -5.10802  -13.02413 1.000 45.23657  ? 161 TRP A CH2 1 
ATOM   62   N N   . SER A 1 23  ? -12.89775 -1.14969  -6.31125  1.000 40.38654  ? 162 SER A N   1 
ATOM   63   C CA  . SER A 1 23  ? -13.00822 0.27816   -6.04149  1.000 44.40833  ? 162 SER A CA  1 
ATOM   64   C C   . SER A 1 23  ? -11.62247 0.83865   -5.76869  1.000 33.26559  ? 162 SER A C   1 
ATOM   65   O O   . SER A 1 23  ? -11.33226 1.99321   -6.07680  1.000 36.17291  ? 162 SER A O   1 
ATOM   66   C CB  . SER A 1 23  ? -13.94357 0.55160   -4.85670  1.000 36.22487  ? 162 SER A CB  1 
ATOM   67   O OG  . SER A 1 23  ? -13.23194 0.58340   -3.63498  1.000 47.62720  ? 162 SER A OG  1 
ATOM   68   N N   . TYR A 1 24  ? -10.76835 0.00055   -5.19089  1.000 34.03123  ? 163 TYR A N   1 
ATOM   69   C CA  . TYR A 1 24  ? -9.38841  0.37459   -4.91482  1.000 37.29089  ? 163 TYR A CA  1 
ATOM   70   C C   . TYR A 1 24  ? -8.64957  0.67161   -6.21434  1.000 42.80968  ? 163 TYR A C   1 
ATOM   71   O O   . TYR A 1 24  ? -7.86083  1.60800   -6.28988  1.000 43.49446  ? 163 TYR A O   1 
ATOM   72   C CB  . TYR A 1 24  ? -8.68387  -0.73589  -4.14026  1.000 34.94558  ? 163 TYR A CB  1 
ATOM   73   C CG  . TYR A 1 24  ? -7.29677  -0.39016  -3.64722  1.000 40.21402  ? 163 TYR A CG  1 
ATOM   74   C CD1 . TYR A 1 24  ? -7.07963  0.72088   -2.84475  1.000 41.37728  ? 163 TYR A CD1 1 
ATOM   75   C CD2 . TYR A 1 24  ? -6.20725  -1.19777  -3.95445  1.000 33.02949  ? 163 TYR A CD2 1 
ATOM   76   C CE1 . TYR A 1 24  ? -5.81182  1.02963   -2.37710  1.000 41.48578  ? 163 TYR A CE1 1 
ATOM   77   C CE2 . TYR A 1 24  ? -4.93781  -0.89722  -3.49129  1.000 34.66216  ? 163 TYR A CE2 1 
ATOM   78   C CZ  . TYR A 1 24  ? -4.74624  0.21699   -2.70411  1.000 39.78415  ? 163 TYR A CZ  1 
ATOM   79   O OH  . TYR A 1 24  ? -3.48654  0.52257   -2.23963  1.000 41.60259  ? 163 TYR A OH  1 
ATOM   80   N N   . TYR A 1 25  ? -8.90958  -0.13646  -7.23583  1.000 37.98698  ? 164 TYR A N   1 
ATOM   81   C CA  . TYR A 1 25  ? -8.28729  0.06330   -8.53570  1.000 45.09379  ? 164 TYR A CA  1 
ATOM   82   C C   . TYR A 1 25  ? -8.92692  1.21974   -9.29780  1.000 38.85855  ? 164 TYR A C   1 
ATOM   83   O O   . TYR A 1 25  ? -8.23428  2.10831   -9.79177  1.000 43.53545  ? 164 TYR A O   1 
ATOM   84   C CB  . TYR A 1 25  ? -8.36884  -1.22268  -9.36076  1.000 42.06807  ? 164 TYR A CB  1 
ATOM   85   C CG  . TYR A 1 25  ? -8.07797  -1.03601  -10.83168 1.000 43.51099  ? 164 TYR A CG  1 
ATOM   86   C CD1 . TYR A 1 25  ? -6.78808  -0.77568  -11.27949 1.000 43.88421  ? 164 TYR A CD1 1 
ATOM   87   C CD2 . TYR A 1 25  ? -9.09248  -1.13619  -11.77616 1.000 37.41204  ? 164 TYR A CD2 1 
ATOM   88   C CE1 . TYR A 1 25  ? -6.51909  -0.61074  -12.62942 1.000 42.00448  ? 164 TYR A CE1 1 
ATOM   89   C CE2 . TYR A 1 25  ? -8.83357  -0.97349  -13.12455 1.000 40.96674  ? 164 TYR A CE2 1 
ATOM   90   C CZ  . TYR A 1 25  ? -7.54691  -0.71189  -13.54556 1.000 42.31173  ? 164 TYR A CZ  1 
ATOM   91   O OH  . TYR A 1 25  ? -7.29505  -0.55259  -14.88986 1.000 53.10793  ? 164 TYR A OH  1 
ATOM   92   N N   . ILE A 1 26  ? -10.25209 1.20485   -9.37760  1.000 34.77554  ? 165 ILE A N   1 
ATOM   93   C CA  . ILE A 1 26  ? -10.99639 2.20201   -10.13881 1.000 44.56592  ? 165 ILE A CA  1 
ATOM   94   C C   . ILE A 1 26  ? -10.86003 3.61291   -9.56121  1.000 45.01594  ? 165 ILE A C   1 
ATOM   95   O O   . ILE A 1 26  ? -10.69140 4.58504   -10.30072 1.000 47.30562  ? 165 ILE A O   1 
ATOM   96   C CB  . ILE A 1 26  ? -12.49026 1.82696   -10.21190 1.000 45.13407  ? 165 ILE A CB  1 
ATOM   97   C CG1 . ILE A 1 26  ? -12.68590 0.61562   -11.12765 1.000 42.59113  ? 165 ILE A CG1 1 
ATOM   98   C CG2 . ILE A 1 26  ? -13.32513 3.00749   -10.69154 1.000 37.12354  ? 165 ILE A CG2 1 
ATOM   99   C CD1 . ILE A 1 26  ? -14.10079 0.08817   -11.14495 1.000 38.52473  ? 165 ILE A CD1 1 
ATOM   100  N N   . GLY A 1 27  ? -10.91584 3.72102   -8.24107  1.000 37.00183  ? 166 GLY A N   1 
ATOM   101  C CA  . GLY A 1 27  ? -10.90533 5.02454   -7.60512  1.000 44.36515  ? 166 GLY A CA  1 
ATOM   102  C C   . GLY A 1 27  ? -9.54268  5.53107   -7.17076  1.000 44.31395  ? 166 GLY A C   1 
ATOM   103  O O   . GLY A 1 27  ? -9.41738  6.68473   -6.76119  1.000 46.08535  ? 166 GLY A O   1 
ATOM   104  N N   . TYR A 1 28  ? -8.52505  4.67599   -7.22913  1.000 36.05366  ? 167 TYR A N   1 
ATOM   105  C CA  . TYR A 1 28  ? -7.19480  5.07622   -6.77953  1.000 40.67306  ? 167 TYR A CA  1 
ATOM   106  C C   . TYR A 1 28  ? -6.06655  4.71923   -7.74442  1.000 45.30362  ? 167 TYR A C   1 
ATOM   107  O O   . TYR A 1 28  ? -5.47236  5.59511   -8.37491  1.000 39.43375  ? 167 TYR A O   1 
ATOM   108  C CB  . TYR A 1 28  ? -6.91141  4.44910   -5.41819  1.000 38.40944  ? 167 TYR A CB  1 
ATOM   109  C CG  . TYR A 1 28  ? -5.66181  4.95129   -4.73196  1.000 40.19972  ? 167 TYR A CG  1 
ATOM   110  C CD1 . TYR A 1 28  ? -5.45761  6.30932   -4.51950  1.000 42.64707  ? 167 TYR A CD1 1 
ATOM   111  C CD2 . TYR A 1 28  ? -4.69844  4.06497   -4.27190  1.000 35.69256  ? 167 TYR A CD2 1 
ATOM   112  C CE1 . TYR A 1 28  ? -4.32187  6.76817   -3.87783  1.000 41.31172  ? 167 TYR A CE1 1 
ATOM   113  C CE2 . TYR A 1 28  ? -3.56248  4.51228   -3.63379  1.000 42.31862  ? 167 TYR A CE2 1 
ATOM   114  C CZ  . TYR A 1 28  ? -3.37911  5.86319   -3.43750  1.000 38.88957  ? 167 TYR A CZ  1 
ATOM   115  O OH  . TYR A 1 28  ? -2.24221  6.30339   -2.80099  1.000 44.53005  ? 167 TYR A OH  1 
ATOM   116  N N   . LEU A 1 29  ? -5.78267  3.42440   -7.85232  1.000 35.71446  ? 168 LEU A N   1 
ATOM   117  C CA  . LEU A 1 29  ? -4.60792  2.95146   -8.57344  1.000 41.48140  ? 168 LEU A CA  1 
ATOM   118  C C   . LEU A 1 29  ? -4.60998  3.36442   -10.04137 1.000 42.27287  ? 168 LEU A C   1 
ATOM   119  O O   . LEU A 1 29  ? -3.60694  3.85500   -10.54819 1.000 43.85869  ? 168 LEU A O   1 
ATOM   120  C CB  . LEU A 1 29  ? -4.49223  1.42906   -8.46088  1.000 45.96326  ? 168 LEU A CB  1 
ATOM   121  C CG  . LEU A 1 29  ? -4.14384  0.89660   -7.06970  1.000 38.49129  ? 168 LEU A CG  1 
ATOM   122  C CD1 . LEU A 1 29  ? -3.85530  -0.59299  -7.12577  1.000 42.33772  ? 168 LEU A CD1 1 
ATOM   123  C CD2 . LEU A 1 29  ? -2.96025  1.65185   -6.48264  1.000 33.49395  ? 168 LEU A CD2 1 
ATOM   124  N N   . ARG A 1 30  ? -5.73357  3.17818   -10.72411 1.000 45.47105  ? 169 ARG A N   1 
ATOM   125  C CA  . ARG A 1 30  ? -5.79106  3.51739   -12.13811 1.000 43.46617  ? 169 ARG A CA  1 
ATOM   126  C C   . ARG A 1 30  ? -5.68130  5.02559   -12.34541 1.000 48.02986  ? 169 ARG A C   1 
ATOM   127  O O   . ARG A 1 30  ? -5.36735  5.48457   -13.44440 1.000 45.13323  ? 169 ARG A O   1 
ATOM   128  C CB  . ARG A 1 30  ? -7.07578  2.99318   -12.77532 1.000 44.07162  ? 169 ARG A CB  1 
ATOM   129  C CG  . ARG A 1 30  ? -8.29337  3.84619   -12.50716 1.000 51.78489  ? 169 ARG A CG  1 
ATOM   130  C CD  . ARG A 1 30  ? -9.38661  3.55483   -13.51738 1.000 49.95798  ? 169 ARG A CD  1 
ATOM   131  N NE  . ARG A 1 30  ? -10.60853 4.29456   -13.22223 1.000 53.62730  ? 169 ARG A NE  1 
ATOM   132  C CZ  . ARG A 1 30  ? -11.67736 4.30381   -14.00828 1.000 51.94132  ? 169 ARG A CZ  1 
ATOM   133  N NH1 . ARG A 1 30  ? -11.67112 3.61344   -15.14043 1.000 52.17842  ? 169 ARG A NH1 1 
ATOM   134  N NH2 . ARG A 1 30  ? -12.75070 5.00166   -13.66386 1.000 53.24489  ? 169 ARG A NH2 1 
ATOM   135  N N   . LEU A 1 31  ? -5.96195  5.79677   -11.29897 1.000 45.13576  ? 170 LEU A N   1 
ATOM   136  C CA  . LEU A 1 31  ? -5.78563  7.24335   -11.36884 1.000 48.15669  ? 170 LEU A CA  1 
ATOM   137  C C   . LEU A 1 31  ? -4.33195  7.66938   -11.16424 1.000 43.17031  ? 170 LEU A C   1 
ATOM   138  O O   . LEU A 1 31  ? -3.79587  8.45885   -11.94131 1.000 50.04924  ? 170 LEU A O   1 
ATOM   139  C CB  . LEU A 1 31  ? -6.67473  7.94653   -10.33626 1.000 40.35143  ? 170 LEU A CB  1 
ATOM   140  C CG  . LEU A 1 31  ? -8.18601  7.69316   -10.38032 1.000 46.41743  ? 170 LEU A CG  1 
ATOM   141  C CD1 . LEU A 1 31  ? -8.92238  8.65486   -9.45128  1.000 44.00437  ? 170 LEU A CD1 1 
ATOM   142  C CD2 . LEU A 1 31  ? -8.72998  7.78853   -11.80047 1.000 41.46676  ? 170 LEU A CD2 1 
ATOM   143  N N   . ILE A 1 32  ? -3.70009  7.16241   -10.10842 1.000 40.83003  ? 171 ILE A N   1 
ATOM   144  C CA  . ILE A 1 32  ? -2.37952  7.66026   -9.72692  1.000 46.34993  ? 171 ILE A CA  1 
ATOM   145  C C   . ILE A 1 32  ? -1.17783  6.93239   -10.33468 1.000 43.16972  ? 171 ILE A C   1 
ATOM   146  O O   . ILE A 1 32  ? -0.07543  7.47022   -10.33137 1.000 43.68519  ? 171 ILE A O   1 
ATOM   147  C CB  . ILE A 1 32  ? -2.20324  7.62837   -8.19677  1.000 42.31865  ? 171 ILE A CB  1 
ATOM   148  C CG1 . ILE A 1 32  ? -2.16739  6.18465   -7.69459  1.000 39.55444  ? 171 ILE A CG1 1 
ATOM   149  C CG2 . ILE A 1 32  ? -3.31144  8.41955   -7.51703  1.000 43.26900  ? 171 ILE A CG2 1 
ATOM   150  C CD1 . ILE A 1 32  ? -1.51778  6.03329   -6.33370  1.000 38.86763  ? 171 ILE A CD1 1 
ATOM   151  N N   . LEU A 1 33  ? -1.37795  5.72706   -10.85630 1.000 44.83897  ? 172 LEU A N   1 
ATOM   152  C CA  . LEU A 1 33  ? -0.26649  4.97068   -11.43963 1.000 49.64405  ? 172 LEU A CA  1 
ATOM   153  C C   . LEU A 1 33  ? 0.25742   5.57909   -12.75051 1.000 51.64859  ? 172 LEU A C   1 
ATOM   154  O O   . LEU A 1 33  ? 1.47054   5.64065   -12.94740 1.000 55.33647  ? 172 LEU A O   1 
ATOM   155  C CB  . LEU A 1 33  ? -0.65313  3.50090   -11.65411 1.000 41.67454  ? 172 LEU A CB  1 
ATOM   156  C CG  . LEU A 1 33  ? -0.74518  2.63554   -10.39110 1.000 46.90254  ? 172 LEU A CG  1 
ATOM   157  C CD1 . LEU A 1 33  ? -1.08727  1.19000   -10.73628 1.000 44.10410  ? 172 LEU A CD1 1 
ATOM   158  C CD2 . LEU A 1 33  ? 0.53381   2.71559   -9.56336  1.000 44.94516  ? 172 LEU A CD2 1 
ATOM   159  N N   . PRO A 1 34  ? -0.64049  6.01341   -13.65889 1.000 43.28290  ? 173 PRO A N   1 
ATOM   160  C CA  . PRO A 1 34  ? -0.10791  6.67882   -14.85514 1.000 51.62966  ? 173 PRO A CA  1 
ATOM   161  C C   . PRO A 1 34  ? 0.73013   7.92505   -14.55203 1.000 49.99748  ? 173 PRO A C   1 
ATOM   162  O O   . PRO A 1 34  ? 1.60165   8.27900   -15.34366 1.000 58.46147  ? 173 PRO A O   1 
ATOM   163  C CB  . PRO A 1 34  ? -1.37286  7.06126   -15.62869 1.000 48.32172  ? 173 PRO A CB  1 
ATOM   164  C CG  . PRO A 1 34  ? -2.37378  6.04233   -15.22567 1.000 40.65677  ? 173 PRO A CG  1 
ATOM   165  C CD  . PRO A 1 34  ? -2.09215  5.77675   -13.77529 1.000 45.15705  ? 173 PRO A CD  1 
ATOM   166  N N   . GLU A 1 35  ? 0.46237   8.57859   -13.42607 1.000 49.12372  ? 174 GLU A N   1 
ATOM   167  C CA  . GLU A 1 35  ? 1.16988   9.80395   -13.06363 1.000 51.35673  ? 174 GLU A CA  1 
ATOM   168  C C   . GLU A 1 35  ? 2.33343   9.58194   -12.10151 1.000 54.45962  ? 174 GLU A C   1 
ATOM   169  O O   . GLU A 1 35  ? 3.05753   10.52324  -11.77510 1.000 58.60179  ? 174 GLU A O   1 
ATOM   170  C CB  . GLU A 1 35  ? 0.19493   10.80823  -12.44213 1.000 49.25307  ? 174 GLU A CB  1 
ATOM   171  C CG  . GLU A 1 35  ? -0.83492  11.35677  -13.40706 1.000 55.91608  ? 174 GLU A CG  1 
ATOM   172  C CD  . GLU A 1 35  ? -0.21137  12.21797  -14.48720 1.000 65.09042  ? 174 GLU A CD  1 
ATOM   173  O OE1 . GLU A 1 35  ? 0.88438   12.76978  -14.25046 1.000 75.41233  ? 174 GLU A OE1 1 
ATOM   174  O OE2 . GLU A 1 35  ? -0.81601  12.33876  -15.57343 1.000 71.95681  ? 174 GLU A OE2 1 
ATOM   175  N N   . LEU A 1 36  ? 2.51926   8.34375   -11.65972 1.000 47.52636  ? 175 LEU A N   1 
ATOM   176  C CA  . LEU A 1 36  ? 3.41969   8.06267   -10.54313 1.000 52.01166  ? 175 LEU A CA  1 
ATOM   177  C C   . LEU A 1 36  ? 4.89533   8.30017   -10.85859 1.000 51.52777  ? 175 LEU A C   1 
ATOM   178  O O   . LEU A 1 36  ? 5.59301   8.97943   -10.10174 1.000 53.61913  ? 175 LEU A O   1 
ATOM   179  C CB  . LEU A 1 36  ? 3.23643   6.61948   -10.06523 1.000 42.47375  ? 175 LEU A CB  1 
ATOM   180  C CG  . LEU A 1 36  ? 4.09668   6.24647   -8.85516  1.000 41.81665  ? 175 LEU A CG  1 
ATOM   181  C CD1 . LEU A 1 36  ? 3.57803   6.91978   -7.59106  1.000 42.63271  ? 175 LEU A CD1 1 
ATOM   182  C CD2 . LEU A 1 36  ? 4.17415   4.74138   -8.68139  1.000 48.77592  ? 175 LEU A CD2 1 
ATOM   183  N N   . GLN A 1 37  ? 5.36991   7.73162   -11.96247 1.000 48.86864  ? 176 GLN A N   1 
ATOM   184  C CA  . GLN A 1 37  ? 6.78712   7.80405   -12.30603 1.000 58.02879  ? 176 GLN A CA  1 
ATOM   185  C C   . GLN A 1 37  ? 7.22719   9.24435   -12.53888 1.000 60.43119  ? 176 GLN A C   1 
ATOM   186  O O   . GLN A 1 37  ? 8.32140   9.63936   -12.13728 1.000 65.75432  ? 176 GLN A O   1 
ATOM   187  C CB  . GLN A 1 37  ? 7.08524   6.94574   -13.53782 1.000 62.66370  ? 176 GLN A CB  1 
ATOM   188  C CG  . GLN A 1 37  ? 6.94451   5.44808   -13.28614 1.000 65.87048  ? 176 GLN A CG  1 
ATOM   189  C CD  . GLN A 1 37  ? 7.19145   4.60995   -14.52877 1.000 77.79070  ? 176 GLN A CD  1 
ATOM   190  O OE1 . GLN A 1 37  ? 7.60797   5.12321   -15.56716 1.000 88.74576  ? 176 GLN A OE1 1 
ATOM   191  N NE2 . GLN A 1 37  ? 6.93484   3.30982   -14.42551 1.000 63.83842  ? 176 GLN A NE2 1 
ATOM   192  N N   . ALA A 1 38  ? 6.36046   10.02787  -13.17327 1.000 64.96792  ? 177 ALA A N   1 
ATOM   193  C CA  . ALA A 1 38  ? 6.63536   11.43916  -13.41573 1.000 57.22180  ? 177 ALA A CA  1 
ATOM   194  C C   . ALA A 1 38  ? 6.78766   12.20683  -12.10467 1.000 62.70903  ? 177 ALA A C   1 
ATOM   195  O O   . ALA A 1 38  ? 7.64772   13.07787  -11.98415 1.000 66.63639  ? 177 ALA A O   1 
ATOM   196  C CB  . ALA A 1 38  ? 5.53422   12.05187  -14.26467 1.000 64.20474  ? 177 ALA A CB  1 
ATOM   197  N N   . ARG A 1 39  ? 5.95087   11.87824  -11.12522 1.000 58.62082  ? 178 ARG A N   1 
ATOM   198  C CA  . ARG A 1 39  ? 6.00559   12.53088  -9.82199  1.000 55.26357  ? 178 ARG A CA  1 
ATOM   199  C C   . ARG A 1 39  ? 7.23663   12.09715  -9.03658  1.000 60.29654  ? 178 ARG A C   1 
ATOM   200  O O   . ARG A 1 39  ? 7.78233   12.86612  -8.24426  1.000 55.67762  ? 178 ARG A O   1 
ATOM   201  C CB  . ARG A 1 39  ? 4.74009   12.23210  -9.01735  1.000 54.59682  ? 178 ARG A CB  1 
ATOM   202  C CG  . ARG A 1 39  ? 3.48781   12.88711  -9.57458  1.000 59.18152  ? 178 ARG A CG  1 
ATOM   203  C CD  . ARG A 1 39  ? 2.24309   12.38719  -8.86627  1.000 45.91710  ? 178 ARG A CD  1 
ATOM   204  N NE  . ARG A 1 39  ? 2.31410   12.58676  -7.42239  1.000 40.20154  ? 178 ARG A NE  1 
ATOM   205  C CZ  . ARG A 1 39  ? 1.90975   11.69059  -6.52934  1.000 43.81350  ? 178 ARG A CZ  1 
ATOM   206  N NH1 . ARG A 1 39  ? 1.40819   10.52870  -6.93383  1.000 39.26577  ? 178 ARG A NH1 1 
ATOM   207  N NH2 . ARG A 1 39  ? 2.00548   11.95389  -5.23194  1.000 40.65641  ? 178 ARG A NH2 1 
ATOM   208  N N   . ILE A 1 40  ? 7.66611   10.85768  -9.25748  1.000 61.57987  ? 179 ILE A N   1 
ATOM   209  C CA  . ILE A 1 40  ? 8.87484   10.34340  -8.62440  1.000 66.82726  ? 179 ILE A CA  1 
ATOM   210  C C   . ILE A 1 40  ? 10.10568  11.01303  -9.22395  1.000 61.46160  ? 179 ILE A C   1 
ATOM   211  O O   . ILE A 1 40  ? 10.98411  11.48384  -8.50056  1.000 63.05864  ? 179 ILE A O   1 
ATOM   212  C CB  . ILE A 1 40  ? 8.99060   8.81354   -8.77491  1.000 58.86962  ? 179 ILE A CB  1 
ATOM   213  C CG1 . ILE A 1 40  ? 7.92282   8.11836   -7.92692  1.000 58.53649  ? 179 ILE A CG1 1 
ATOM   214  C CG2 . ILE A 1 40  ? 10.37427  8.33883   -8.36408  1.000 61.83473  ? 179 ILE A CG2 1 
ATOM   215  C CD1 . ILE A 1 40  ? 7.88525   6.61825   -8.09556  1.000 56.24725  ? 179 ILE A CD1 1 
ATOM   216  N N   . ARG A 1 41  ? 10.15091  11.05523  -10.55259 1.000 65.60534  ? 180 ARG A N   1 
ATOM   217  C CA  . ARG A 1 41  ? 11.23683  11.70280  -11.28243 1.000 72.18844  ? 180 ARG A CA  1 
ATOM   218  C C   . ARG A 1 41  ? 11.44895  13.14857  -10.83205 1.000 72.79734  ? 180 ARG A C   1 
ATOM   219  O O   . ARG A 1 41  ? 12.58308  13.58664  -10.63857 1.000 78.88801  ? 180 ARG A O   1 
ATOM   220  C CB  . ARG A 1 41  ? 10.95616  11.64934  -12.78818 1.000 67.29475  ? 180 ARG A CB  1 
ATOM   221  C CG  . ARG A 1 41  ? 11.78333  12.60913  -13.62846 1.000 81.51512  ? 180 ARG A CG  1 
ATOM   222  C CD  . ARG A 1 41  ? 10.96249  13.81956  -14.05540 1.000 81.87636  ? 180 ARG A CD  1 
ATOM   223  N NE  . ARG A 1 41  ? 9.89039   13.45732  -14.97852 1.000 85.52400  ? 180 ARG A NE  1 
ATOM   224  C CZ  . ARG A 1 41  ? 8.73814   14.11338  -15.08045 1.000 81.61197  ? 180 ARG A CZ  1 
ATOM   225  N NH1 . ARG A 1 41  ? 8.50085   15.16547  -14.30753 1.000 77.77156  ? 180 ARG A NH1 1 
ATOM   226  N NH2 . ARG A 1 41  ? 7.82141   13.71502  -15.95347 1.000 74.29971  ? 180 ARG A NH2 1 
ATOM   227  N N   . THR A 1 42  ? 10.35040  13.87719  -10.65689 1.000 70.09314  ? 181 THR A N   1 
ATOM   228  C CA  . THR A 1 42  ? 10.41000  15.27534  -10.24279 1.000 67.24616  ? 181 THR A CA  1 
ATOM   229  C C   . THR A 1 42  ? 11.03170  15.43041  -8.85560  1.000 69.56302  ? 181 THR A C   1 
ATOM   230  O O   . THR A 1 42  ? 11.80100  16.36005  -8.61889  1.000 82.39589  ? 181 THR A O   1 
ATOM   231  C CB  . THR A 1 42  ? 9.00629   15.92642  -10.24624 1.000 63.09414  ? 181 THR A CB  1 
ATOM   232  O OG1 . THR A 1 42  ? 8.42551   15.80974  -11.55151 1.000 69.00511  ? 181 THR A OG1 1 
ATOM   233  C CG2 . THR A 1 42  ? 9.09013   17.40057  -9.86876  1.000 59.34689  ? 181 THR A CG2 1 
ATOM   234  N N   . TYR A 1 43  ? 10.70820  14.51633  -7.94511  1.000 66.91663  ? 182 TYR A N   1 
ATOM   235  C CA  . TYR A 1 43  ? 11.23935  14.58730  -6.58711  1.000 66.77155  ? 182 TYR A CA  1 
ATOM   236  C C   . TYR A 1 43  ? 12.74971  14.35865  -6.56910  1.000 72.86192  ? 182 TYR A C   1 
ATOM   237  O O   . TYR A 1 43  ? 13.48664  15.05162  -5.86132  1.000 71.80372  ? 182 TYR A O   1 
ATOM   238  C CB  . TYR A 1 43  ? 10.54685  13.57053  -5.67688  1.000 56.13519  ? 182 TYR A CB  1 
ATOM   239  C CG  . TYR A 1 43  ? 11.08062  13.59279  -4.26290  1.000 54.80497  ? 182 TYR A CG  1 
ATOM   240  C CD1 . TYR A 1 43  ? 12.04588  12.68297  -3.84721  1.000 54.70875  ? 182 TYR A CD1 1 
ATOM   241  C CD2 . TYR A 1 43  ? 10.63716  14.54033  -3.35014  1.000 55.11500  ? 182 TYR A CD2 1 
ATOM   242  C CE1 . TYR A 1 43  ? 12.54309  12.70798  -2.55658  1.000 46.88522  ? 182 TYR A CE1 1 
ATOM   243  C CE2 . TYR A 1 43  ? 11.12883  14.57353  -2.05664  1.000 54.43059  ? 182 TYR A CE2 1 
ATOM   244  C CZ  . TYR A 1 43  ? 12.08163  13.65370  -1.66683  1.000 46.38618  ? 182 TYR A CZ  1 
ATOM   245  O OH  . TYR A 1 43  ? 12.58092  13.67545  -0.38486  1.000 61.59700  ? 182 TYR A OH  1 
ATOM   246  N N   . ASN A 1 44  ? 13.20112  13.38656  -7.35405  1.000 68.73818  ? 183 ASN A N   1 
ATOM   247  C CA  . ASN A 1 44  ? 14.61607  13.05003  -7.41977  1.000 71.32599  ? 183 ASN A CA  1 
ATOM   248  C C   . ASN A 1 44  ? 15.46103  14.23750  -7.86291  1.000 84.11654  ? 183 ASN A C   1 
ATOM   249  O O   . ASN A 1 44  ? 16.53111  14.48783  -7.31159  1.000 84.79964  ? 183 ASN A O   1 
ATOM   250  C CB  . ASN A 1 44  ? 14.84372  11.87077  -8.37465  1.000 66.72042  ? 183 ASN A CB  1 
ATOM   251  C CG  . ASN A 1 44  ? 14.39334  10.54612  -7.79133  1.000 66.44595  ? 183 ASN A CG  1 
ATOM   252  O OD1 . ASN A 1 44  ? 14.49471  10.32068  -6.58859  1.000 61.05279  ? 183 ASN A OD1 1 
ATOM   253  N ND2 . ASN A 1 44  ? 13.89475  9.66087   -8.64671  1.000 59.71350  ? 183 ASN A ND2 1 
ATOM   254  N N   . GLN A 1 45  ? 14.98256  14.94251  -8.88409  1.000 80.24994  ? 184 GLN A N   1 
ATOM   255  C CA  . GLN A 1 45  ? 15.67154  16.10735  -9.43087  1.000 75.53083  ? 184 GLN A CA  1 
ATOM   256  C C   . GLN A 1 45  ? 15.56312  17.36837  -8.56680  1.000 78.74385  ? 184 GLN A C   1 
ATOM   257  O O   . GLN A 1 45  ? 16.57423  17.96314  -8.20826  1.000 82.70218  ? 184 GLN A O   1 
ATOM   258  C CB  . GLN A 1 45  ? 15.13217  16.38812  -10.83721 1.000 74.37922  ? 184 GLN A CB  1 
ATOM   259  C CG  . GLN A 1 45  ? 15.25024  15.19543  -11.76724 1.000 72.76482  ? 184 GLN A CG  1 
ATOM   260  C CD  . GLN A 1 45  ? 14.38255  15.31755  -13.00422 1.000 80.57420  ? 184 GLN A CD  1 
ATOM   261  O OE1 . GLN A 1 45  ? 13.55127  16.21790  -13.11386 1.000 85.53986  ? 184 GLN A OE1 1 
ATOM   262  N NE2 . GLN A 1 45  ? 14.56842  14.40155  -13.94344 1.000 74.23746  ? 184 GLN A NE2 1 
ATOM   263  N N   . HIS A 1 46  ? 14.34003  17.76545  -8.22411  1.000 85.40115  ? 185 HIS A N   1 
ATOM   264  C CA  . HIS A 1 46  ? 14.12719  18.97262  -7.42297  1.000 82.86812  ? 185 HIS A CA  1 
ATOM   265  C C   . HIS A 1 46  ? 14.57487  18.78266  -5.97578  1.000 79.45917  ? 185 HIS A C   1 
ATOM   266  O O   . HIS A 1 46  ? 14.68957  19.74988  -5.22030  1.000 84.70670  ? 185 HIS A O   1 
ATOM   267  C CB  . HIS A 1 46  ? 12.65404  19.40012  -7.45905  1.000 85.42031  ? 185 HIS A CB  1 
ATOM   268  C CG  . HIS A 1 46  ? 12.26871  20.13988  -8.70400  1.000 89.37000  ? 185 HIS A CG  1 
ATOM   269  N ND1 . HIS A 1 46  ? 13.17710  20.49082  -9.67712  1.000 93.69780  ? 185 HIS A ND1 1 
ATOM   270  C CD2 . HIS A 1 46  ? 11.06456  20.59658  -9.13153  1.000 94.76584  ? 185 HIS A CD2 1 
ATOM   271  C CE1 . HIS A 1 46  ? 12.55182  21.13098  -10.65300 1.000 100.75277 ? 185 HIS A CE1 1 
ATOM   272  N NE2 . HIS A 1 46  ? 11.27092  21.20624  -10.34339 1.000 107.15084 ? 185 HIS A NE2 1 
ATOM   273  N N   . GLY A 1 53  ? 19.73543  10.12661  -1.44413  1.000 68.96115  ? 192 GLY A N   1 
ATOM   274  C CA  . GLY A 1 53  ? 19.44474  8.89058   -2.14693  1.000 69.38291  ? 192 GLY A CA  1 
ATOM   275  C C   . GLY A 1 53  ? 18.45783  9.07882   -3.28464  1.000 75.90598  ? 192 GLY A C   1 
ATOM   276  O O   . GLY A 1 53  ? 17.99470  10.19104  -3.54121  1.000 75.36945  ? 192 GLY A O   1 
ATOM   277  N N   . ALA A 1 54  ? 18.13471  7.98586   -3.96971  1.000 65.39751  ? 193 ALA A N   1 
ATOM   278  C CA  . ALA A 1 54  ? 17.18129  8.02815   -5.07119  1.000 60.47815  ? 193 ALA A CA  1 
ATOM   279  C C   . ALA A 1 54  ? 15.98591  7.12088   -4.79723  1.000 69.32657  ? 193 ALA A C   1 
ATOM   280  O O   . ALA A 1 54  ? 16.14617  5.96617   -4.39814  1.000 65.16864  ? 193 ALA A O   1 
ATOM   281  C CB  . ALA A 1 54  ? 17.85843  7.63512   -6.37292  1.000 61.31090  ? 193 ALA A CB  1 
ATOM   282  N N   . VAL A 1 55  ? 14.78706  7.65300   -5.01919  1.000 67.24105  ? 194 VAL A N   1 
ATOM   283  C CA  . VAL A 1 55  ? 13.55217  6.91745   -4.77631  1.000 55.34921  ? 194 VAL A CA  1 
ATOM   284  C C   . VAL A 1 55  ? 13.26969  5.92933   -5.90377  1.000 57.80429  ? 194 VAL A C   1 
ATOM   285  O O   . VAL A 1 55  ? 13.45972  6.24760   -7.07855  1.000 62.19592  ? 194 VAL A O   1 
ATOM   286  C CB  . VAL A 1 55  ? 12.35391  7.87959   -4.62281  1.000 54.55531  ? 194 VAL A CB  1 
ATOM   287  C CG1 . VAL A 1 55  ? 11.08395  7.11291   -4.28800  1.000 52.96026  ? 194 VAL A CG1 1 
ATOM   288  C CG2 . VAL A 1 55  ? 12.64584  8.91819   -3.55154  1.000 53.17923  ? 194 VAL A CG2 1 
ATOM   289  N N   . SER A 1 56  ? 12.81671  4.73157   -5.54153  1.000 55.07694  ? 195 SER A N   1 
ATOM   290  C CA  . SER A 1 56  ? 12.47727  3.70516   -6.52247  1.000 46.20170  ? 195 SER A CA  1 
ATOM   291  C C   . SER A 1 56  ? 11.25253  4.10522   -7.33699  1.000 55.61626  ? 195 SER A C   1 
ATOM   292  O O   . SER A 1 56  ? 10.47049  4.95709   -6.91735  1.000 56.18178  ? 195 SER A O   1 
ATOM   293  C CB  . SER A 1 56  ? 12.23899  2.36618   -5.83033  1.000 44.40626  ? 195 SER A CB  1 
ATOM   294  O OG  . SER A 1 56  ? 13.35760  2.01700   -5.03647  1.000 60.27520  ? 195 SER A OG  1 
ATOM   295  N N   . GLN A 1 57  ? 11.09037  3.47931   -8.49908  1.000 57.41895  ? 196 GLN A N   1 
ATOM   296  C CA  . GLN A 1 57  ? 10.06482  3.87577   -9.45947  1.000 61.19479  ? 196 GLN A CA  1 
ATOM   297  C C   . GLN A 1 57  ? 8.72753   3.16402   -9.25284  1.000 63.93308  ? 196 GLN A C   1 
ATOM   298  O O   . GLN A 1 57  ? 7.79535   3.34116   -10.03812 1.000 68.86694  ? 196 GLN A O   1 
ATOM   299  C CB  . GLN A 1 57  ? 10.56091  3.62160   -10.88515 1.000 65.30618  ? 196 GLN A CB  1 
ATOM   300  C CG  . GLN A 1 57  ? 11.86844  4.32256   -11.22469 1.000 63.88040  ? 196 GLN A CG  1 
ATOM   301  C CD  . GLN A 1 57  ? 11.72195  5.83062   -11.30912 1.000 76.46474  ? 196 GLN A CD  1 
ATOM   302  O OE1 . GLN A 1 57  ? 10.65344  6.34543   -11.64569 1.000 75.48524  ? 196 GLN A OE1 1 
ATOM   303  N NE2 . GLN A 1 57  ? 12.79801  6.54790   -11.00186 1.000 73.13387  ? 196 GLN A NE2 1 
ATOM   304  N N   . ARG A 1 58  ? 8.63468   2.35442   -8.20383  1.000 59.91653  ? 197 ARG A N   1 
ATOM   305  C CA  . ARG A 1 58  ? 7.42438   1.58008   -7.95053  1.000 58.62998  ? 197 ARG A CA  1 
ATOM   306  C C   . ARG A 1 58  ? 6.67844   2.04461   -6.70288  1.000 55.58351  ? 197 ARG A C   1 
ATOM   307  O O   . ARG A 1 58  ? 7.28999   2.48634   -5.72952  1.000 53.43876  ? 197 ARG A O   1 
ATOM   308  C CB  . ARG A 1 58  ? 7.76459   0.09308   -7.81827  1.000 54.14567  ? 197 ARG A CB  1 
ATOM   309  C CG  . ARG A 1 58  ? 7.70853   -0.69059  -9.12070  1.000 59.63285  ? 197 ARG A CG  1 
ATOM   310  C CD  . ARG A 1 58  ? 8.24071   -2.10190  -8.92072  1.000 62.67013  ? 197 ARG A CD  1 
ATOM   311  N NE  . ARG A 1 58  ? 7.54629   -3.09203  -9.74099  1.000 69.93947  ? 197 ARG A NE  1 
ATOM   312  C CZ  . ARG A 1 58  ? 7.97192   -3.52351  -10.92370 1.000 69.35480  ? 197 ARG A CZ  1 
ATOM   313  N NH1 . ARG A 1 58  ? 9.09809   -3.05018  -11.43990 1.000 74.48951  ? 197 ARG A NH1 1 
ATOM   314  N NH2 . ARG A 1 58  ? 7.27096   -4.42959  -11.59225 1.000 72.14431  ? 197 ARG A NH2 1 
ATOM   315  N N   . LEU A 1 59  ? 5.35328   1.94439   -6.73987  1.000 44.50504  ? 198 LEU A N   1 
ATOM   316  C CA  . LEU A 1 59  ? 4.54474   2.14742   -5.54358  1.000 46.71213  ? 198 LEU A CA  1 
ATOM   317  C C   . LEU A 1 59  ? 4.43839   0.83339   -4.77903  1.000 48.61391  ? 198 LEU A C   1 
ATOM   318  O O   . LEU A 1 59  ? 3.90983   -0.15161  -5.29388  1.000 48.01266  ? 198 LEU A O   1 
ATOM   319  C CB  . LEU A 1 59  ? 3.15036   2.66469   -5.90304  1.000 44.62575  ? 198 LEU A CB  1 
ATOM   320  C CG  . LEU A 1 59  ? 2.11767   2.68794   -4.77145  1.000 36.80384  ? 198 LEU A CG  1 
ATOM   321  C CD1 . LEU A 1 59  ? 2.47552   3.71986   -3.71996  1.000 34.92510  ? 198 LEU A CD1 1 
ATOM   322  C CD2 . LEU A 1 59  ? 0.72752   2.94162   -5.32161  1.000 32.97658  ? 198 LEU A CD2 1 
ATOM   323  N N   . TYR A 1 60  ? 4.94119   0.81793   -3.55078  1.000 46.51316  ? 199 TYR A N   1 
ATOM   324  C CA  . TYR A 1 60  ? 4.93754   -0.40427  -2.76050  1.000 46.76479  ? 199 TYR A CA  1 
ATOM   325  C C   . TYR A 1 60  ? 3.75173   -0.43614  -1.80377  1.000 45.86631  ? 199 TYR A C   1 
ATOM   326  O O   . TYR A 1 60  ? 3.66099   0.36857   -0.87367  1.000 37.32580  ? 199 TYR A O   1 
ATOM   327  C CB  . TYR A 1 60  ? 6.26059   -0.55232  -2.00818  1.000 44.55184  ? 199 TYR A CB  1 
ATOM   328  C CG  . TYR A 1 60  ? 7.41564   -0.87001  -2.93088  1.000 53.38256  ? 199 TYR A CG  1 
ATOM   329  C CD1 . TYR A 1 60  ? 8.12964   0.14326   -3.55801  1.000 53.76489  ? 199 TYR A CD1 1 
ATOM   330  C CD2 . TYR A 1 60  ? 7.77553   -2.18564  -3.19520  1.000 50.01492  ? 199 TYR A CD2 1 
ATOM   331  C CE1 . TYR A 1 60  ? 9.17912   -0.14554  -4.41229  1.000 63.49038  ? 199 TYR A CE1 1 
ATOM   332  C CE2 . TYR A 1 60  ? 8.82297   -2.48498  -4.04636  1.000 60.65058  ? 199 TYR A CE2 1 
ATOM   333  C CZ  . TYR A 1 60  ? 9.52210   -1.46223  -4.65188  1.000 62.26885  ? 199 TYR A CZ  1 
ATOM   334  O OH  . TYR A 1 60  ? 10.56557  -1.75512  -5.50088  1.000 65.71092  ? 199 TYR A OH  1 
ATOM   335  N N   . ILE A 1 61  ? 2.84685   -1.37782  -2.05319  1.000 41.66218  ? 200 ILE A N   1 
ATOM   336  C CA  . ILE A 1 61  ? 1.58488   -1.46957  -1.32692  1.000 42.25499  ? 200 ILE A CA  1 
ATOM   337  C C   . ILE A 1 61  ? 1.57743   -2.62522  -0.32506  1.000 45.88222  ? 200 ILE A C   1 
ATOM   338  O O   . ILE A 1 61  ? 1.66862   -3.79120  -0.70827  1.000 46.73905  ? 200 ILE A O   1 
ATOM   339  C CB  . ILE A 1 61  ? 0.40534   -1.63786  -2.29467  1.000 30.77147  ? 200 ILE A CB  1 
ATOM   340  C CG1 . ILE A 1 61  ? 0.31213   -0.42827  -3.22529  1.000 33.68045  ? 200 ILE A CG1 1 
ATOM   341  C CG2 . ILE A 1 61  ? -0.89134  -1.81556  -1.52191  1.000 43.04355  ? 200 ILE A CG2 1 
ATOM   342  C CD1 . ILE A 1 61  ? -0.66997  -0.60439  -4.36231  1.000 29.74521  ? 200 ILE A CD1 1 
ATOM   343  N N   . LEU A 1 62  ? 1.46379   -2.29247  0.95806   1.000 39.83640  ? 201 LEU A N   1 
ATOM   344  C CA  . LEU A 1 62  ? 1.47946   -3.29495  2.02144   1.000 38.48806  ? 201 LEU A CA  1 
ATOM   345  C C   . LEU A 1 62  ? 0.11672   -3.95491  2.20182   1.000 38.52565  ? 201 LEU A C   1 
ATOM   346  O O   . LEU A 1 62  ? -0.89024  -3.27837  2.39945   1.000 38.34153  ? 201 LEU A O   1 
ATOM   347  C CB  . LEU A 1 62  ? 1.92699   -2.66958  3.34384   1.000 35.63302  ? 201 LEU A CB  1 
ATOM   348  C CG  . LEU A 1 62  ? 3.33122   -2.06984  3.36984   1.000 45.31089  ? 201 LEU A CG  1 
ATOM   349  C CD1 . LEU A 1 62  ? 3.62157   -1.41512  4.70796   1.000 39.34881  ? 201 LEU A CD1 1 
ATOM   350  C CD2 . LEU A 1 62  ? 4.35783   -3.14153  3.05992   1.000 44.98786  ? 201 LEU A CD2 1 
ATOM   351  N N   . LEU A 1 63  ? 0.09937   -5.28272  2.13908   1.000 38.75598  ? 202 LEU A N   1 
ATOM   352  C CA  . LEU A 1 63  ? -1.13412  -6.05003  2.28413   1.000 40.88947  ? 202 LEU A CA  1 
ATOM   353  C C   . LEU A 1 63  ? -1.06636  -7.07186  3.42127   1.000 42.23340  ? 202 LEU A C   1 
ATOM   354  O O   . LEU A 1 63  ? -0.96848  -8.27125  3.17513   1.000 37.75782  ? 202 LEU A O   1 
ATOM   355  C CB  . LEU A 1 63  ? -1.46151  -6.75392  0.96844   1.000 45.84304  ? 202 LEU A CB  1 
ATOM   356  C CG  . LEU A 1 63  ? -1.85269  -5.85881  -0.20544  1.000 49.18237  ? 202 LEU A CG  1 
ATOM   357  C CD1 . LEU A 1 63  ? -1.43354  -6.46220  -1.53142  1.000 45.31925  ? 202 LEU A CD1 1 
ATOM   358  C CD2 . LEU A 1 63  ? -3.34509  -5.63565  -0.18801  1.000 48.86480  ? 202 LEU A CD2 1 
ATOM   359  N N   . PRO A 1 64  ? -1.11250  -6.59463  4.67697   1.000 45.08954  ? 203 PRO A N   1 
ATOM   360  C CA  . PRO A 1 64  ? -1.16424  -7.51649  5.81681   1.000 40.63602  ? 203 PRO A CA  1 
ATOM   361  C C   . PRO A 1 64  ? -2.45088  -8.32869  5.80432   1.000 43.70628  ? 203 PRO A C   1 
ATOM   362  O O   . PRO A 1 64  ? -3.53512  -7.75231  5.70500   1.000 43.15622  ? 203 PRO A O   1 
ATOM   363  C CB  . PRO A 1 64  ? -1.11030  -6.58235  7.03203   1.000 39.89024  ? 203 PRO A CB  1 
ATOM   364  C CG  . PRO A 1 64  ? -1.64040  -5.28649  6.53701   1.000 38.60765  ? 203 PRO A CG  1 
ATOM   365  C CD  . PRO A 1 64  ? -1.18145  -5.18714  5.10801   1.000 40.73972  ? 203 PRO A CD  1 
ATOM   366  N N   . LEU A 1 65  ? -2.33603  -9.64608  5.92097   1.000 48.84070  ? 204 LEU A N   1 
ATOM   367  C CA  . LEU A 1 65  ? -3.49697  -10.51222 5.77329   1.000 44.31592  ? 204 LEU A CA  1 
ATOM   368  C C   . LEU A 1 65  ? -4.30575  -10.61615 7.06449   1.000 50.93342  ? 204 LEU A C   1 
ATOM   369  O O   . LEU A 1 65  ? -5.40731  -11.16381 7.06473   1.000 55.04167  ? 204 LEU A O   1 
ATOM   370  C CB  . LEU A 1 65  ? -3.06317  -11.89789 5.29333   1.000 51.12851  ? 204 LEU A CB  1 
ATOM   371  C CG  . LEU A 1 65  ? -2.60488  -11.93301 3.83094   1.000 49.08268  ? 204 LEU A CG  1 
ATOM   372  C CD1 . LEU A 1 65  ? -2.14365  -13.31760 3.41704   1.000 58.65478  ? 204 LEU A CD1 1 
ATOM   373  C CD2 . LEU A 1 65  ? -3.72468  -11.46211 2.92075   1.000 46.95626  ? 204 LEU A CD2 1 
ATOM   374  N N   . ASP A 1 66  ? -3.76967  -10.07804 8.15699   1.000 45.50457  ? 205 ASP A N   1 
ATOM   375  C CA  . ASP A 1 66  ? -4.51989  -10.01478 9.40836   1.000 52.57804  ? 205 ASP A CA  1 
ATOM   376  C C   . ASP A 1 66  ? -5.37430  -8.75055  9.44410   1.000 56.96342  ? 205 ASP A C   1 
ATOM   377  O O   . ASP A 1 66  ? -6.06332  -8.47712  10.42545  1.000 61.21808  ? 205 ASP A O   1 
ATOM   378  C CB  . ASP A 1 66  ? -3.57946  -10.06712 10.62164  1.000 51.11467  ? 205 ASP A CB  1 
ATOM   379  C CG  . ASP A 1 66  ? -2.53528  -8.95502  10.62397  1.000 62.30443  ? 205 ASP A CG  1 
ATOM   380  O OD1 . ASP A 1 66  ? -2.77854  -7.87087  10.05149  1.000 52.90879  ? 205 ASP A OD1 1 
ATOM   381  O OD2 . ASP A 1 66  ? -1.45676  -9.16486  11.21874  1.000 73.07269  ? 205 ASP A OD2 1 
ATOM   382  N N   . CYS A 1 67  ? -5.28704  -7.97966  8.36329   1.000 60.02442  ? 206 CYS A N   1 
ATOM   383  C CA  . CYS A 1 67  ? -5.98274  -6.70464  8.20066   1.000 53.08988  ? 206 CYS A CA  1 
ATOM   384  C C   . CYS A 1 67  ? -5.62418  -5.68019  9.27382   1.000 54.54985  ? 206 CYS A C   1 
ATOM   385  O O   . CYS A 1 67  ? -6.35860  -4.71314  9.47564   1.000 54.07490  ? 206 CYS A O   1 
ATOM   386  C CB  . CYS A 1 67  ? -7.50037  -6.91236  8.19435   1.000 51.52336  ? 206 CYS A CB  1 
ATOM   387  S SG  . CYS A 1 67  ? -8.17705  -7.62797  6.68551   1.000 49.21771  ? 206 CYS A SG  1 
ATOM   388  N N   . GLY A 1 68  ? -4.49892  -5.87779  9.95447   1.000 51.61278  ? 207 GLY A N   1 
ATOM   389  C CA  . GLY A 1 68  ? -3.97828  -4.83648  10.81740  1.000 47.85404  ? 207 GLY A CA  1 
ATOM   390  C C   . GLY A 1 68  ? -3.39884  -3.73631  9.95711   1.000 51.87318  ? 207 GLY A C   1 
ATOM   391  O O   . GLY A 1 68  ? -2.47901  -3.98138  9.18309   1.000 59.37749  ? 207 GLY A O   1 
ATOM   392  N N   . VAL A 1 69  ? -3.90128  -2.51625  10.10551  1.000 58.62093  ? 208 VAL A N   1 
ATOM   393  C CA  . VAL A 1 69  ? -3.39068  -1.40078  9.31992   1.000 47.43543  ? 208 VAL A CA  1 
ATOM   394  C C   . VAL A 1 69  ? -3.21152  -0.16913  10.20090  1.000 50.93991  ? 208 VAL A C   1 
ATOM   395  O O   . VAL A 1 69  ? -4.12376  0.65234   10.33384  1.000 47.38687  ? 208 VAL A O   1 
ATOM   396  C CB  . VAL A 1 69  ? -4.31030  -1.06029  8.12205   1.000 47.05158  ? 208 VAL A CB  1 
ATOM   397  C CG1 . VAL A 1 69  ? -3.75664  0.12138   7.34369   1.000 35.91847  ? 208 VAL A CG1 1 
ATOM   398  C CG2 . VAL A 1 69  ? -4.45384  -2.25900  7.19879   1.000 46.88551  ? 208 VAL A CG2 1 
ATOM   399  N N   . PRO A 1 70  ? -2.03370  -0.05260  10.82901  1.000 44.45588  ? 209 PRO A N   1 
ATOM   400  C CA  . PRO A 1 70  ? -1.68183  1.15137   11.58622  1.000 48.28185  ? 209 PRO A CA  1 
ATOM   401  C C   . PRO A 1 70  ? -1.67960  2.37135   10.67525  1.000 47.55367  ? 209 PRO A C   1 
ATOM   402  O O   . PRO A 1 70  ? -1.43281  2.22861   9.47861   1.000 51.67683  ? 209 PRO A O   1 
ATOM   403  C CB  . PRO A 1 70  ? -0.27357  0.84703   12.10472  1.000 49.22509  ? 209 PRO A CB  1 
ATOM   404  C CG  . PRO A 1 70  ? -0.16363  -0.64588  12.06633  1.000 52.25615  ? 209 PRO A CG  1 
ATOM   405  C CD  . PRO A 1 70  ? -0.97396  -1.07155  10.88388  1.000 43.05564  ? 209 PRO A CD  1 
ATOM   406  N N   . ASP A 1 71  ? -1.97256  3.54752   11.21784  1.000 45.09713  ? 210 ASP A N   1 
ATOM   407  C CA  . ASP A 1 71  ? -1.94406  4.75975   10.40956  1.000 50.40882  ? 210 ASP A CA  1 
ATOM   408  C C   . ASP A 1 71  ? -0.53569  5.32529   10.35144  1.000 44.49912  ? 210 ASP A C   1 
ATOM   409  O O   . ASP A 1 71  ? -0.21983  6.14757   9.48990   1.000 44.78811  ? 210 ASP A O   1 
ATOM   410  C CB  . ASP A 1 71  ? -2.91585  5.80173   10.96121  1.000 47.19766  ? 210 ASP A CB  1 
ATOM   411  C CG  . ASP A 1 71  ? -4.34496  5.30522   10.97492  1.000 58.01973  ? 210 ASP A CG  1 
ATOM   412  O OD1 . ASP A 1 71  ? -4.95836  5.24161   9.88735   1.000 53.43352  ? 210 ASP A OD1 1 
ATOM   413  O OD2 . ASP A 1 71  ? -4.84928  4.97236   12.06952  1.000 63.36049  ? 210 ASP A OD2 1 
ATOM   414  N N   . ASN A 1 72  ? 0.31121   4.86936   11.26784  1.000 44.33378  ? 211 ASN A N   1 
ATOM   415  C CA  . ASN A 1 72  ? 1.70344   5.29605   11.30272  1.000 55.53198  ? 211 ASN A CA  1 
ATOM   416  C C   . ASN A 1 72  ? 2.62198   4.11870   11.00525  1.000 55.78597  ? 211 ASN A C   1 
ATOM   417  O O   . ASN A 1 72  ? 2.73332   3.18565   11.80543  1.000 43.88430  ? 211 ASN A O   1 
ATOM   418  C CB  . ASN A 1 72  ? 2.04587   5.91799   12.65940  1.000 58.23850  ? 211 ASN A CB  1 
ATOM   419  C CG  . ASN A 1 72  ? 3.38400   6.64099   12.65405  1.000 67.41605  ? 211 ASN A CG  1 
ATOM   420  O OD1 . ASN A 1 72  ? 3.94482   6.92585   11.59448  1.000 70.90332  ? 211 ASN A OD1 1 
ATOM   421  N ND2 . ASN A 1 72  ? 3.89817   6.94746   13.84224  1.000 58.80422  ? 211 ASN A ND2 1 
ATOM   422  N N   . LEU A 1 73  ? 3.26802   4.16351   9.84376   1.000 52.92530  ? 212 LEU A N   1 
ATOM   423  C CA  . LEU A 1 73  ? 4.16578   3.09545   9.42129   1.000 52.10434  ? 212 LEU A CA  1 
ATOM   424  C C   . LEU A 1 73  ? 5.31178   2.91432   10.40642  1.000 51.76174  ? 212 LEU A C   1 
ATOM   425  O O   . LEU A 1 73  ? 5.73599   1.79331   10.68052  1.000 60.53440  ? 212 LEU A O   1 
ATOM   426  C CB  . LEU A 1 73  ? 4.71217   3.38111   8.02108   1.000 49.62372  ? 212 LEU A CB  1 
ATOM   427  C CG  . LEU A 1 73  ? 4.00036   2.62493   6.90235   1.000 41.82184  ? 212 LEU A CG  1 
ATOM   428  C CD1 . LEU A 1 73  ? 4.48471   3.06657   5.53702   1.000 35.66449  ? 212 LEU A CD1 1 
ATOM   429  C CD2 . LEU A 1 73  ? 4.22946   1.14147   7.09807   1.000 55.64332  ? 212 LEU A CD2 1 
ATOM   430  N N   . SER A 1 74  ? 5.79377   4.02459   10.95165  1.000 50.51776  ? 213 SER A N   1 
ATOM   431  C CA  . SER A 1 74  ? 6.91001   3.99771   11.88968  1.000 65.04661  ? 213 SER A CA  1 
ATOM   432  C C   . SER A 1 74  ? 6.52587   3.30205   13.19447  1.000 70.54758  ? 213 SER A C   1 
ATOM   433  O O   . SER A 1 74  ? 7.39287   2.87556   13.96095  1.000 67.07235  ? 213 SER A O   1 
ATOM   434  C CB  . SER A 1 74  ? 7.40137   5.41749   12.16811  1.000 59.94851  ? 213 SER A CB  1 
ATOM   435  O OG  . SER A 1 74  ? 7.62433   6.11833   10.95330  1.000 61.62717  ? 213 SER A OG  1 
ATOM   436  N N   . MET A 1 75  ? 5.22444   3.20242   13.44685  1.000 63.09763  ? 214 MET A N   1 
ATOM   437  C CA  . MET A 1 75  ? 4.72233   2.47012   14.60387  1.000 66.75435  ? 214 MET A CA  1 
ATOM   438  C C   . MET A 1 75  ? 4.68749   0.97238   14.33528  1.000 59.59968  ? 214 MET A C   1 
ATOM   439  O O   . MET A 1 75  ? 4.80013   0.16510   15.25640  1.000 63.11968  ? 214 MET A O   1 
ATOM   440  C CB  . MET A 1 75  ? 3.33261   2.97230   14.99939  1.000 72.12130  ? 214 MET A CB  1 
ATOM   441  C CG  . MET A 1 75  ? 3.36949   4.19628   15.89176  1.000 67.06127  ? 214 MET A CG  1 
ATOM   442  S SD  . MET A 1 75  ? 4.38189   3.90589   17.35753  1.000 95.65991  ? 214 MET A SD  1 
ATOM   443  C CE  . MET A 1 75  ? 3.53051   2.50930   18.09241  1.000 58.50830  ? 214 MET A CE  1 
ATOM   444  N N   . ALA A 1 76  ? 4.52202   0.60464   13.07048  1.000 65.01459  ? 215 ALA A N   1 
ATOM   445  C CA  . ALA A 1 76  ? 4.57924   -0.79819  12.68301  1.000 66.88129  ? 215 ALA A CA  1 
ATOM   446  C C   . ALA A 1 76  ? 6.01227   -1.30846  12.79704  1.000 65.26398  ? 215 ALA A C   1 
ATOM   447  O O   . ALA A 1 76  ? 6.26528   -2.35673  13.39194  1.000 58.66316  ? 215 ALA A O   1 
ATOM   448  C CB  . ALA A 1 76  ? 4.05238   -0.98553  11.27042  1.000 61.57168  ? 215 ALA A CB  1 
ATOM   449  N N   . ASP A 1 77  ? 6.94440   -0.56135  12.21141  1.000 62.26879  ? 216 ASP A N   1 
ATOM   450  C CA  . ASP A 1 77  ? 8.36564   -0.86267  12.33373  1.000 64.63504  ? 216 ASP A CA  1 
ATOM   451  C C   . ASP A 1 77  ? 9.13469   0.44169   12.54272  1.000 60.23538  ? 216 ASP A C   1 
ATOM   452  O O   . ASP A 1 77  ? 8.87777   1.42868   11.85739  1.000 58.98755  ? 216 ASP A O   1 
ATOM   453  C CB  . ASP A 1 77  ? 8.85024   -1.59598  11.07573  1.000 61.17125  ? 216 ASP A CB  1 
ATOM   454  C CG  . ASP A 1 77  ? 10.18839  -2.28971  11.26301  1.000 58.33894  ? 216 ASP A CG  1 
ATOM   455  O OD1 . ASP A 1 77  ? 11.09731  -1.70912  11.88665  1.000 59.70596  ? 216 ASP A OD1 1 
ATOM   456  O OD2 . ASP A 1 77  ? 10.33609  -3.42548  10.76391  1.000 61.54052  ? 216 ASP A OD2 1 
ATOM   457  N N   . PRO A 1 78  ? 10.09952  0.44690   13.47397  1.000 59.44284  ? 217 PRO A N   1 
ATOM   458  C CA  . PRO A 1 78  ? 10.94240  1.63616   13.64835  1.000 64.24468  ? 217 PRO A CA  1 
ATOM   459  C C   . PRO A 1 78  ? 11.89188  1.84115   12.46953  1.000 67.32478  ? 217 PRO A C   1 
ATOM   460  O O   . PRO A 1 78  ? 12.29028  2.96959   12.17637  1.000 58.78685  ? 217 PRO A O   1 
ATOM   461  C CB  . PRO A 1 78  ? 11.71937  1.33279   14.93382  1.000 67.60949  ? 217 PRO A CB  1 
ATOM   462  C CG  . PRO A 1 78  ? 10.88098  0.33313   15.66246  1.000 62.58203  ? 217 PRO A CG  1 
ATOM   463  C CD  . PRO A 1 78  ? 10.24360  -0.50184  14.59290  1.000 65.13325  ? 217 PRO A CD  1 
ATOM   464  N N   . ASN A 1 79  ? 12.24168  0.74789   11.79893  1.000 58.32104  ? 218 ASN A N   1 
ATOM   465  C CA  . ASN A 1 79  ? 13.16576  0.79038   10.67408  1.000 53.86842  ? 218 ASN A CA  1 
ATOM   466  C C   . ASN A 1 79  ? 12.52799  1.34513   9.40984   1.000 56.04837  ? 218 ASN A C   1 
ATOM   467  O O   . ASN A 1 79  ? 13.19910  1.54192   8.39734   1.000 50.57203  ? 218 ASN A O   1 
ATOM   468  C CB  . ASN A 1 79  ? 13.72953  -0.60036  10.40719  1.000 55.84158  ? 218 ASN A CB  1 
ATOM   469  C CG  . ASN A 1 79  ? 14.74994  -1.01613  11.44146  1.000 49.02066  ? 218 ASN A CG  1 
ATOM   470  O OD1 . ASN A 1 79  ? 15.49065  -0.18392  11.96311  1.000 51.66397  ? 218 ASN A OD1 1 
ATOM   471  N ND2 . ASN A 1 79  ? 14.79387  -2.30602  11.74649  1.000 56.24980  ? 218 ASN A ND2 1 
ATOM   472  N N   . ILE A 1 80  ? 11.22581  1.58693   9.46756   1.000 58.89627  ? 219 ILE A N   1 
ATOM   473  C CA  . ILE A 1 80  ? 10.54887  2.26828   8.37865   1.000 50.21708  ? 219 ILE A CA  1 
ATOM   474  C C   . ILE A 1 80  ? 10.36166  3.71893   8.79250   1.000 55.83756  ? 219 ILE A C   1 
ATOM   475  O O   . ILE A 1 80  ? 9.54985   4.02534   9.66315   1.000 59.06775  ? 219 ILE A O   1 
ATOM   476  C CB  . ILE A 1 80  ? 9.19511   1.62078   8.05447   1.000 56.17170  ? 219 ILE A CB  1 
ATOM   477  C CG1 . ILE A 1 80  ? 9.39513   0.16573   7.62458   1.000 52.55440  ? 219 ILE A CG1 1 
ATOM   478  C CG2 . ILE A 1 80  ? 8.47026   2.41022   6.97716   1.000 50.77763  ? 219 ILE A CG2 1 
ATOM   479  C CD1 . ILE A 1 80  ? 8.10281   -0.58909  7.40739   1.000 57.39292  ? 219 ILE A CD1 1 
ATOM   480  N N   . ARG A 1 81  ? 11.12002  4.61072   8.16487   1.000 53.31698  ? 220 ARG A N   1 
ATOM   481  C CA  . ARG A 1 81  ? 11.15915  6.00446   8.58403   1.000 51.30713  ? 220 ARG A CA  1 
ATOM   482  C C   . ARG A 1 81  ? 10.66676  6.94954   7.49869   1.000 50.18959  ? 220 ARG A C   1 
ATOM   483  O O   . ARG A 1 81  ? 11.18906  6.95441   6.38213   1.000 55.42979  ? 220 ARG A O   1 
ATOM   484  C CB  . ARG A 1 81  ? 12.57734  6.40015   8.98784   1.000 50.73660  ? 220 ARG A CB  1 
ATOM   485  C CG  . ARG A 1 81  ? 12.74522  7.89698   9.15984   1.000 66.05816  ? 220 ARG A CG  1 
ATOM   486  C CD  . ARG A 1 81  ? 14.12151  8.34382   8.71938   1.000 70.38241  ? 220 ARG A CD  1 
ATOM   487  N NE  . ARG A 1 81  ? 15.15841  7.83434   9.60691   1.000 59.61293  ? 220 ARG A NE  1 
ATOM   488  C CZ  . ARG A 1 81  ? 16.44818  7.78456   9.29366   1.000 62.94443  ? 220 ARG A CZ  1 
ATOM   489  N NH1 . ARG A 1 81  ? 16.86301  8.20053   8.10379   1.000 48.13323  ? 220 ARG A NH1 1 
ATOM   490  N NH2 . ARG A 1 81  ? 17.31999  7.30666   10.16925  1.000 66.72299  ? 220 ARG A NH2 1 
ATOM   491  N N   . PHE A 1 82  ? 9.67114   7.76105   7.83976   1.000 51.09986  ? 221 PHE A N   1 
ATOM   492  C CA  . PHE A 1 82  ? 9.14487   8.74557   6.90459   1.000 49.54730  ? 221 PHE A CA  1 
ATOM   493  C C   . PHE A 1 82  ? 10.21571  9.76107   6.51268   1.000 47.75692  ? 221 PHE A C   1 
ATOM   494  O O   . PHE A 1 82  ? 10.94639  10.26339  7.36057   1.000 42.72874  ? 221 PHE A O   1 
ATOM   495  C CB  . PHE A 1 82  ? 7.93252   9.46441   7.49380   1.000 45.97530  ? 221 PHE A CB  1 
ATOM   496  C CG  . PHE A 1 82  ? 7.48893   10.65219  6.69036   1.000 45.14713  ? 221 PHE A CG  1 
ATOM   497  C CD1 . PHE A 1 82  ? 6.80883   10.48221  5.49109   1.000 42.91160  ? 221 PHE A CD1 1 
ATOM   498  C CD2 . PHE A 1 82  ? 7.74946   11.94109  7.13617   1.000 45.36794  ? 221 PHE A CD2 1 
ATOM   499  C CE1 . PHE A 1 82  ? 6.40089   11.57685  4.74852   1.000 50.11845  ? 221 PHE A CE1 1 
ATOM   500  C CE2 . PHE A 1 82  ? 7.34552   13.04033  6.40114   1.000 49.97628  ? 221 PHE A CE2 1 
ATOM   501  C CZ  . PHE A 1 82  ? 6.66923   12.86028  5.20691   1.000 51.05182  ? 221 PHE A CZ  1 
ATOM   502  N N   . LEU A 1 83  ? 10.29648  10.05636  5.22136   1.000 48.80166  ? 222 LEU A N   1 
ATOM   503  C CA  . LEU A 1 83  ? 11.28165  10.99146  4.69756   1.000 49.53985  ? 222 LEU A CA  1 
ATOM   504  C C   . LEU A 1 83  ? 10.61940  12.27730  4.21966   1.000 49.91078  ? 222 LEU A C   1 
ATOM   505  O O   . LEU A 1 83  ? 10.85100  13.34907  4.77064   1.000 47.80149  ? 222 LEU A O   1 
ATOM   506  C CB  . LEU A 1 83  ? 12.06166  10.34287  3.55254   1.000 45.23277  ? 222 LEU A CB  1 
ATOM   507  C CG  . LEU A 1 83  ? 12.97488  11.25003  2.73084   1.000 54.48268  ? 222 LEU A CG  1 
ATOM   508  C CD1 . LEU A 1 83  ? 14.09285  11.77414  3.61032   1.000 47.95297  ? 222 LEU A CD1 1 
ATOM   509  C CD2 . LEU A 1 83  ? 13.54089  10.50934  1.53250   1.000 50.60655  ? 222 LEU A CD2 1 
ATOM   510  N N   . ASP A 1 84  ? 9.80161   12.15721  3.18020   1.000 51.32244  ? 223 ASP A N   1 
ATOM   511  C CA  . ASP A 1 84  ? 9.16338   13.31272  2.56525   1.000 52.77874  ? 223 ASP A CA  1 
ATOM   512  C C   . ASP A 1 84  ? 7.92414   12.88092  1.78370   1.000 50.90682  ? 223 ASP A C   1 
ATOM   513  O O   . ASP A 1 84  ? 7.76626   11.70610  1.45392   1.000 50.19426  ? 223 ASP A O   1 
ATOM   514  C CB  . ASP A 1 84  ? 10.15364  14.03041  1.64142   1.000 58.87966  ? 223 ASP A CB  1 
ATOM   515  C CG  . ASP A 1 84  ? 9.81191   15.49003  1.42388   1.000 58.42455  ? 223 ASP A CG  1 
ATOM   516  O OD1 . ASP A 1 84  ? 8.61761   15.84576  1.45663   1.000 66.84102  ? 223 ASP A OD1 1 
ATOM   517  O OD2 . ASP A 1 84  ? 10.75134  16.28723  1.22037   1.000 64.43358  ? 223 ASP A OD2 1 
ATOM   518  N N   . LYS A 1 85  ? 7.04299   13.83248  1.49711   1.000 52.30794  ? 224 LYS A N   1 
ATOM   519  C CA  . LYS A 1 85  ? 5.92704   13.58200  0.59418   1.000 49.96201  ? 224 LYS A CA  1 
ATOM   520  C C   . LYS A 1 85  ? 6.35010   13.76911  -0.85701  1.000 53.11997  ? 224 LYS A C   1 
ATOM   521  O O   . LYS A 1 85  ? 7.22699   14.58069  -1.15396  1.000 55.39090  ? 224 LYS A O   1 
ATOM   522  C CB  . LYS A 1 85  ? 4.75322   14.50801  0.90285   1.000 46.72016  ? 224 LYS A CB  1 
ATOM   523  C CG  . LYS A 1 85  ? 4.31931   14.53327  2.35020   1.000 49.09234  ? 224 LYS A CG  1 
ATOM   524  C CD  . LYS A 1 85  ? 3.19133   15.53144  2.53158   1.000 59.70637  ? 224 LYS A CD  1 
ATOM   525  C CE  . LYS A 1 85  ? 3.14864   16.06790  3.94761   1.000 58.23436  ? 224 LYS A CE  1 
ATOM   526  N NZ  . LYS A 1 85  ? 2.16389   17.17807  4.05090   1.000 51.41168  ? 224 LYS A NZ  1 
ATOM   527  N N   . LEU A 1 86  ? 5.72846   13.01349  -1.75598  1.000 38.09761  ? 225 LEU A N   1 
ATOM   528  C CA  . LEU A 1 86  ? 5.86308   13.26148  -3.18593  1.000 43.24308  ? 225 LEU A CA  1 
ATOM   529  C C   . LEU A 1 86  ? 5.18116   14.57648  -3.55763  1.000 54.68465  ? 225 LEU A C   1 
ATOM   530  O O   . LEU A 1 86  ? 4.44979   15.14735  -2.74740  1.000 52.34582  ? 225 LEU A O   1 
ATOM   531  C CB  . LEU A 1 86  ? 5.25529   12.11250  -3.99152  1.000 48.78922  ? 225 LEU A CB  1 
ATOM   532  C CG  . LEU A 1 86  ? 6.12506   10.88645  -4.25120  1.000 53.02550  ? 225 LEU A CG  1 
ATOM   533  C CD1 . LEU A 1 86  ? 5.34609   9.87655   -5.07182  1.000 51.29642  ? 225 LEU A CD1 1 
ATOM   534  C CD2 . LEU A 1 86  ? 7.39577   11.29257  -4.97307  1.000 56.12504  ? 225 LEU A CD2 1 
ATOM   535  N N   . PRO A 1 87  ? 5.43995   15.08482  -4.77355  1.000 61.52671  ? 226 PRO A N   1 
ATOM   536  C CA  . PRO A 1 87  ? 4.58845   16.18107  -5.24039  1.000 54.53777  ? 226 PRO A CA  1 
ATOM   537  C C   . PRO A 1 87  ? 3.13949   15.71518  -5.31912  1.000 60.52248  ? 226 PRO A C   1 
ATOM   538  O O   . PRO A 1 87  ? 2.89079   14.60257  -5.78510  1.000 59.74136  ? 226 PRO A O   1 
ATOM   539  C CB  . PRO A 1 87  ? 5.14337   16.49921  -6.63240  1.000 61.80485  ? 226 PRO A CB  1 
ATOM   540  C CG  . PRO A 1 87  ? 6.55104   16.01075  -6.60120  1.000 66.18375  ? 226 PRO A CG  1 
ATOM   541  C CD  . PRO A 1 87  ? 6.54792   14.80702  -5.70417  1.000 62.56120  ? 226 PRO A CD  1 
ATOM   542  N N   . GLN A 1 88  ? 2.20601   16.54000  -4.85738  1.000 54.22388  ? 227 GLN A N   1 
ATOM   543  C CA  . GLN A 1 88  ? 0.79685   16.16831  -4.86159  1.000 43.28170  ? 227 GLN A CA  1 
ATOM   544  C C   . GLN A 1 88  ? 0.24894   16.00700  -6.27342  1.000 49.02305  ? 227 GLN A C   1 
ATOM   545  O O   . GLN A 1 88  ? 0.72700   16.63883  -7.21354  1.000 50.35491  ? 227 GLN A O   1 
ATOM   546  C CB  . GLN A 1 88  ? -0.03541  17.20847  -4.11069  1.000 52.02275  ? 227 GLN A CB  1 
ATOM   547  C CG  . GLN A 1 88  ? 0.14205   17.19462  -2.60435  1.000 53.84554  ? 227 GLN A CG  1 
ATOM   548  C CD  . GLN A 1 88  ? -0.75851  18.20099  -1.91250  1.000 54.84041  ? 227 GLN A CD  1 
ATOM   549  O OE1 . GLN A 1 88  ? -1.45548  18.97840  -2.56660  1.000 47.83555  ? 227 GLN A OE1 1 
ATOM   550  N NE2 . GLN A 1 88  ? -0.75017  18.18992  -0.58274  1.000 54.81854  ? 227 GLN A NE2 1 
ATOM   551  N N   . GLN A 1 89  ? -0.75420  15.14863  -6.41081  1.000 50.93534  ? 228 GLN A N   1 
ATOM   552  C CA  . GLN A 1 89  ? -1.51887  15.05293  -7.64649  1.000 45.38031  ? 228 GLN A CA  1 
ATOM   553  C C   . GLN A 1 89  ? -2.94859  15.51546  -7.39347  1.000 50.49674  ? 228 GLN A C   1 
ATOM   554  O O   . GLN A 1 89  ? -3.57616  15.09950  -6.41832  1.000 46.77532  ? 228 GLN A O   1 
ATOM   555  C CB  . GLN A 1 89  ? -1.51595  13.62387  -8.18633  1.000 44.12919  ? 228 GLN A CB  1 
ATOM   556  C CG  . GLN A 1 89  ? -2.44207  13.42403  -9.37443  1.000 41.02008  ? 228 GLN A CG  1 
ATOM   557  C CD  . GLN A 1 89  ? -2.56507  11.97273  -9.77818  1.000 48.36673  ? 228 GLN A CD  1 
ATOM   558  O OE1 . GLN A 1 89  ? -1.99965  11.08959  -9.13557  1.000 49.56333  ? 228 GLN A OE1 1 
ATOM   559  N NE2 . GLN A 1 89  ? -3.30842  11.71629  -10.84930 1.000 50.15144  ? 228 GLN A NE2 1 
ATOM   560  N N   . THR A 1 90  ? -3.46207  16.37912  -8.26422  1.000 47.40010  ? 229 THR A N   1 
ATOM   561  C CA  . THR A 1 90  ? -4.82035  16.88493  -8.10904  1.000 44.16677  ? 229 THR A CA  1 
ATOM   562  C C   . THR A 1 90  ? -5.68005  16.56623  -9.31757  1.000 42.89188  ? 229 THR A C   1 
ATOM   563  O O   . THR A 1 90  ? -5.20254  16.56958  -10.45225 1.000 40.06746  ? 229 THR A O   1 
ATOM   564  C CB  . THR A 1 90  ? -4.84793  18.41135  -7.89492  1.000 41.90638  ? 229 THR A CB  1 
ATOM   565  O OG1 . THR A 1 90  ? -4.40458  19.06957  -9.08767  1.000 50.28666  ? 229 THR A OG1 1 
ATOM   566  C CG2 . THR A 1 90  ? -3.95828  18.80654  -6.73429  1.000 40.92873  ? 229 THR A CG2 1 
ATOM   567  N N   . GLY A 1 91  ? -6.95307  16.28412  -9.06076  1.000 43.23188  ? 230 GLY A N   1 
ATOM   568  C CA  . GLY A 1 91  ? -7.93450  16.13281  -10.11659 1.000 37.70771  ? 230 GLY A CA  1 
ATOM   569  C C   . GLY A 1 91  ? -9.32584  16.40835  -9.58086  1.000 47.64981  ? 230 GLY A C   1 
ATOM   570  O O   . GLY A 1 91  ? -9.58312  16.25413  -8.38449  1.000 44.03711  ? 230 GLY A O   1 
ATOM   571  N N   . ASP A 1 92  ? -10.22802 16.81984  -10.46472 1.000 39.69184  ? 231 ASP A N   1 
ATOM   572  C CA  . ASP A 1 92  ? -11.62389 16.99782  -10.08901 1.000 45.28283  ? 231 ASP A CA  1 
ATOM   573  C C   . ASP A 1 92  ? -12.34047 15.66307  -10.19437 1.000 41.75580  ? 231 ASP A C   1 
ATOM   574  O O   . ASP A 1 92  ? -12.29011 15.01540  -11.23819 1.000 45.97719  ? 231 ASP A O   1 
ATOM   575  C CB  . ASP A 1 92  ? -12.31673 18.03000  -10.98227 1.000 42.73709  ? 231 ASP A CB  1 
ATOM   576  C CG  . ASP A 1 92  ? -11.64221 19.38773  -10.94720 1.000 51.40651  ? 231 ASP A CG  1 
ATOM   577  O OD1 . ASP A 1 92  ? -11.04412 19.73768  -9.90656  1.000 48.33470  ? 231 ASP A OD1 1 
ATOM   578  O OD2 . ASP A 1 92  ? -11.71780 20.10763  -11.96752 1.000 41.25575  ? 231 ASP A OD2 1 
ATOM   579  N N   . ARG A 1 93  ? -12.99312 15.23848  -9.11950  1.000 39.72137  ? 232 ARG A N   1 
ATOM   580  C CA  . ARG A 1 93  ? -13.80356 14.03313  -9.19801  1.000 43.83573  ? 232 ARG A CA  1 
ATOM   581  C C   . ARG A 1 93  ? -15.12065 14.15544  -8.43905  1.000 41.82170  ? 232 ARG A C   1 
ATOM   582  O O   . ARG A 1 93  ? -15.14768 14.53619  -7.26575  1.000 32.63618  ? 232 ARG A O   1 
ATOM   583  C CB  . ARG A 1 93  ? -13.02633 12.81882  -8.68761  1.000 48.12262  ? 232 ARG A CB  1 
ATOM   584  C CG  . ARG A 1 93  ? -13.62013 11.52069  -9.20665  1.000 47.84959  ? 232 ARG A CG  1 
ATOM   585  C CD  . ARG A 1 93  ? -12.94244 10.27361  -8.67212  1.000 41.93884  ? 232 ARG A CD  1 
ATOM   586  N NE  . ARG A 1 93  ? -13.66826 9.09593   -9.13754  1.000 51.37048  ? 232 ARG A NE  1 
ATOM   587  C CZ  . ARG A 1 93  ? -13.64188 7.90810   -8.54444  1.000 52.64715  ? 232 ARG A CZ  1 
ATOM   588  N NH1 . ARG A 1 93  ? -12.92088 7.72806   -7.44372  1.000 44.31203  ? 232 ARG A NH1 1 
ATOM   589  N NH2 . ARG A 1 93  ? -14.34928 6.90467   -9.05018  1.000 41.99752  ? 232 ARG A NH2 1 
ATOM   590  N N   . ALA A 1 94  ? -16.20500 13.81997  -9.13316  1.000 42.94283  ? 233 ALA A N   1 
ATOM   591  C CA  . ALA A 1 94  ? -17.54222 13.75740  -8.55152  1.000 45.59807  ? 233 ALA A CA  1 
ATOM   592  C C   . ALA A 1 94  ? -17.92951 15.04824  -7.83469  1.000 44.77366  ? 233 ALA A C   1 
ATOM   593  O O   . ALA A 1 94  ? -18.39667 15.01678  -6.69527  1.000 44.88647  ? 233 ALA A O   1 
ATOM   594  C CB  . ALA A 1 94  ? -17.64550 12.57255  -7.59902  1.000 38.37605  ? 233 ALA A CB  1 
ATOM   595  N N   . GLY A 1 95  ? -17.71975 16.17855  -8.50195  1.000 38.72458  ? 234 GLY A N   1 
ATOM   596  C CA  . GLY A 1 95  ? -18.12686 17.46535  -7.96838  1.000 42.75462  ? 234 GLY A CA  1 
ATOM   597  C C   . GLY A 1 95  ? -17.11486 18.13089  -7.05632  1.000 46.62323  ? 234 GLY A C   1 
ATOM   598  O O   . GLY A 1 95  ? -17.22892 19.32542  -6.76998  1.000 46.00694  ? 234 GLY A O   1 
ATOM   599  N N   . ILE A 1 96  ? -16.12814 17.36771  -6.59229  1.000 44.84421  ? 235 ILE A N   1 
ATOM   600  C CA  . ILE A 1 96  ? -15.08698 17.92667  -5.73635  1.000 42.29306  ? 235 ILE A CA  1 
ATOM   601  C C   . ILE A 1 96  ? -13.92589 18.45548  -6.56730  1.000 48.23757  ? 235 ILE A C   1 
ATOM   602  O O   . ILE A 1 96  ? -13.25168 17.69750  -7.26479  1.000 52.29258  ? 235 ILE A O   1 
ATOM   603  C CB  . ILE A 1 96  ? -14.54749 16.89466  -4.73446  1.000 37.75085  ? 235 ILE A CB  1 
ATOM   604  C CG1 . ILE A 1 96  ? -15.68113 16.35448  -3.86635  1.000 37.40413  ? 235 ILE A CG1 1 
ATOM   605  C CG2 . ILE A 1 96  ? -13.46092 17.51654  -3.86775  1.000 45.68208  ? 235 ILE A CG2 1 
ATOM   606  C CD1 . ILE A 1 96  ? -15.21349 15.46301  -2.74442  1.000 41.23818  ? 235 ILE A CD1 1 
ATOM   607  N N   . LYS A 1 97  ? -13.70145 19.76213  -6.48440  1.000 46.12219  ? 236 LYS A N   1 
ATOM   608  C CA  . LYS A 1 97  ? -12.62584 20.40474  -7.22073  1.000 46.62706  ? 236 LYS A CA  1 
ATOM   609  C C   . LYS A 1 97  ? -11.27831 20.11437  -6.57454  1.000 46.70262  ? 236 LYS A C   1 
ATOM   610  O O   . LYS A 1 97  ? -11.14325 20.17731  -5.35235  1.000 41.99403  ? 236 LYS A O   1 
ATOM   611  C CB  . LYS A 1 97  ? -12.85340 21.91977  -7.30297  1.000 51.97813  ? 236 LYS A CB  1 
ATOM   612  C CG  . LYS A 1 97  ? -14.03056 22.33893  -8.17559  1.000 48.52917  ? 236 LYS A CG  1 
ATOM   613  C CD  . LYS A 1 97  ? -13.83151 21.90096  -9.61647  1.000 53.13123  ? 236 LYS A CD  1 
ATOM   614  C CE  . LYS A 1 97  ? -14.91119 22.46492  -10.52295 1.000 58.12061  ? 236 LYS A CE  1 
ATOM   615  N NZ  . LYS A 1 97  ? -14.84598 23.95075  -10.58849 1.000 67.57360  ? 236 LYS A NZ  1 
ATOM   616  N N   . ASP A 1 98  ? -10.29013 19.80134  -7.41016  1.000 47.05154  ? 237 ASP A N   1 
ATOM   617  C CA  . ASP A 1 98  ? -8.91317  19.58588  -6.96788  1.000 52.13069  ? 237 ASP A CA  1 
ATOM   618  C C   . ASP A 1 98  ? -8.79871  18.58669  -5.82530  1.000 49.57405  ? 237 ASP A C   1 
ATOM   619  O O   . ASP A 1 98  ? -8.21321  18.89045  -4.78485  1.000 45.17389  ? 237 ASP A O   1 
ATOM   620  C CB  . ASP A 1 98  ? -8.27247  20.91235  -6.54590  1.000 48.61237  ? 237 ASP A CB  1 
ATOM   621  C CG  . ASP A 1 98  ? -8.21558  21.91844  -7.67704  1.000 49.20589  ? 237 ASP A CG  1 
ATOM   622  O OD1 . ASP A 1 98  ? -8.36710  21.51367  -8.84806  1.000 55.17661  ? 237 ASP A OD1 1 
ATOM   623  O OD2 . ASP A 1 98  ? -8.01347  23.11546  -7.39486  1.000 64.38486  ? 237 ASP A OD2 1 
ATOM   624  N N   . ARG A 1 99  ? -9.36949  17.40146  -6.01082  1.000 43.92363  ? 238 ARG A N   1 
ATOM   625  C CA  . ARG A 1 99  ? -9.20926  16.34121  -5.02786  1.000 46.52378  ? 238 ARG A CA  1 
ATOM   626  C C   . ARG A 1 99  ? -7.73594  15.94586  -4.97577  1.000 39.64743  ? 238 ARG A C   1 
ATOM   627  O O   . ARG A 1 99  ? -7.08380  15.82052  -6.00918  1.000 39.18681  ? 238 ARG A O   1 
ATOM   628  C CB  . ARG A 1 99  ? -10.09305 15.14049  -5.36422  1.000 54.27201  ? 238 ARG A CB  1 
ATOM   629  C CG  . ARG A 1 99  ? -10.25456 14.17124  -4.21243  1.000 49.34858  ? 238 ARG A CG  1 
ATOM   630  C CD  . ARG A 1 99  ? -11.24279 13.07067  -4.53564  1.000 33.61421  ? 238 ARG A CD  1 
ATOM   631  N NE  . ARG A 1 99  ? -10.91661 11.85916  -3.79225  1.000 36.89025  ? 238 ARG A NE  1 
ATOM   632  C CZ  . ARG A 1 99  ? -11.63670 10.74491  -3.81656  1.000 41.06503  ? 238 ARG A CZ  1 
ATOM   633  N NH1 . ARG A 1 99  ? -12.74701 10.68223  -4.54049  1.000 41.95115  ? 238 ARG A NH1 1 
ATOM   634  N NH2 . ARG A 1 99  ? -11.24500 9.69439   -3.10761  1.000 44.52997  ? 238 ARG A NH2 1 
ATOM   635  N N   . VAL A 1 100 ? -7.21156  15.76597  -3.76917  1.000 42.05647  ? 239 VAL A N   1 
ATOM   636  C CA  . VAL A 1 100 ? -5.77256  15.61905  -3.59332  1.000 46.38445  ? 239 VAL A CA  1 
ATOM   637  C C   . VAL A 1 100 ? -5.32351  14.17991  -3.35466  1.000 47.85478  ? 239 VAL A C   1 
ATOM   638  O O   . VAL A 1 100 ? -5.74432  13.53110  -2.39375  1.000 39.84879  ? 239 VAL A O   1 
ATOM   639  C CB  . VAL A 1 100 ? -5.27225  16.48528  -2.42189  1.000 53.44186  ? 239 VAL A CB  1 
ATOM   640  C CG1 . VAL A 1 100 ? -3.79410  16.22517  -2.16155  1.000 45.06490  ? 239 VAL A CG1 1 
ATOM   641  C CG2 . VAL A 1 100 ? -5.53035  17.96385  -2.70199  1.000 43.50991  ? 239 VAL A CG2 1 
ATOM   642  N N   . TYR A 1 101 ? -4.45557  13.69919  -4.23913  1.000 46.94415  ? 240 TYR A N   1 
ATOM   643  C CA  . TYR A 1 101 ? -3.82146  12.39627  -4.07799  1.000 47.74199  ? 240 TYR A CA  1 
ATOM   644  C C   . TYR A 1 101 ? -2.35508  12.57587  -3.69877  1.000 41.99159  ? 240 TYR A C   1 
ATOM   645  O O   . TYR A 1 101 ? -1.54503  13.04562  -4.49845  1.000 47.33892  ? 240 TYR A O   1 
ATOM   646  C CB  . TYR A 1 101 ? -3.95958  11.56842  -5.35715  1.000 36.25495  ? 240 TYR A CB  1 
ATOM   647  C CG  . TYR A 1 101 ? -5.40075  11.35993  -5.76067  1.000 44.35278  ? 240 TYR A CG  1 
ATOM   648  C CD1 . TYR A 1 101 ? -5.99925  12.17069  -6.71464  1.000 48.87679  ? 240 TYR A CD1 1 
ATOM   649  C CD2 . TYR A 1 101 ? -6.17250  10.37201  -5.16486  1.000 42.58203  ? 240 TYR A CD2 1 
ATOM   650  C CE1 . TYR A 1 101 ? -7.32018  11.99441  -7.07724  1.000 43.12696  ? 240 TYR A CE1 1 
ATOM   651  C CE2 . TYR A 1 101 ? -7.49623  10.18720  -5.52250  1.000 45.76160  ? 240 TYR A CE2 1 
ATOM   652  C CZ  . TYR A 1 101 ? -8.06443  11.00191  -6.47693  1.000 45.97214  ? 240 TYR A CZ  1 
ATOM   653  O OH  . TYR A 1 101 ? -9.38044  10.82265  -6.83965  1.000 49.72048  ? 240 TYR A OH  1 
ATOM   654  N N   . SER A 1 102 ? -2.02793  12.20140  -2.46798  1.000 42.14931  ? 241 SER A N   1 
ATOM   655  C CA  . SER A 1 102 ? -0.68446  12.37508  -1.93663  1.000 43.61717  ? 241 SER A CA  1 
ATOM   656  C C   . SER A 1 102 ? -0.05609  11.02469  -1.62261  1.000 46.94397  ? 241 SER A C   1 
ATOM   657  O O   . SER A 1 102 ? -0.75903  10.04196  -1.40316  1.000 47.23212  ? 241 SER A O   1 
ATOM   658  C CB  . SER A 1 102 ? -0.71877  13.25044  -0.68132  1.000 44.07738  ? 241 SER A CB  1 
ATOM   659  O OG  . SER A 1 102 ? 0.56824   13.37034  -0.10103  1.000 53.53972  ? 241 SER A OG  1 
ATOM   660  N N   . ASN A 1 103 ? 1.27139   10.97276  -1.61685  1.000 42.88023  ? 242 ASN A N   1 
ATOM   661  C CA  . ASN A 1 103 ? 1.97718   9.74535   -1.27721  1.000 39.22042  ? 242 ASN A CA  1 
ATOM   662  C C   . ASN A 1 103 ? 3.23582   10.04683  -0.48149  1.000 46.83536  ? 242 ASN A C   1 
ATOM   663  O O   . ASN A 1 103 ? 3.92436   11.03420  -0.74492  1.000 48.24634  ? 242 ASN A O   1 
ATOM   664  C CB  . ASN A 1 103 ? 2.32501   8.95530   -2.53624  1.000 38.30112  ? 242 ASN A CB  1 
ATOM   665  C CG  . ASN A 1 103 ? 1.10306   8.60067   -3.35858  1.000 46.94465  ? 242 ASN A CG  1 
ATOM   666  O OD1 . ASN A 1 103 ? 0.73989   9.31847   -4.29429  1.000 38.49027  ? 242 ASN A OD1 1 
ATOM   667  N ND2 . ASN A 1 103 ? 0.45453   7.49210   -3.01023  1.000 41.47506  ? 242 ASN A ND2 1 
ATOM   668  N N   . SER A 1 104 ? 3.52771   9.19512   0.49684   1.000 40.63107  ? 243 SER A N   1 
ATOM   669  C CA  . SER A 1 104 ? 4.67438   9.39935   1.37396   1.000 44.44160  ? 243 SER A CA  1 
ATOM   670  C C   . SER A 1 104 ? 5.87069   8.53587   0.97828   1.000 53.35877  ? 243 SER A C   1 
ATOM   671  O O   . SER A 1 104 ? 5.72240   7.36426   0.62050   1.000 47.52766  ? 243 SER A O   1 
ATOM   672  C CB  . SER A 1 104 ? 4.28766   9.11698   2.82847   1.000 46.54519  ? 243 SER A CB  1 
ATOM   673  O OG  . SER A 1 104 ? 3.42937   10.12458  3.33748   1.000 43.79629  ? 243 SER A OG  1 
ATOM   674  N N   . ILE A 1 105 ? 7.05740   9.13225   1.04624   1.000 49.13748  ? 244 ILE A N   1 
ATOM   675  C CA  . ILE A 1 105 ? 8.29997   8.42905   0.76202   1.000 44.65549  ? 244 ILE A CA  1 
ATOM   676  C C   . ILE A 1 105 ? 8.95642   7.99998   2.06485   1.000 43.97014  ? 244 ILE A C   1 
ATOM   677  O O   . ILE A 1 105 ? 9.11786   8.80510   2.98387   1.000 40.88401  ? 244 ILE A O   1 
ATOM   678  C CB  . ILE A 1 105 ? 9.27986   9.30692   -0.03997  1.000 47.44552  ? 244 ILE A CB  1 
ATOM   679  C CG1 . ILE A 1 105 ? 8.59701   9.86992   -1.28730  1.000 46.51596  ? 244 ILE A CG1 1 
ATOM   680  C CG2 . ILE A 1 105 ? 10.51728  8.51610   -0.41885  1.000 45.87285  ? 244 ILE A CG2 1 
ATOM   681  C CD1 . ILE A 1 105 ? 9.40842   10.93333  -1.98820  1.000 53.31003  ? 244 ILE A CD1 1 
ATOM   682  N N   . TYR A 1 106 ? 9.33452   6.72766   2.14105   1.000 45.94444  ? 245 TYR A N   1 
ATOM   683  C CA  . TYR A 1 106 ? 9.92193   6.18226   3.35752   1.000 49.72028  ? 245 TYR A CA  1 
ATOM   684  C C   . TYR A 1 106 ? 11.33544  5.66158   3.13460   1.000 49.92127  ? 245 TYR A C   1 
ATOM   685  O O   . TYR A 1 106 ? 11.67230  5.17892   2.05339   1.000 46.97619  ? 245 TYR A O   1 
ATOM   686  C CB  . TYR A 1 106 ? 9.04147   5.06118   3.91711   1.000 43.25281  ? 245 TYR A CB  1 
ATOM   687  C CG  . TYR A 1 106 ? 7.78459   5.55135   4.60240   1.000 47.75405  ? 245 TYR A CG  1 
ATOM   688  C CD1 . TYR A 1 106 ? 6.64106   5.84908   3.87246   1.000 42.69315  ? 245 TYR A CD1 1 
ATOM   689  C CD2 . TYR A 1 106 ? 7.74324   5.71362   5.98146   1.000 49.46369  ? 245 TYR A CD2 1 
ATOM   690  C CE1 . TYR A 1 106 ? 5.49183   6.29704   4.49726   1.000 43.30496  ? 245 TYR A CE1 1 
ATOM   691  C CE2 . TYR A 1 106 ? 6.59973   6.16256   6.61523   1.000 46.91820  ? 245 TYR A CE2 1 
ATOM   692  C CZ  . TYR A 1 106 ? 5.47614   6.45330   5.86742   1.000 46.19134  ? 245 TYR A CZ  1 
ATOM   693  O OH  . TYR A 1 106 ? 4.33440   6.89905   6.49450   1.000 51.65899  ? 245 TYR A OH  1 
ATOM   694  N N   . GLU A 1 107 ? 12.15939  5.77150   4.17036   1.000 48.44801  ? 246 GLU A N   1 
ATOM   695  C CA  . GLU A 1 107 ? 13.47506  5.15104   4.16994   1.000 48.80269  ? 246 GLU A CA  1 
ATOM   696  C C   . GLU A 1 107 ? 13.44132  3.86612   4.98630   1.000 52.43092  ? 246 GLU A C   1 
ATOM   697  O O   . GLU A 1 107 ? 12.87827  3.82937   6.07947   1.000 55.44842  ? 246 GLU A O   1 
ATOM   698  C CB  . GLU A 1 107 ? 14.53145  6.10580   4.72425   1.000 52.70114  ? 246 GLU A CB  1 
ATOM   699  C CG  . GLU A 1 107 ? 14.85417  7.26939   3.80702   1.000 54.26467  ? 246 GLU A CG  1 
ATOM   700  C CD  . GLU A 1 107 ? 16.03978  8.07722   4.29309   1.000 67.46078  ? 246 GLU A CD  1 
ATOM   701  O OE1 . GLU A 1 107 ? 16.19151  8.23227   5.52446   1.000 61.93573  ? 246 GLU A OE1 1 
ATOM   702  O OE2 . GLU A 1 107 ? 16.82764  8.54516   3.44238   1.000 68.60114  ? 246 GLU A OE2 1 
ATOM   703  N N   . LEU A 1 108 ? 14.04282  2.81271   4.44686   1.000 51.68062  ? 247 LEU A N   1 
ATOM   704  C CA  . LEU A 1 108 ? 14.07571  1.52343   5.12189   1.000 47.17661  ? 247 LEU A CA  1 
ATOM   705  C C   . LEU A 1 108 ? 15.43380  1.29166   5.76140   1.000 50.35401  ? 247 LEU A C   1 
ATOM   706  O O   . LEU A 1 108 ? 16.45576  1.25623   5.07532   1.000 56.50482  ? 247 LEU A O   1 
ATOM   707  C CB  . LEU A 1 108 ? 13.75002  0.40334   4.13965   1.000 51.54834  ? 247 LEU A CB  1 
ATOM   708  C CG  . LEU A 1 108 ? 12.39180  0.55561   3.45661   1.000 55.35713  ? 247 LEU A CG  1 
ATOM   709  C CD1 . LEU A 1 108 ? 12.38251  -0.18574  2.13355   1.000 58.91416  ? 247 LEU A CD1 1 
ATOM   710  C CD2 . LEU A 1 108 ? 11.28128  0.05744   4.37332   1.000 52.17178  ? 247 LEU A CD2 1 
ATOM   711  N N   . LEU A 1 109 ? 15.43657  1.13537   7.08072   1.000 46.88322  ? 248 LEU A N   1 
ATOM   712  C CA  . LEU A 1 109 ? 16.67375  0.99495   7.83142   1.000 47.12287  ? 248 LEU A CA  1 
ATOM   713  C C   . LEU A 1 109 ? 17.00440  -0.46286  8.12110   1.000 52.99842  ? 248 LEU A C   1 
ATOM   714  O O   . LEU A 1 109 ? 16.12283  -1.27429  8.40717   1.000 49.61998  ? 248 LEU A O   1 
ATOM   715  C CB  . LEU A 1 109 ? 16.59210  1.77998   9.14155   1.000 44.94426  ? 248 LEU A CB  1 
ATOM   716  C CG  . LEU A 1 109 ? 16.30648  3.27395   8.98720   1.000 56.68340  ? 248 LEU A CG  1 
ATOM   717  C CD1 . LEU A 1 109 ? 16.26719  3.96516   10.34206  1.000 59.33457  ? 248 LEU A CD1 1 
ATOM   718  C CD2 . LEU A 1 109 ? 17.33991  3.91870   8.08209   1.000 49.70953  ? 248 LEU A CD2 1 
ATOM   719  N N   . GLU A 1 110 ? 18.28693  -0.78696  8.01587   1.000 49.53027  ? 249 GLU A N   1 
ATOM   720  C CA  . GLU A 1 110 ? 18.78762  -2.10566  8.36738   1.000 47.37328  ? 249 GLU A CA  1 
ATOM   721  C C   . GLU A 1 110 ? 20.08394  -1.93927  9.15296   1.000 53.41633  ? 249 GLU A C   1 
ATOM   722  O O   . GLU A 1 110 ? 21.07154  -1.43597  8.61689   1.000 55.07584  ? 249 GLU A O   1 
ATOM   723  C CB  . GLU A 1 110 ? 19.00758  -2.93707  7.10608   1.000 48.83625  ? 249 GLU A CB  1 
ATOM   724  C CG  . GLU A 1 110 ? 19.36306  -4.38657  7.33348   1.000 50.02595  ? 249 GLU A CG  1 
ATOM   725  C CD  . GLU A 1 110 ? 19.61714  -5.10526  6.02759   1.000 55.76510  ? 249 GLU A CD  1 
ATOM   726  O OE1 . GLU A 1 110 ? 18.90839  -6.09185  5.73574   1.000 60.08382  ? 249 GLU A OE1 1 
ATOM   727  O OE2 . GLU A 1 110 ? 20.52122  -4.67018  5.28250   1.000 57.92400  ? 249 GLU A OE2 1 
ATOM   728  N N   . ASN A 1 111 ? 20.07632  -2.36603  10.41325  1.000 52.90732  ? 250 ASN A N   1 
ATOM   729  C CA  . ASN A 1 111 ? 21.21495  -2.18650  11.31539  1.000 49.35759  ? 250 ASN A CA  1 
ATOM   730  C C   . ASN A 1 111 ? 21.77390  -0.76420  11.33590  1.000 48.46018  ? 250 ASN A C   1 
ATOM   731  O O   . ASN A 1 111 ? 22.99032  -0.56892  11.33188  1.000 54.99028  ? 250 ASN A O   1 
ATOM   732  C CB  . ASN A 1 111 ? 22.33268  -3.16567  10.95339  1.000 52.45835  ? 250 ASN A CB  1 
ATOM   733  C CG  . ASN A 1 111 ? 22.01430  -4.58850  11.36876  1.000 73.78518  ? 250 ASN A CG  1 
ATOM   734  O OD1 . ASN A 1 111 ? 21.84711  -5.47248  10.52787  1.000 77.51999  ? 250 ASN A OD1 1 
ATOM   735  N ND2 . ASN A 1 111 ? 21.92485  -4.81560  12.67635  1.000 72.30376  ? 250 ASN A ND2 1 
ATOM   736  N N   . GLY A 1 112 ? 20.88519  0.22421   11.35667  1.000 51.24636  ? 251 GLY A N   1 
ATOM   737  C CA  . GLY A 1 112 ? 21.29181  1.61962   11.39685  1.000 50.11169  ? 251 GLY A CA  1 
ATOM   738  C C   . GLY A 1 112 ? 21.71381  2.17457   10.04774  1.000 48.88135  ? 251 GLY A C   1 
ATOM   739  O O   . GLY A 1 112 ? 22.11053  3.33501   9.93845   1.000 57.14948  ? 251 GLY A O   1 
ATOM   740  N N   . GLN A 1 113 ? 21.62820  1.33867   9.01823   1.000 53.82255  ? 252 GLN A N   1 
ATOM   741  C CA  . GLN A 1 113 ? 21.98414  1.73129   7.65996   1.000 48.84817  ? 252 GLN A CA  1 
ATOM   742  C C   . GLN A 1 113 ? 20.73141  1.94726   6.82589   1.000 46.19928  ? 252 GLN A C   1 
ATOM   743  O O   . GLN A 1 113 ? 19.76416  1.19912   6.96033   1.000 42.87981  ? 252 GLN A O   1 
ATOM   744  C CB  . GLN A 1 113 ? 22.86785  0.66327   7.00838   1.000 50.65744  ? 252 GLN A CB  1 
ATOM   745  C CG  . GLN A 1 113 ? 24.21108  0.47820   7.68527   1.000 46.58430  ? 252 GLN A CG  1 
ATOM   746  C CD  . GLN A 1 113 ? 25.04328  1.73327   7.61839   1.000 50.23599  ? 252 GLN A CD  1 
ATOM   747  O OE1 . GLN A 1 113 ? 25.05427  2.42196   6.59870   1.000 51.19605  ? 252 GLN A OE1 1 
ATOM   748  N NE2 . GLN A 1 113 ? 25.72820  2.05391   8.71128   1.000 47.34790  ? 252 GLN A NE2 1 
ATOM   749  N N   . ARG A 1 114 ? 20.74221  2.95640   5.95989   1.000 47.25739  ? 253 ARG A N   1 
ATOM   750  C CA  . ARG A 1 114 ? 19.62882  3.12638   5.04007   1.000 46.68644  ? 253 ARG A CA  1 
ATOM   751  C C   . ARG A 1 114 ? 19.80578  2.13672   3.90274   1.000 50.29871  ? 253 ARG A C   1 
ATOM   752  O O   . ARG A 1 114 ? 20.75478  2.23798   3.12496   1.000 51.49816  ? 253 ARG A O   1 
ATOM   753  C CB  . ARG A 1 114 ? 19.56741  4.55715   4.49994   1.000 46.13051  ? 253 ARG A CB  1 
ATOM   754  C CG  . ARG A 1 114 ? 19.33666  5.61383   5.55937   1.000 57.18712  ? 253 ARG A CG  1 
ATOM   755  C CD  . ARG A 1 114 ? 19.19518  7.00343   4.95356   1.000 65.94470  ? 253 ARG A CD  1 
ATOM   756  N NE  . ARG A 1 114 ? 20.41143  7.44669   4.27843   1.000 66.77583  ? 253 ARG A NE  1 
ATOM   757  C CZ  . ARG A 1 114 ? 20.55567  7.51266   2.95834   1.000 65.62479  ? 253 ARG A CZ  1 
ATOM   758  N NH1 . ARG A 1 114 ? 19.55327  7.17301   2.15975   1.000 64.29885  ? 253 ARG A NH1 1 
ATOM   759  N NH2 . ARG A 1 114 ? 21.70226  7.92657   2.43751   1.000 69.51723  ? 253 ARG A NH2 1 
ATOM   760  N N   . ALA A 1 115 ? 18.88534  1.18155   3.80943   1.000 45.89600  ? 254 ALA A N   1 
ATOM   761  C CA  . ALA A 1 115 ? 18.97486  0.13679   2.79929   1.000 48.58715  ? 254 ALA A CA  1 
ATOM   762  C C   . ALA A 1 115 ? 18.07133  0.38672   1.59327   1.000 49.29357  ? 254 ALA A C   1 
ATOM   763  O O   . ALA A 1 115 ? 18.10833  -0.36376  0.62022   1.000 43.54922  ? 254 ALA A O   1 
ATOM   764  C CB  . ALA A 1 115 ? 18.65673  -1.21447  3.42568   1.000 49.49012  ? 254 ALA A CB  1 
ATOM   765  N N   . GLY A 1 116 ? 17.26234  1.43974   1.65039   1.000 54.61342  ? 255 GLY A N   1 
ATOM   766  C CA  . GLY A 1 116 ? 16.35872  1.72758   0.55127   1.000 50.51017  ? 255 GLY A CA  1 
ATOM   767  C C   . GLY A 1 116 ? 15.42736  2.90223   0.77086   1.000 50.73275  ? 255 GLY A C   1 
ATOM   768  O O   . GLY A 1 116 ? 15.17582  3.32101   1.90136   1.000 49.50964  ? 255 GLY A O   1 
ATOM   769  N N   . THR A 1 117 ? 14.91407  3.43335   -0.33212  1.000 49.74909  ? 256 THR A N   1 
ATOM   770  C CA  . THR A 1 117 ? 13.99500  4.55974   -0.29917  1.000 50.92340  ? 256 THR A CA  1 
ATOM   771  C C   . THR A 1 117 ? 12.91106  4.36301   -1.35313  1.000 57.47656  ? 256 THR A C   1 
ATOM   772  O O   . THR A 1 117 ? 13.21390  4.14937   -2.53012  1.000 54.40010  ? 256 THR A O   1 
ATOM   773  C CB  . THR A 1 117 ? 14.73333  5.88776   -0.54164  1.000 54.59649  ? 256 THR A CB  1 
ATOM   774  O OG1 . THR A 1 117 ? 15.82556  5.99916   0.37916   1.000 55.87173  ? 256 THR A OG1 1 
ATOM   775  C CG2 . THR A 1 117 ? 13.79790  7.06560   -0.34915  1.000 55.05588  ? 256 THR A CG2 1 
ATOM   776  N N   . CYS A 1 118 ? 11.65066  4.43280   -0.93373  1.000 46.91360  ? 257 CYS A N   1 
ATOM   777  C CA  . CYS A 1 118 ? 10.54272  4.16298   -1.84478  1.000 46.31770  ? 257 CYS A CA  1 
ATOM   778  C C   . CYS A 1 118 ? 9.22147   4.76782   -1.37867  1.000 46.11036  ? 257 CYS A C   1 
ATOM   779  O O   . CYS A 1 118 ? 9.06284   5.13378   -0.21228  1.000 42.73601  ? 257 CYS A O   1 
ATOM   780  C CB  . CYS A 1 118 ? 10.37371  2.65675   -2.02875  1.000 49.02587  ? 257 CYS A CB  1 
ATOM   781  S SG  . CYS A 1 118 ? 9.93742   1.78818   -0.50664  1.000 52.45796  ? 257 CYS A SG  1 
ATOM   782  N N   . VAL A 1 119 ? 8.27065   4.86544   -2.30055  1.000 46.37628  ? 258 VAL A N   1 
ATOM   783  C CA  . VAL A 1 119 ? 6.92689   5.28976   -1.94646  1.000 47.38642  ? 258 VAL A CA  1 
ATOM   784  C C   . VAL A 1 119 ? 6.19940   4.09314   -1.34676  1.000 43.69854  ? 258 VAL A C   1 
ATOM   785  O O   . VAL A 1 119 ? 5.98651   3.08472   -2.01679  1.000 42.11511  ? 258 VAL A O   1 
ATOM   786  C CB  . VAL A 1 119 ? 6.16165   5.82428   -3.16611  1.000 48.63363  ? 258 VAL A CB  1 
ATOM   787  C CG1 . VAL A 1 119 ? 4.80988   6.36909   -2.74602  1.000 52.14761  ? 258 VAL A CG1 1 
ATOM   788  C CG2 . VAL A 1 119 ? 6.98029   6.89656   -3.86723  1.000 49.24580  ? 258 VAL A CG2 1 
ATOM   789  N N   . LEU A 1 120 ? 5.80840   4.21639   -0.08489  1.000 40.38571  ? 259 LEU A N   1 
ATOM   790  C CA  . LEU A 1 120 ? 5.30433   3.07498   0.66424   1.000 41.27948  ? 259 LEU A CA  1 
ATOM   791  C C   . LEU A 1 120 ? 4.00436   3.39575   1.39389   1.000 42.01565  ? 259 LEU A C   1 
ATOM   792  O O   . LEU A 1 120 ? 3.90571   4.40479   2.09502   1.000 34.88950  ? 259 LEU A O   1 
ATOM   793  C CB  . LEU A 1 120 ? 6.36427   2.60077   1.66140   1.000 41.10416  ? 259 LEU A CB  1 
ATOM   794  C CG  . LEU A 1 120 ? 6.05270   1.35494   2.49138   1.000 38.66252  ? 259 LEU A CG  1 
ATOM   795  C CD1 . LEU A 1 120 ? 5.80958   0.16342   1.58970   1.000 34.68112  ? 259 LEU A CD1 1 
ATOM   796  C CD2 . LEU A 1 120 ? 7.18570   1.07166   3.45918   1.000 36.60417  ? 259 LEU A CD2 1 
ATOM   797  N N   . GLU A 1 121 ? 3.00228   2.54163   1.21395   1.000 42.38345  ? 260 GLU A N   1 
ATOM   798  C CA  . GLU A 1 121 ? 1.74739   2.69437   1.93794   1.000 39.41559  ? 260 GLU A CA  1 
ATOM   799  C C   . GLU A 1 121 ? 1.00678   1.36897   2.08573   1.000 44.64635  ? 260 GLU A C   1 
ATOM   800  O O   . GLU A 1 121 ? 1.16253   0.45842   1.27124   1.000 38.67900  ? 260 GLU A O   1 
ATOM   801  C CB  . GLU A 1 121 ? 0.85322   3.72293   1.23809   1.000 32.13404  ? 260 GLU A CB  1 
ATOM   802  C CG  . GLU A 1 121 ? 0.39474   3.32177   -0.14941  1.000 35.98307  ? 260 GLU A CG  1 
ATOM   803  C CD  . GLU A 1 121 ? -0.10905  4.50430   -0.95906  1.000 42.06765  ? 260 GLU A CD  1 
ATOM   804  O OE1 . GLU A 1 121 ? 0.54350   5.57005   -0.91816  1.000 39.00298  ? 260 GLU A OE1 1 
ATOM   805  O OE2 . GLU A 1 121 ? -1.15328  4.37120   -1.63343  1.000 34.61109  ? 260 GLU A OE2 1 
ATOM   806  N N   . TYR A 1 122 ? 0.20404   1.27231   3.14056   1.000 47.15303  ? 261 TYR A N   1 
ATOM   807  C CA  . TYR A 1 122 ? -0.73043  0.16620   3.30110   1.000 43.08202  ? 261 TYR A CA  1 
ATOM   808  C C   . TYR A 1 122 ? -1.82296  0.28651   2.25884   1.000 39.85289  ? 261 TYR A C   1 
ATOM   809  O O   . TYR A 1 122 ? -2.04395  1.36414   1.70835   1.000 45.15868  ? 261 TYR A O   1 
ATOM   810  C CB  . TYR A 1 122 ? -1.36072  0.16321   4.69542   1.000 36.45085  ? 261 TYR A CB  1 
ATOM   811  C CG  . TYR A 1 122 ? -0.47486  -0.34640  5.80337   1.000 36.46492  ? 261 TYR A CG  1 
ATOM   812  C CD1 . TYR A 1 122 ? -0.24258  -1.70531  5.96134   1.000 36.50186  ? 261 TYR A CD1 1 
ATOM   813  C CD2 . TYR A 1 122 ? 0.10379   0.52856   6.71123   1.000 37.63512  ? 261 TYR A CD2 1 
ATOM   814  C CE1 . TYR A 1 122 ? 0.56079   -2.17796  6.98198   1.000 39.23631  ? 261 TYR A CE1 1 
ATOM   815  C CE2 . TYR A 1 122 ? 0.90738   0.06551   7.73558   1.000 40.05154  ? 261 TYR A CE2 1 
ATOM   816  C CZ  . TYR A 1 122 ? 1.13187   -1.28797  7.86679   1.000 40.43772  ? 261 TYR A CZ  1 
ATOM   817  O OH  . TYR A 1 122 ? 1.93116   -1.75554  8.88558   1.000 52.25264  ? 261 TYR A OH  1 
ATOM   818  N N   . ALA A 1 123 ? -2.52867  -0.80770  2.00506   1.000 36.73268  ? 262 ALA A N   1 
ATOM   819  C CA  . ALA A 1 123 ? -3.72045  -0.72394  1.18163   1.000 38.59181  ? 262 ALA A CA  1 
ATOM   820  C C   . ALA A 1 123 ? -4.89285  -0.43893  2.10692   1.000 45.00020  ? 262 ALA A C   1 
ATOM   821  O O   . ALA A 1 123 ? -5.30900  -1.29355  2.89116   1.000 38.93664  ? 262 ALA A O   1 
ATOM   822  C CB  . ALA A 1 123 ? -3.93916  -2.00860  0.40286   1.000 39.48485  ? 262 ALA A CB  1 
ATOM   823  N N   . THR A 1 124 ? -5.42401  0.77441   1.99580   1.000 45.37624  ? 263 THR A N   1 
ATOM   824  C CA  . THR A 1 124 ? -6.43496  1.28030   2.91965   1.000 41.24209  ? 263 THR A CA  1 
ATOM   825  C C   . THR A 1 124 ? -7.69433  0.40927   3.06668   1.000 41.82773  ? 263 THR A C   1 
ATOM   826  O O   . THR A 1 124 ? -8.18100  0.25006   4.18367   1.000 43.35228  ? 263 THR A O   1 
ATOM   827  C CB  . THR A 1 124 ? -6.87265  2.70681   2.51916   1.000 45.66489  ? 263 THR A CB  1 
ATOM   828  O OG1 . THR A 1 124 ? -5.72005  3.48846   2.18663   1.000 42.28444  ? 263 THR A OG1 1 
ATOM   829  C CG2 . THR A 1 124 ? -7.61305  3.37737   3.65536   1.000 36.06426  ? 263 THR A CG2 1 
ATOM   830  N N   . PRO A 1 125 ? -8.22444  -0.16241  1.96122   1.000 37.70513  ? 264 PRO A N   1 
ATOM   831  C CA  . PRO A 1 125 ? -9.45328  -0.95281  2.12714   1.000 36.27244  ? 264 PRO A CA  1 
ATOM   832  C C   . PRO A 1 125 ? -9.33782  -2.12478  3.10538   1.000 40.55151  ? 264 PRO A C   1 
ATOM   833  O O   . PRO A 1 125 ? -10.36264 -2.61586  3.57739   1.000 42.01862  ? 264 PRO A O   1 
ATOM   834  C CB  . PRO A 1 125 ? -9.72433  -1.46983  0.71176   1.000 38.54664  ? 264 PRO A CB  1 
ATOM   835  C CG  . PRO A 1 125 ? -9.10117  -0.46532  -0.17342  1.000 39.32447  ? 264 PRO A CG  1 
ATOM   836  C CD  . PRO A 1 125 ? -7.85109  -0.06099  0.53795   1.000 38.92950  ? 264 PRO A CD  1 
ATOM   837  N N   . LEU A 1 126 ? -8.12056  -2.56874  3.40177   1.000 37.65017  ? 265 LEU A N   1 
ATOM   838  C CA  . LEU A 1 126 ? -7.92498  -3.61562  4.39787   1.000 38.38908  ? 265 LEU A CA  1 
ATOM   839  C C   . LEU A 1 126 ? -8.27110  -3.08010  5.78555   1.000 52.77149  ? 265 LEU A C   1 
ATOM   840  O O   . LEU A 1 126 ? -8.73167  -3.82131  6.65465   1.000 48.50765  ? 265 LEU A O   1 
ATOM   841  C CB  . LEU A 1 126 ? -6.49111  -4.14201  4.36374   1.000 31.37211  ? 265 LEU A CB  1 
ATOM   842  C CG  . LEU A 1 126 ? -6.13019  -4.96951  3.12745   1.000 40.45448  ? 265 LEU A CG  1 
ATOM   843  C CD1 . LEU A 1 126 ? -4.73040  -5.55697  3.24938   1.000 37.85934  ? 265 LEU A CD1 1 
ATOM   844  C CD2 . LEU A 1 126 ? -7.15926  -6.06907  2.90315   1.000 39.51493  ? 265 LEU A CD2 1 
ATOM   845  N N   . GLN A 1 127 ? -8.05023  -1.78340  5.97969   1.000 49.61999  ? 266 GLN A N   1 
ATOM   846  C CA  . GLN A 1 127 ? -8.43049  -1.11304  7.21295   1.000 41.82197  ? 266 GLN A CA  1 
ATOM   847  C C   . GLN A 1 127 ? -9.94647  -0.94817  7.25427   1.000 48.58872  ? 266 GLN A C   1 
ATOM   848  O O   . GLN A 1 127 ? -10.55862 -0.98914  8.32064   1.000 47.58250  ? 266 GLN A O   1 
ATOM   849  C CB  . GLN A 1 127 ? -7.73225  0.24483   7.32670   1.000 43.77315  ? 266 GLN A CB  1 
ATOM   850  C CG  . GLN A 1 127 ? -7.68042  0.82122   8.73374   1.000 43.79657  ? 266 GLN A CG  1 
ATOM   851  C CD  . GLN A 1 127 ? -7.20530  2.26168   8.74950   1.000 42.53961  ? 266 GLN A CD  1 
ATOM   852  O OE1 . GLN A 1 127 ? -7.83410  3.13996   8.15689   1.000 42.29413  ? 266 GLN A OE1 1 
ATOM   853  N NE2 . GLN A 1 127 ? -6.08661  2.51057   9.41790   1.000 45.13658  ? 266 GLN A NE2 1 
ATOM   854  N N   . THR A 1 128 ? -10.54862 -0.76936  6.08311   1.000 37.82049  ? 267 THR A N   1 
ATOM   855  C CA  . THR A 1 128 ? -11.99526 -0.63658  5.97549   1.000 44.65536  ? 267 THR A CA  1 
ATOM   856  C C   . THR A 1 128 ? -12.69446 -1.95704  6.29268   1.000 50.04724  ? 267 THR A C   1 
ATOM   857  O O   . THR A 1 128 ? -13.70608 -1.97772  6.99471   1.000 51.61659  ? 267 THR A O   1 
ATOM   858  C CB  . THR A 1 128 ? -12.40118 -0.16558  4.57564   1.000 48.00120  ? 267 THR A CB  1 
ATOM   859  O OG1 . THR A 1 128 ? -11.89430 1.15722   4.35276   1.000 53.45317  ? 267 THR A OG1 1 
ATOM   860  C CG2 . THR A 1 128 ? -13.90654 -0.15741  4.43120   1.000 41.64190  ? 267 THR A CG2 1 
ATOM   861  N N   . LEU A 1 129 ? -12.14933 -3.05329  5.76935   1.000 40.52631  ? 268 LEU A N   1 
ATOM   862  C CA  . LEU A 1 129 ? -12.64098 -4.39369  6.08039   1.000 43.69918  ? 268 LEU A CA  1 
ATOM   863  C C   . LEU A 1 129 ? -12.61132 -4.66194  7.57946   1.000 45.27865  ? 268 LEU A C   1 
ATOM   864  O O   . LEU A 1 129 ? -13.58547 -5.14213  8.14815   1.000 37.91140  ? 268 LEU A O   1 
ATOM   865  C CB  . LEU A 1 129 ? -11.81582 -5.46015  5.35776   1.000 36.06938  ? 268 LEU A CB  1 
ATOM   866  C CG  . LEU A 1 129 ? -12.23824 -5.82158  3.93488   1.000 56.07770  ? 268 LEU A CG  1 
ATOM   867  C CD1 . LEU A 1 129 ? -11.30117 -6.84962  3.32051   1.000 47.30572  ? 268 LEU A CD1 1 
ATOM   868  C CD2 . LEU A 1 129 ? -13.66762 -6.31807  3.92220   1.000 46.62612  ? 268 LEU A CD2 1 
ATOM   869  N N   . PHE A 1 130 ? -11.48062 -4.36175  8.20826   1.000 41.51853  ? 269 PHE A N   1 
ATOM   870  C CA  . PHE A 1 130 ? -11.33766 -4.51923  9.65092   1.000 48.69933  ? 269 PHE A CA  1 
ATOM   871  C C   . PHE A 1 130 ? -12.42884 -3.75761  10.39121  1.000 46.60102  ? 269 PHE A C   1 
ATOM   872  O O   . PHE A 1 130 ? -13.11675 -4.31269  11.23768  1.000 50.12075  ? 269 PHE A O   1 
ATOM   873  C CB  . PHE A 1 130 ? -9.95851  -4.03490  10.09481  1.000 41.23548  ? 269 PHE A CB  1 
ATOM   874  C CG  . PHE A 1 130 ? -9.58252  -4.44429  11.48960  1.000 42.15081  ? 269 PHE A CG  1 
ATOM   875  C CD1 . PHE A 1 130 ? -8.76842  -5.54433  11.69443  1.000 47.63440  ? 269 PHE A CD1 1 
ATOM   876  C CD2 . PHE A 1 130 ? -10.01520 -3.71882  12.59195  1.000 44.48758  ? 269 PHE A CD2 1 
ATOM   877  C CE1 . PHE A 1 130 ? -8.40452  -5.92957  12.96888  1.000 42.85399  ? 269 PHE A CE1 1 
ATOM   878  C CE2 . PHE A 1 130 ? -9.65556  -4.10077  13.86865  1.000 47.93202  ? 269 PHE A CE2 1 
ATOM   879  C CZ  . PHE A 1 130 ? -8.84606  -5.20528  14.05571  1.000 46.11435  ? 269 PHE A CZ  1 
ATOM   880  N N   . ALA A 1 131 ? -12.59201 -2.48683  10.05200  1.000 48.70398  ? 270 ALA A N   1 
ATOM   881  C CA  . ALA A 1 131 ? -13.60696 -1.66010  10.68220  1.000 45.93470  ? 270 ALA A CA  1 
ATOM   882  C C   . ALA A 1 131 ? -15.01350 -2.21381  10.45449  1.000 48.20075  ? 270 ALA A C   1 
ATOM   883  O O   . ALA A 1 131 ? -15.84597 -2.17527  11.35962  1.000 52.20544  ? 270 ALA A O   1 
ATOM   884  C CB  . ALA A 1 131 ? -13.51030 -0.24271  10.17145  1.000 38.46538  ? 270 ALA A CB  1 
ATOM   885  N N   . MET A 1 132 ? -15.27198 -2.72321  9.25149   1.000 55.91799  ? 271 MET A N   1 
ATOM   886  C CA  . MET A 1 132 ? -16.57392 -3.30658  8.92080   1.000 48.15421  ? 271 MET A CA  1 
ATOM   887  C C   . MET A 1 132 ? -16.96445 -4.43178  9.87453   1.000 47.11755  ? 271 MET A C   1 
ATOM   888  O O   . MET A 1 132 ? -18.11620 -4.52370  10.29800  1.000 49.49228  ? 271 MET A O   1 
ATOM   889  C CB  . MET A 1 132 ? -16.58211 -3.83903  7.48346   1.000 42.96972  ? 271 MET A CB  1 
ATOM   890  C CG  . MET A 1 132 ? -16.97056 -2.81432  6.43567   1.000 46.74002  ? 271 MET A CG  1 
ATOM   891  S SD  . MET A 1 132 ? -17.29305 -3.55305  4.82022   1.000 50.29935  ? 271 MET A SD  1 
ATOM   892  C CE  . MET A 1 132 ? -18.99736 -4.07874  4.98534   1.000 42.66288  ? 271 MET A CE  1 
ATOM   893  N N   . SER A 1 133 ? -16.00151 -5.28107  10.21254  1.000 39.76756  ? 272 SER A N   1 
ATOM   894  C CA  . SER A 1 133 ? -16.26467 -6.43022  11.06866  1.000 47.92958  ? 272 SER A CA  1 
ATOM   895  C C   . SER A 1 133 ? -16.62366 -6.02937  12.49905  1.000 42.16262  ? 272 SER A C   1 
ATOM   896  O O   . SER A 1 133 ? -17.16196 -6.83536  13.25514  1.000 44.47140  ? 272 SER A O   1 
ATOM   897  C CB  . SER A 1 133 ? -15.05336 -7.36428  11.08326  1.000 47.54892  ? 272 SER A CB  1 
ATOM   898  O OG  . SER A 1 133 ? -13.90069 -6.69574  11.55841  1.000 46.61304  ? 272 SER A OG  1 
ATOM   899  N N   . GLN A 1 134 ? -16.30173 -4.79535  12.87356  1.000 40.28136  ? 273 GLN A N   1 
ATOM   900  C CA  . GLN A 1 134 ? -16.63566 -4.28944  14.19948  1.000 48.93115  ? 273 GLN A CA  1 
ATOM   901  C C   . GLN A 1 134 ? -18.05824 -3.73571  14.28800  1.000 50.75888  ? 273 GLN A C   1 
ATOM   902  O O   . GLN A 1 134 ? -18.61829 -3.62989  15.37815  1.000 51.11326  ? 273 GLN A O   1 
ATOM   903  C CB  . GLN A 1 134 ? -15.63731 -3.21444  14.61643  1.000 45.79050  ? 273 GLN A CB  1 
ATOM   904  C CG  . GLN A 1 134 ? -14.20053 -3.68051  14.55409  1.000 55.28361  ? 273 GLN A CG  1 
ATOM   905  C CD  . GLN A 1 134 ? -13.34315 -3.04929  15.62656  1.000 74.69626  ? 273 GLN A CD  1 
ATOM   906  O OE1 . GLN A 1 134 ? -13.72856 -2.05392  16.24269  1.000 75.54402  ? 273 GLN A OE1 1 
ATOM   907  N NE2 . GLN A 1 134 ? -12.17692 -3.63393  15.86772  1.000 69.92074  ? 273 GLN A NE2 1 
ATOM   908  N N   . TYR A 1 135 ? -18.64040 -3.38333  13.14466  1.000 46.15878  ? 274 TYR A N   1 
ATOM   909  C CA  . TYR A 1 135 ? -19.99070 -2.82466  13.11570  1.000 41.92449  ? 274 TYR A CA  1 
ATOM   910  C C   . TYR A 1 135 ? -21.05713 -3.90754  12.96896  1.000 47.32852  ? 274 TYR A C   1 
ATOM   911  O O   . TYR A 1 135 ? -21.01502 -4.71423  12.04042  1.000 50.14170  ? 274 TYR A O   1 
ATOM   912  C CB  . TYR A 1 135 ? -20.12856 -1.81173  11.98208  1.000 45.20752  ? 274 TYR A CB  1 
ATOM   913  C CG  . TYR A 1 135 ? -19.45864 -0.48048  12.24031  1.000 43.98931  ? 274 TYR A CG  1 
ATOM   914  C CD1 . TYR A 1 135 ? -20.10149 0.51180   12.97113  1.000 50.52758  ? 274 TYR A CD1 1 
ATOM   915  C CD2 . TYR A 1 135 ? -18.19276 -0.20732  11.73657  1.000 46.54520  ? 274 TYR A CD2 1 
ATOM   916  C CE1 . TYR A 1 135 ? -19.49681 1.73515   13.20203  1.000 57.76716  ? 274 TYR A CE1 1 
ATOM   917  C CE2 . TYR A 1 135 ? -17.57824 1.01372   11.96100  1.000 48.83362  ? 274 TYR A CE2 1 
ATOM   918  C CZ  . TYR A 1 135 ? -18.23403 1.98055   12.69482  1.000 56.23497  ? 274 TYR A CZ  1 
ATOM   919  O OH  . TYR A 1 135 ? -17.63025 3.19720   12.92178  1.000 59.23507  ? 274 TYR A OH  1 
ATOM   920  N N   . SER A 1 136 ? -22.01867 -3.90960  13.88579  1.000 43.95769  ? 275 SER A N   1 
ATOM   921  C CA  . SER A 1 136 ? -23.04245 -4.94693  13.92429  1.000 47.32494  ? 275 SER A CA  1 
ATOM   922  C C   . SER A 1 136 ? -23.96890 -4.91714  12.71003  1.000 50.65223  ? 275 SER A C   1 
ATOM   923  O O   . SER A 1 136 ? -24.30083 -5.96597  12.15963  1.000 46.25270  ? 275 SER A O   1 
ATOM   924  C CB  . SER A 1 136 ? -23.86758 -4.82481  15.20518  1.000 45.17154  ? 275 SER A CB  1 
ATOM   925  O OG  . SER A 1 136 ? -24.30426 -3.49234  15.39805  1.000 55.25589  ? 275 SER A OG  1 
ATOM   926  N N   . GLN A 1 137 ? -24.36998 -3.72424  12.27976  1.000 47.03454  ? 276 GLN A N   1 
ATOM   927  C CA  . GLN A 1 137 ? -25.33597 -3.61518  11.18791  1.000 57.35010  ? 276 GLN A CA  1 
ATOM   928  C C   . GLN A 1 137 ? -24.64909 -3.76813  9.83080   1.000 56.65018  ? 276 GLN A C   1 
ATOM   929  O O   . GLN A 1 137 ? -25.29941 -3.71053  8.78542   1.000 55.61947  ? 276 GLN A O   1 
ATOM   930  C CB  . GLN A 1 137 ? -26.09702 -2.28630  11.25909  1.000 60.81367  ? 276 GLN A CB  1 
ATOM   931  C CG  . GLN A 1 137 ? -25.21726 -1.04408  11.22955  1.000 77.48569  ? 276 GLN A CG  1 
ATOM   932  C CD  . GLN A 1 137 ? -26.01833 0.24595   11.31925  1.000 78.75525  ? 276 GLN A CD  1 
ATOM   933  O OE1 . GLN A 1 137 ? -27.14078 0.25897   11.82835  1.000 90.94392  ? 276 GLN A OE1 1 
ATOM   934  N NE2 . GLN A 1 137 ? -25.44020 1.33987   10.83076  1.000 70.20386  ? 276 GLN A NE2 1 
ATOM   935  N N   . ALA A 1 138 ? -23.33374 -3.96460  9.85545   1.000 50.81993  ? 277 ALA A N   1 
ATOM   936  C CA  . ALA A 1 138 ? -22.56114 -4.18592  8.63701   1.000 50.36283  ? 277 ALA A CA  1 
ATOM   937  C C   . ALA A 1 138 ? -22.66177 -5.63335  8.18799   1.000 49.80485  ? 277 ALA A C   1 
ATOM   938  O O   . ALA A 1 138 ? -22.30586 -5.96488  7.05833   1.000 53.83733  ? 277 ALA A O   1 
ATOM   939  C CB  . ALA A 1 138 ? -21.10635 -3.79825  8.84833   1.000 48.74562  ? 277 ALA A CB  1 
ATOM   940  N N   . GLY A 1 139 ? -23.14219 -6.48927  9.08577   1.000 62.32049  ? 278 GLY A N   1 
ATOM   941  C CA  . GLY A 1 139 ? -23.35250 -7.89291  8.77891   1.000 57.96288  ? 278 GLY A CA  1 
ATOM   942  C C   . GLY A 1 139 ? -22.11593 -8.60255  8.26405   1.000 50.59591  ? 278 GLY A C   1 
ATOM   943  O O   . GLY A 1 139 ? -22.19610 -9.41926  7.34912   1.000 66.78255  ? 278 GLY A O   1 
ATOM   944  N N   . PHE A 1 140 ? -20.96694 -8.28788  8.85059   1.000 61.09234  ? 279 PHE A N   1 
ATOM   945  C CA  . PHE A 1 140 ? -19.71571 -8.92399  8.45978   1.000 56.83684  ? 279 PHE A CA  1 
ATOM   946  C C   . PHE A 1 140 ? -18.99851 -9.49965  9.67855   1.000 51.54169  ? 279 PHE A C   1 
ATOM   947  O O   . PHE A 1 140 ? -18.55939 -8.76029  10.55861  1.000 54.36266  ? 279 PHE A O   1 
ATOM   948  C CB  . PHE A 1 140 ? -18.81675 -7.92377  7.72847   1.000 51.09482  ? 279 PHE A CB  1 
ATOM   949  C CG  . PHE A 1 140 ? -17.47626 -8.48008  7.35467   1.000 53.73849  ? 279 PHE A CG  1 
ATOM   950  C CD1 . PHE A 1 140 ? -17.37426 -9.52019  6.44963   1.000 58.12577  ? 279 PHE A CD1 1 
ATOM   951  C CD2 . PHE A 1 140 ? -16.31880 -7.96037  7.90319   1.000 55.27594  ? 279 PHE A CD2 1 
ATOM   952  C CE1 . PHE A 1 140 ? -16.14473 -10.03311 6.10738   1.000 64.83883  ? 279 PHE A CE1 1 
ATOM   953  C CE2 . PHE A 1 140 ? -15.08375 -8.46768  7.56361   1.000 52.87215  ? 279 PHE A CE2 1 
ATOM   954  C CZ  . PHE A 1 140 ? -14.99470 -9.50521  6.66455   1.000 60.78470  ? 279 PHE A CZ  1 
ATOM   955  N N   . SER A 1 141 ? -18.87974 -10.82178 9.72003   1.000 48.94613  ? 280 SER A N   1 
ATOM   956  C CA  . SER A 1 141 ? -18.31109 -11.50484 10.87607  1.000 47.24000  ? 280 SER A CA  1 
ATOM   957  C C   . SER A 1 141 ? -16.81549 -11.25176 11.00582  1.000 49.19701  ? 280 SER A C   1 
ATOM   958  O O   . SER A 1 141 ? -16.10322 -11.17522 10.00544  1.000 57.14609  ? 280 SER A O   1 
ATOM   959  C CB  . SER A 1 141 ? -18.57943 -13.00836 10.78986  1.000 55.93780  ? 280 SER A CB  1 
ATOM   960  O OG  . SER A 1 141 ? -17.95635 -13.69970 11.85854  1.000 62.71796  ? 280 SER A OG  1 
ATOM   961  N N   . ARG A 1 142 ? -16.34407 -11.13177 12.24314  1.000 50.11245  ? 281 ARG A N   1 
ATOM   962  C CA  . ARG A 1 142 ? -14.92907 -10.88350 12.50427  1.000 53.95464  ? 281 ARG A CA  1 
ATOM   963  C C   . ARG A 1 142 ? -14.05971 -12.07437 12.11147  1.000 54.16514  ? 281 ARG A C   1 
ATOM   964  O O   . ARG A 1 142 ? -12.86843 -11.91971 11.83765  1.000 54.39622  ? 281 ARG A O   1 
ATOM   965  C CB  . ARG A 1 142 ? -14.70643 -10.54426 13.97870  1.000 54.95701  ? 281 ARG A CB  1 
ATOM   966  C CG  . ARG A 1 142 ? -15.23750 -11.58889 14.94776  1.000 66.78865  ? 281 ARG A CG  1 
ATOM   967  C CD  . ARG A 1 142 ? -14.50531 -11.50931 16.27519  1.000 68.94456  ? 281 ARG A CD  1 
ATOM   968  N NE  . ARG A 1 142 ? -13.09566 -11.86452 16.12833  1.000 75.07776  ? 281 ARG A NE  1 
ATOM   969  C CZ  . ARG A 1 142 ? -12.11165 -11.33339 16.84671  1.000 79.04347  ? 281 ARG A CZ  1 
ATOM   970  N NH1 . ARG A 1 142 ? -12.38192 -10.41290 17.76542  1.000 82.01447  ? 281 ARG A NH1 1 
ATOM   971  N NH2 . ARG A 1 142 ? -10.85723 -11.71773 16.64419  1.000 61.43722  ? 281 ARG A NH2 1 
ATOM   972  N N   . GLU A 1 143 ? -14.66031 -13.26057 12.08744  1.000 54.00019  ? 282 GLU A N   1 
ATOM   973  C CA  . GLU A 1 143 ? -13.95212 -14.48088 11.70796  1.000 59.26551  ? 282 GLU A CA  1 
ATOM   974  C C   . GLU A 1 143 ? -13.55192 -14.49420 10.23662  1.000 52.13539  ? 282 GLU A C   1 
ATOM   975  O O   . GLU A 1 143 ? -12.65582 -15.23762 9.83678   1.000 50.10422  ? 282 GLU A O   1 
ATOM   976  C CB  . GLU A 1 143 ? -14.81194 -15.71112 11.99848  1.000 55.94072  ? 282 GLU A CB  1 
ATOM   977  C CG  . GLU A 1 143 ? -14.94155 -16.06584 13.45867  1.000 63.69523  ? 282 GLU A CG  1 
ATOM   978  C CD  . GLU A 1 143 ? -15.75061 -17.32968 13.66526  1.000 65.12148  ? 282 GLU A CD  1 
ATOM   979  O OE1 . GLU A 1 143 ? -16.32950 -17.83784 12.67934  1.000 57.17928  ? 282 GLU A OE1 1 
ATOM   980  O OE2 . GLU A 1 143 ? -15.80558 -17.81819 14.81313  1.000 68.45836  ? 282 GLU A OE2 1 
ATOM   981  N N   . ASP A 1 144 ? -14.22501 -13.67491 9.43574   1.000 52.64221  ? 283 ASP A N   1 
ATOM   982  C CA  . ASP A 1 144 ? -14.04125 -13.69374 7.98838   1.000 52.77483  ? 283 ASP A CA  1 
ATOM   983  C C   . ASP A 1 144 ? -12.97748 -12.70982 7.51352   1.000 50.88073  ? 283 ASP A C   1 
ATOM   984  O O   . ASP A 1 144 ? -12.74405 -12.57715 6.31019   1.000 54.17392  ? 283 ASP A O   1 
ATOM   985  C CB  . ASP A 1 144 ? -15.36794 -13.39227 7.28830   1.000 54.90682  ? 283 ASP A CB  1 
ATOM   986  C CG  . ASP A 1 144 ? -16.47897 -14.32668 7.71938   1.000 52.85553  ? 283 ASP A CG  1 
ATOM   987  O OD1 . ASP A 1 144 ? -16.17231 -15.46591 8.12971   1.000 58.54112  ? 283 ASP A OD1 1 
ATOM   988  O OD2 . ASP A 1 144 ? -17.65830 -13.92277 7.64828   1.000 61.46172  ? 283 ASP A OD2 1 
ATOM   989  N N   . ARG A 1 145 ? -12.33403 -12.02716 8.45622   1.000 47.79670  ? 284 ARG A N   1 
ATOM   990  C CA  . ARG A 1 145 ? -11.34706 -11.00160 8.12977   1.000 49.14830  ? 284 ARG A CA  1 
ATOM   991  C C   . ARG A 1 145 ? -10.19508 -11.55948 7.29490   1.000 50.48140  ? 284 ARG A C   1 
ATOM   992  O O   . ARG A 1 145 ? -9.82055  -10.97531 6.27554   1.000 52.58727  ? 284 ARG A O   1 
ATOM   993  C CB  . ARG A 1 145 ? -10.80824 -10.35903 9.41112   1.000 49.50571  ? 284 ARG A CB  1 
ATOM   994  C CG  . ARG A 1 145 ? -10.89220 -8.84053  9.43538   1.000 52.71043  ? 284 ARG A CG  1 
ATOM   995  C CD  . ARG A 1 145 ? -11.16737 -8.32841  10.83916  1.000 40.84854  ? 284 ARG A CD  1 
ATOM   996  N NE  . ARG A 1 145 ? -10.23182 -8.87743  11.81664  1.000 57.22186  ? 284 ARG A NE  1 
ATOM   997  C CZ  . ARG A 1 145 ? -10.34348 -8.71177  13.13086  1.000 49.97329  ? 284 ARG A CZ  1 
ATOM   998  N NH1 . ARG A 1 145 ? -11.35392 -8.01449  13.62800  1.000 48.79081  ? 284 ARG A NH1 1 
ATOM   999  N NH2 . ARG A 1 145 ? -9.44539  -9.24781  13.94596  1.000 48.37206  ? 284 ARG A NH2 1 
ATOM   1000 N N   . LEU A 1 146 ? -9.64275  -12.69168 7.72022   1.000 41.16549  ? 285 LEU A N   1 
ATOM   1001 C CA  . LEU A 1 146 ? -8.53988  -13.31134 6.99653   1.000 44.64781  ? 285 LEU A CA  1 
ATOM   1002 C C   . LEU A 1 146 ? -8.97125  -13.75328 5.59866   1.000 48.52319  ? 285 LEU A C   1 
ATOM   1003 O O   . LEU A 1 146 ? -8.22536  -13.59634 4.63185   1.000 45.17189  ? 285 LEU A O   1 
ATOM   1004 C CB  . LEU A 1 146 ? -7.98212  -14.50283 7.77954   1.000 37.16703  ? 285 LEU A CB  1 
ATOM   1005 C CG  . LEU A 1 146 ? -6.90983  -15.32979 7.06415   1.000 50.90201  ? 285 LEU A CG  1 
ATOM   1006 C CD1 . LEU A 1 146 ? -5.73742  -14.45607 6.63492   1.000 51.69546  ? 285 LEU A CD1 1 
ATOM   1007 C CD2 . LEU A 1 146 ? -6.43114  -16.47784 7.94450   1.000 51.01179  ? 285 LEU A CD2 1 
ATOM   1008 N N   . GLU A 1 147 ? -10.18129 -14.29377 5.49752   1.000 43.95465  ? 286 GLU A N   1 
ATOM   1009 C CA  . GLU A 1 147 ? -10.69769 -14.77624 4.22159   1.000 51.20820  ? 286 GLU A CA  1 
ATOM   1010 C C   . GLU A 1 147 ? -10.87911 -13.63578 3.22105   1.000 45.27218  ? 286 GLU A C   1 
ATOM   1011 O O   . GLU A 1 147 ? -10.46905 -13.74028 2.06679   1.000 42.57335  ? 286 GLU A O   1 
ATOM   1012 C CB  . GLU A 1 147 ? -12.02441 -15.50838 4.42560   1.000 53.86831  ? 286 GLU A CB  1 
ATOM   1013 C CG  . GLU A 1 147 ? -12.53610 -16.21184 3.18125   1.000 59.26507  ? 286 GLU A CG  1 
ATOM   1014 C CD  . GLU A 1 147 ? -13.88669 -16.86859 3.39380   1.000 78.80376  ? 286 GLU A CD  1 
ATOM   1015 O OE1 . GLU A 1 147 ? -14.54221 -16.57396 4.41606   1.000 82.80579  ? 286 GLU A OE1 1 
ATOM   1016 O OE2 . GLU A 1 147 ? -14.29364 -17.68108 2.53681   1.000 93.42969  ? 286 GLU A OE2 1 
ATOM   1017 N N   . GLN A 1 148 ? -11.49619 -12.54770 3.66756   1.000 43.30379  ? 287 GLN A N   1 
ATOM   1018 C CA  . GLN A 1 148 ? -11.69936 -11.39361 2.80592   1.000 39.49121  ? 287 GLN A CA  1 
ATOM   1019 C C   . GLN A 1 148 ? -10.37622 -10.71651 2.45659   1.000 40.99381  ? 287 GLN A C   1 
ATOM   1020 O O   . GLN A 1 148 ? -10.21437 -10.18899 1.35842   1.000 41.25904  ? 287 GLN A O   1 
ATOM   1021 C CB  . GLN A 1 148 ? -12.64999 -10.39721 3.46598   1.000 46.45157  ? 287 GLN A CB  1 
ATOM   1022 C CG  . GLN A 1 148 ? -14.06230 -10.93131 3.62559   1.000 47.51775  ? 287 GLN A CG  1 
ATOM   1023 C CD  . GLN A 1 148 ? -14.67021 -11.40674 2.31679   1.000 52.42795  ? 287 GLN A CD  1 
ATOM   1024 O OE1 . GLN A 1 148 ? -14.82311 -10.63468 1.36741   1.000 47.35046  ? 287 GLN A OE1 1 
ATOM   1025 N NE2 . GLN A 1 148 ? -15.01911 -12.68799 2.25997   1.000 54.26573  ? 287 GLN A NE2 1 
ATOM   1026 N N   . ALA A 1 149 ? -9.42633  -10.74181 3.38464   1.000 34.83545  ? 288 ALA A N   1 
ATOM   1027 C CA  . ALA A 1 149 ? -8.10515  -10.18530 3.12173   1.000 41.72569  ? 288 ALA A CA  1 
ATOM   1028 C C   . ALA A 1 149 ? -7.42671  -10.94061 1.98212   1.000 51.05479  ? 288 ALA A C   1 
ATOM   1029 O O   . ALA A 1 149 ? -6.82052  -10.33028 1.09738   1.000 53.16348  ? 288 ALA A O   1 
ATOM   1030 C CB  . ALA A 1 149 ? -7.24605  -10.22594 4.37345   1.000 40.23040  ? 288 ALA A CB  1 
ATOM   1031 N N   . LYS A 1 150 ? -7.54003  -12.26698 2.00354   1.000 44.97735  ? 289 LYS A N   1 
ATOM   1032 C CA  . LYS A 1 150 ? -6.97130  -13.10810 0.95336   1.000 47.75039  ? 289 LYS A CA  1 
ATOM   1033 C C   . LYS A 1 150 ? -7.64024  -12.84797 -0.39351  1.000 43.30738  ? 289 LYS A C   1 
ATOM   1034 O O   . LYS A 1 150 ? -6.97120  -12.74854 -1.42080  1.000 44.74634  ? 289 LYS A O   1 
ATOM   1035 C CB  . LYS A 1 150 ? -7.10584  -14.58908 1.31172   1.000 48.13606  ? 289 LYS A CB  1 
ATOM   1036 C CG  . LYS A 1 150 ? -6.21816  -15.06554 2.44400   1.000 52.65184  ? 289 LYS A CG  1 
ATOM   1037 C CD  . LYS A 1 150 ? -6.44800  -16.55163 2.68833   1.000 66.97259  ? 289 LYS A CD  1 
ATOM   1038 C CE  . LYS A 1 150 ? -5.57537  -17.09349 3.80558   1.000 73.47343  ? 289 LYS A CE  1 
ATOM   1039 N NZ  . LYS A 1 150 ? -5.89002  -18.52622 4.07809   1.000 62.85777  ? 289 LYS A NZ  1 
ATOM   1040 N N   . LEU A 1 151 ? -8.96673  -12.75122 -0.38160  1.000 42.88997  ? 290 LEU A N   1 
ATOM   1041 C CA  . LEU A 1 151 ? -9.72361  -12.47810 -1.59792  1.000 44.08970  ? 290 LEU A CA  1 
ATOM   1042 C C   . LEU A 1 151 ? -9.35777  -11.11490 -2.17271  1.000 47.70308  ? 290 LEU A C   1 
ATOM   1043 O O   . LEU A 1 151 ? -9.21830  -10.96171 -3.38651  1.000 44.56778  ? 290 LEU A O   1 
ATOM   1044 C CB  . LEU A 1 151 ? -11.22544 -12.54060 -1.32475  1.000 40.80683  ? 290 LEU A CB  1 
ATOM   1045 C CG  . LEU A 1 151 ? -12.11568 -12.09161 -2.48575  1.000 48.94776  ? 290 LEU A CG  1 
ATOM   1046 C CD1 . LEU A 1 151 ? -11.86644 -12.94955 -3.72522  1.000 45.84011  ? 290 LEU A CD1 1 
ATOM   1047 C CD2 . LEU A 1 151 ? -13.58172 -12.12682 -2.08443  1.000 45.84261  ? 290 LEU A CD2 1 
ATOM   1048 N N   . PHE A 1 152 ? -9.20330  -10.13189 -1.29004  1.000 43.26440  ? 291 PHE A N   1 
ATOM   1049 C CA  . PHE A 1 152 ? -8.82591  -8.78387  -1.69224  1.000 38.04263  ? 291 PHE A CA  1 
ATOM   1050 C C   . PHE A 1 152 ? -7.48499  -8.78079  -2.41889  1.000 42.80337  ? 291 PHE A C   1 
ATOM   1051 O O   . PHE A 1 152 ? -7.35049  -8.17794  -3.48476  1.000 41.44496  ? 291 PHE A O   1 
ATOM   1052 C CB  . PHE A 1 152 ? -8.76636  -7.86068  -0.47571  1.000 37.45146  ? 291 PHE A CB  1 
ATOM   1053 C CG  . PHE A 1 152 ? -8.32610  -6.46194  -0.79607  1.000 35.61969  ? 291 PHE A CG  1 
ATOM   1054 C CD1 . PHE A 1 152 ? -9.24124  -5.51423  -1.21953  1.000 28.78843  ? 291 PHE A CD1 1 
ATOM   1055 C CD2 . PHE A 1 152 ? -6.99805  -6.09404  -0.67276  1.000 32.41703  ? 291 PHE A CD2 1 
ATOM   1056 C CE1 . PHE A 1 152 ? -8.83827  -4.22887  -1.50792  1.000 36.29702  ? 291 PHE A CE1 1 
ATOM   1057 C CE2 . PHE A 1 152 ? -6.59333  -4.80681  -0.96905  1.000 35.55918  ? 291 PHE A CE2 1 
ATOM   1058 C CZ  . PHE A 1 152 ? -7.51369  -3.87532  -1.38662  1.000 35.35938  ? 291 PHE A CZ  1 
ATOM   1059 N N   . CYS A 1 153 ? -6.49890  -9.45587  -1.83580  1.000 38.90911  ? 292 CYS A N   1 
ATOM   1060 C CA  . CYS A 1 153 ? -5.17453  -9.54832  -2.43979  1.000 38.97426  ? 292 CYS A CA  1 
ATOM   1061 C C   . CYS A 1 153 ? -5.21898  -10.24663 -3.79333  1.000 48.03310  ? 292 CYS A C   1 
ATOM   1062 O O   . CYS A 1 153 ? -4.66369  -9.74816  -4.77493  1.000 45.11143  ? 292 CYS A O   1 
ATOM   1063 C CB  . CYS A 1 153 ? -4.21171  -10.28290 -1.50858  1.000 42.43869  ? 292 CYS A CB  1 
ATOM   1064 S SG  . CYS A 1 153 ? -3.76768  -9.34595  -0.03064  1.000 55.20016  ? 292 CYS A SG  1 
ATOM   1065 N N   . ARG A 1 154 ? -5.87965  -11.40004 -3.83820  1.000 48.61146  ? 293 ARG A N   1 
ATOM   1066 C CA  . ARG A 1 154 ? -5.98835  -12.17312 -5.06927  1.000 49.67110  ? 293 ARG A CA  1 
ATOM   1067 C C   . ARG A 1 154 ? -6.67855  -11.37527 -6.16983  1.000 47.64434  ? 293 ARG A C   1 
ATOM   1068 O O   . ARG A 1 154 ? -6.21243  -11.34494 -7.30734  1.000 57.24888  ? 293 ARG A O   1 
ATOM   1069 C CB  . ARG A 1 154 ? -6.74604  -13.47732 -4.81962  1.000 53.80380  ? 293 ARG A CB  1 
ATOM   1070 C CG  . ARG A 1 154 ? -6.87054  -14.36427 -6.05079  1.000 60.96870  ? 293 ARG A CG  1 
ATOM   1071 C CD  . ARG A 1 154 ? -7.55096  -15.68679 -5.72348  1.000 68.95872  ? 293 ARG A CD  1 
ATOM   1072 N NE  . ARG A 1 154 ? -6.84802  -16.42711 -4.67785  1.000 72.53888  ? 293 ARG A NE  1 
ATOM   1073 C CZ  . ARG A 1 154 ? -7.27030  -16.52986 -3.42125  1.000 76.24068  ? 293 ARG A CZ  1 
ATOM   1074 N NH1 . ARG A 1 154 ? -8.39981  -15.94101 -3.05104  1.000 68.53854  ? 293 ARG A NH1 1 
ATOM   1075 N NH2 . ARG A 1 154 ? -6.56780  -17.22357 -2.53450  1.000 73.64519  ? 293 ARG A NH2 1 
ATOM   1076 N N   . THR A 1 155 ? -7.78825  -10.73002 -5.82301  1.000 49.68178  ? 294 THR A N   1 
ATOM   1077 C CA  . THR A 1 155 ? -8.53377  -9.92402  -6.78062  1.000 48.27857  ? 294 THR A CA  1 
ATOM   1078 C C   . THR A 1 155 ? -7.68652  -8.76109  -7.28323  1.000 43.23394  ? 294 THR A C   1 
ATOM   1079 O O   . THR A 1 155 ? -7.63127  -8.49364  -8.48226  1.000 46.71947  ? 294 THR A O   1 
ATOM   1080 C CB  . THR A 1 155 ? -9.83257  -9.37600  -6.16797  1.000 36.93629  ? 294 THR A CB  1 
ATOM   1081 O OG1 . THR A 1 155 ? -10.54909 -10.44194 -5.53514  1.000 40.92972  ? 294 THR A OG1 1 
ATOM   1082 C CG2 . THR A 1 155 ? -10.70553 -8.75269  -7.24184  1.000 34.93122  ? 294 THR A CG2 1 
ATOM   1083 N N   . LEU A 1 156 ? -7.02318  -8.07713  -6.35772  1.000 41.15588  ? 295 LEU A N   1 
ATOM   1084 C CA  . LEU A 1 156 ? -6.16142  -6.95814  -6.70946  1.000 43.24627  ? 295 LEU A CA  1 
ATOM   1085 C C   . LEU A 1 156 ? -5.02242  -7.42725  -7.61059  1.000 48.98991  ? 295 LEU A C   1 
ATOM   1086 O O   . LEU A 1 156 ? -4.65707  -6.74806  -8.57024  1.000 47.01162  ? 295 LEU A O   1 
ATOM   1087 C CB  . LEU A 1 156 ? -5.60747  -6.28700  -5.45115  1.000 33.00398  ? 295 LEU A CB  1 
ATOM   1088 C CG  . LEU A 1 156 ? -4.81996  -4.99428  -5.67237  1.000 36.89187  ? 295 LEU A CG  1 
ATOM   1089 C CD1 . LEU A 1 156 ? -5.67418  -3.97926  -6.41608  1.000 36.40910  ? 295 LEU A CD1 1 
ATOM   1090 C CD2 . LEU A 1 156 ? -4.32511  -4.41852  -4.34873  1.000 30.57995  ? 295 LEU A CD2 1 
ATOM   1091 N N   . GLU A 1 157 ? -4.47588  -8.59830  -7.30015  1.000 46.85028  ? 296 GLU A N   1 
ATOM   1092 C CA  . GLU A 1 157 ? -3.38357  -9.17199  -8.07793  1.000 45.08701  ? 296 GLU A CA  1 
ATOM   1093 C C   . GLU A 1 157 ? -3.81711  -9.45967  -9.51250  1.000 47.63769  ? 296 GLU A C   1 
ATOM   1094 O O   . GLU A 1 157 ? -3.07718  -9.19337  -10.45814 1.000 49.08215  ? 296 GLU A O   1 
ATOM   1095 C CB  . GLU A 1 157 ? -2.87387  -10.45263 -7.41347  1.000 50.09226  ? 296 GLU A CB  1 
ATOM   1096 C CG  . GLU A 1 157 ? -1.71877  -11.11617 -8.14347  1.000 65.58854  ? 296 GLU A CG  1 
ATOM   1097 C CD  . GLU A 1 157 ? -1.34012  -12.45915 -7.54478  1.000 73.86241  ? 296 GLU A CD  1 
ATOM   1098 O OE1 . GLU A 1 157 ? -1.81619  -12.77376 -6.43227  1.000 76.01685  ? 296 GLU A OE1 1 
ATOM   1099 O OE2 . GLU A 1 157 ? -0.56923  -13.20099 -8.19126  1.000 73.19311  ? 296 GLU A OE2 1 
ATOM   1100 N N   . ASP A 1 158 ? -5.02153  -9.99791  -9.66957  1.000 45.94533  ? 297 ASP A N   1 
ATOM   1101 C CA  . ASP A 1 158 ? -5.55099  -10.30064 -10.99301 1.000 46.47410  ? 297 ASP A CA  1 
ATOM   1102 C C   . ASP A 1 158 ? -5.79211  -9.02597  -11.79032 1.000 54.97278  ? 297 ASP A C   1 
ATOM   1103 O O   . ASP A 1 158 ? -5.53210  -8.97664  -12.99334 1.000 60.04223  ? 297 ASP A O   1 
ATOM   1104 C CB  . ASP A 1 158 ? -6.84748  -11.10524 -10.88781 1.000 47.63855  ? 297 ASP A CB  1 
ATOM   1105 C CG  . ASP A 1 158 ? -6.63721  -12.47596 -10.27193 1.000 55.56489  ? 297 ASP A CG  1 
ATOM   1106 O OD1 . ASP A 1 158 ? -5.47398  -12.92662 -10.19750 1.000 60.00834  ? 297 ASP A OD1 1 
ATOM   1107 O OD2 . ASP A 1 158 ? -7.63607  -13.10595 -9.86542  1.000 61.59769  ? 297 ASP A OD2 1 
ATOM   1108 N N   . ILE A 1 159 ? -6.28958  -7.99561  -11.11413 1.000 50.60113  ? 298 ILE A N   1 
ATOM   1109 C CA  . ILE A 1 159 ? -6.56856  -6.71730  -11.75950 1.000 49.47895  ? 298 ILE A CA  1 
ATOM   1110 C C   . ILE A 1 159 ? -5.29410  -6.05445  -12.26989 1.000 51.15020  ? 298 ILE A C   1 
ATOM   1111 O O   . ILE A 1 159 ? -5.22020  -5.65626  -13.43155 1.000 50.58720  ? 298 ILE A O   1 
ATOM   1112 C CB  . ILE A 1 159 ? -7.28683  -5.74737  -10.80464 1.000 47.73675  ? 298 ILE A CB  1 
ATOM   1113 C CG1 . ILE A 1 159 ? -8.68239  -6.26800  -10.46362 1.000 41.78192  ? 298 ILE A CG1 1 
ATOM   1114 C CG2 . ILE A 1 159 ? -7.37912  -4.36375  -11.42377 1.000 37.01470  ? 298 ILE A CG2 1 
ATOM   1115 C CD1 . ILE A 1 159 ? -9.34026  -5.52804  -9.31816  1.000 35.29171  ? 298 ILE A CD1 1 
ATOM   1116 N N   . LEU A 1 160 ? -4.28991  -5.95018  -11.40316 1.000 44.63096  ? 299 LEU A N   1 
ATOM   1117 C CA  . LEU A 1 160 ? -3.04986  -5.25691  -11.74488 1.000 53.90429  ? 299 LEU A CA  1 
ATOM   1118 C C   . LEU A 1 160 ? -2.23628  -5.99351  -12.80930 1.000 60.37383  ? 299 LEU A C   1 
ATOM   1119 O O   . LEU A 1 160 ? -1.38900  -5.39577  -13.47438 1.000 61.07718  ? 299 LEU A O   1 
ATOM   1120 C CB  . LEU A 1 160 ? -2.19448  -5.04228  -10.49654 1.000 43.56454  ? 299 LEU A CB  1 
ATOM   1121 C CG  . LEU A 1 160 ? -2.77506  -4.07766  -9.46516  1.000 42.74678  ? 299 LEU A CG  1 
ATOM   1122 C CD1 . LEU A 1 160 ? -1.73237  -3.70740  -8.42642  1.000 39.81608  ? 299 LEU A CD1 1 
ATOM   1123 C CD2 . LEU A 1 160 ? -3.32346  -2.83395  -10.14439 1.000 57.99017  ? 299 LEU A CD2 1 
ATOM   1124 N N   . ALA A 1 161 ? -2.49351  -7.28762  -12.96569 1.000 57.51504  ? 300 ALA A N   1 
ATOM   1125 C CA  . ALA A 1 161 ? -1.85399  -8.06123  -14.02257 1.000 59.62810  ? 300 ALA A CA  1 
ATOM   1126 C C   . ALA A 1 161 ? -2.40839  -7.63678  -15.37504 1.000 69.40611  ? 300 ALA A C   1 
ATOM   1127 O O   . ALA A 1 161 ? -1.66472  -7.45543  -16.33909 1.000 68.76251  ? 300 ALA A O   1 
ATOM   1128 C CB  . ALA A 1 161 ? -2.06315  -9.54621  -13.80037 1.000 58.32753  ? 300 ALA A CB  1 
ATOM   1129 N N   . ASP A 1 162 ? -3.72585  -7.47524  -15.43311 1.000 65.13563  ? 301 ASP A N   1 
ATOM   1130 C CA  . ASP A 1 162 ? -4.39358  -7.02866  -16.64620 1.000 59.69981  ? 301 ASP A CA  1 
ATOM   1131 C C   . ASP A 1 162 ? -4.40403  -5.50972  -16.77555 1.000 65.99901  ? 301 ASP A C   1 
ATOM   1132 O O   . ASP A 1 162 ? -4.67206  -4.98293  -17.84898 1.000 71.34330  ? 301 ASP A O   1 
ATOM   1133 C CB  . ASP A 1 162 ? -5.83102  -7.55273  -16.68542 1.000 62.25883  ? 301 ASP A CB  1 
ATOM   1134 C CG  . ASP A 1 162 ? -5.97672  -8.79029  -17.54369 1.000 67.36068  ? 301 ASP A CG  1 
ATOM   1135 O OD1 . ASP A 1 162 ? -4.94538  -9.42225  -17.85369 1.000 65.90746  ? 301 ASP A OD1 1 
ATOM   1136 O OD2 . ASP A 1 162 ? -7.12312  -9.13172  -17.90593 1.000 67.75581  ? 301 ASP A OD2 1 
ATOM   1137 N N   . ALA A 1 163 ? -4.11384  -4.80682  -15.68548 1.000 66.31180  ? 302 ALA A N   1 
ATOM   1138 C CA  . ALA A 1 163 ? -4.22511  -3.35040  -15.67627 1.000 59.65638  ? 302 ALA A CA  1 
ATOM   1139 C C   . ALA A 1 163 ? -3.22902  -2.69612  -16.62611 1.000 59.81208  ? 302 ALA A C   1 
ATOM   1140 O O   . ALA A 1 163 ? -2.01791  -2.83674  -16.45284 1.000 56.76297  ? 302 ALA A O   1 
ATOM   1141 C CB  . ALA A 1 163 ? -4.03456  -2.81140  -14.26628 1.000 51.10827  ? 302 ALA A CB  1 
ATOM   1142 N N   . PRO A 1 164 ? -3.74291  -1.97502  -17.63828 1.000 63.76847  ? 303 PRO A N   1 
ATOM   1143 C CA  . PRO A 1 164 ? -2.90070  -1.21731  -18.56968 1.000 58.64744  ? 303 PRO A CA  1 
ATOM   1144 C C   . PRO A 1 164 ? -2.13555  -0.11805  -17.84585 1.000 54.14377  ? 303 PRO A C   1 
ATOM   1145 O O   . PRO A 1 164 ? -0.99873  0.18918   -18.20808 1.000 61.98641  ? 303 PRO A O   1 
ATOM   1146 C CB  . PRO A 1 164 ? -3.90881  -0.62246  -19.56134 1.000 58.53865  ? 303 PRO A CB  1 
ATOM   1147 C CG  . PRO A 1 164 ? -5.14058  -1.46366  -19.41823 1.000 64.72132  ? 303 PRO A CG  1 
ATOM   1148 C CD  . PRO A 1 164 ? -5.17297  -1.86083  -17.97557 1.000 60.04694  ? 303 PRO A CD  1 
ATOM   1149 N N   . GLU A 1 165 ? -2.76330  0.45986   -16.82615 1.000 55.19803  ? 304 GLU A N   1 
ATOM   1150 C CA  . GLU A 1 165 ? -2.15000  1.53630   -16.05741 1.000 54.12899  ? 304 GLU A CA  1 
ATOM   1151 C C   . GLU A 1 165 ? -0.93378  1.03985   -15.29317 1.000 52.20624  ? 304 GLU A C   1 
ATOM   1152 O O   . GLU A 1 165 ? 0.00282   1.79916   -15.04792 1.000 55.59362  ? 304 GLU A O   1 
ATOM   1153 C CB  . GLU A 1 165 ? -3.15107  2.16261   -15.08298 1.000 47.14086  ? 304 GLU A CB  1 
ATOM   1154 C CG  . GLU A 1 165 ? -4.38560  2.74574   -15.74709 1.000 45.04343  ? 304 GLU A CG  1 
ATOM   1155 C CD  . GLU A 1 165 ? -5.45522  1.70477   -15.96990 1.000 48.00794  ? 304 GLU A CD  1 
ATOM   1156 O OE1 . GLU A 1 165 ? -5.33045  0.60003   -15.39901 1.000 54.16544  ? 304 GLU A OE1 1 
ATOM   1157 O OE2 . GLU A 1 165 ? -6.41743  1.98728   -16.71232 1.000 49.14738  ? 304 GLU A OE2 1 
ATOM   1158 N N   . SER A 1 166 ? -0.93323  -0.23612  -14.92863 1.000 54.06062  ? 305 SER A N   1 
ATOM   1159 C CA  . SER A 1 166 ? 0.21393   -0.76066  -14.21366 1.000 60.57300  ? 305 SER A CA  1 
ATOM   1160 C C   . SER A 1 166 ? 1.21134   -1.35261  -15.19910 1.000 66.53998  ? 305 SER A C   1 
ATOM   1161 O O   . SER A 1 166 ? 0.99610   -2.42593  -15.76670 1.000 59.57147  ? 305 SER A O   1 
ATOM   1162 C CB  . SER A 1 166 ? -0.22335  -1.81097  -13.18711 1.000 57.61668  ? 305 SER A CB  1 
ATOM   1163 O OG  . SER A 1 166 ? 0.88732   -2.54839  -12.71070 1.000 51.41038  ? 305 SER A OG  1 
ATOM   1164 N N   . GLN A 1 167 ? 2.30128   -0.62084  -15.41191 1.000 66.93107  ? 306 GLN A N   1 
ATOM   1165 C CA  . GLN A 1 167 ? 3.45935   -1.15181  -16.09998 1.000 61.93172  ? 306 GLN A CA  1 
ATOM   1166 C C   . GLN A 1 167 ? 4.68144   -0.78661  -15.26081 1.000 68.95407  ? 306 GLN A C   1 
ATOM   1167 O O   . GLN A 1 167 ? 5.13970   0.36061   -15.27179 1.000 71.86404  ? 306 GLN A O   1 
ATOM   1168 C CB  . GLN A 1 167 ? 3.53142   -0.58016  -17.52290 1.000 67.74022  ? 306 GLN A CB  1 
ATOM   1169 C CG  . GLN A 1 167 ? 2.17826   -0.60280  -18.27435 1.000 64.11893  ? 306 GLN A CG  1 
ATOM   1170 C CD  . GLN A 1 167 ? 2.12370   0.37316   -19.44614 1.000 64.61800  ? 306 GLN A CD  1 
ATOM   1171 O OE1 . GLN A 1 167 ? 2.94753   1.27882   -19.54638 1.000 72.70233  ? 306 GLN A OE1 1 
ATOM   1172 N NE2 . GLN A 1 167 ? 1.14468   0.19733   -20.32945 1.000 60.54737  ? 306 GLN A NE2 1 
ATOM   1173 N N   . ASN A 1 168 ? 5.20504   -1.78938  -14.55935 1.000 68.56025  ? 307 ASN A N   1 
ATOM   1174 C CA  . ASN A 1 168 ? 6.37976   -1.67529  -13.69459 1.000 69.50271  ? 307 ASN A CA  1 
ATOM   1175 C C   . ASN A 1 168 ? 6.33758   -0.49741  -12.70446 1.000 67.82846  ? 307 ASN A C   1 
ATOM   1176 O O   . ASN A 1 168 ? 7.38913   -0.02256  -12.25895 1.000 67.40063  ? 307 ASN A O   1 
ATOM   1177 C CB  . ASN A 1 168 ? 7.64773   -1.57832  -14.54775 1.000 75.93740  ? 307 ASN A CB  1 
ATOM   1178 C CG  . ASN A 1 168 ? 7.73948   -2.68156  -15.60289 1.000 80.69565  ? 307 ASN A CG  1 
ATOM   1179 O OD1 . ASN A 1 168 ? 7.09981   -3.73209  -15.49547 1.000 82.97625  ? 307 ASN A OD1 1 
ATOM   1180 N ND2 . ASN A 1 168 ? 8.54499   -2.43900  -16.62950 1.000 77.48280  ? 307 ASN A ND2 1 
ATOM   1181 N N   . ASN A 1 169 ? 5.13694   -0.02111  -12.37753 1.000 65.22409  ? 308 ASN A N   1 
ATOM   1182 C CA  . ASN A 1 169 ? 4.97907   1.06522   -11.41012 1.000 65.44625  ? 308 ASN A CA  1 
ATOM   1183 C C   . ASN A 1 169 ? 4.48761   0.63032   -10.02894 1.000 58.22809  ? 308 ASN A C   1 
ATOM   1184 O O   . ASN A 1 169 ? 4.38319   1.45013   -9.11575  1.000 51.66646  ? 308 ASN A O   1 
ATOM   1185 C CB  . ASN A 1 169 ? 4.03945   2.13314   -11.97984 1.000 53.55293  ? 308 ASN A CB  1 
ATOM   1186 C CG  . ASN A 1 169 ? 2.89331   1.54092   -12.77399 1.000 62.19593  ? 308 ASN A CG  1 
ATOM   1187 O OD1 . ASN A 1 169 ? 2.56255   0.36471   -12.62740 1.000 54.75091  ? 308 ASN A OD1 1 
ATOM   1188 N ND2 . ASN A 1 169 ? 2.28332   2.35640   -13.62965 1.000 65.80448  ? 308 ASN A ND2 1 
ATOM   1189 N N   . CYS A 1 170 ? 4.18379   -0.65318  -9.87296  1.000 57.25633  ? 309 CYS A N   1 
ATOM   1190 C CA  . CYS A 1 170 ? 3.46266   -1.09646  -8.68351  1.000 55.54317  ? 309 CYS A CA  1 
ATOM   1191 C C   . CYS A 1 170 ? 3.89284   -2.47323  -8.17368  1.000 52.76346  ? 309 CYS A C   1 
ATOM   1192 O O   . CYS A 1 170 ? 4.05964   -3.40880  -8.95813  1.000 52.71407  ? 309 CYS A O   1 
ATOM   1193 C CB  . CYS A 1 170 ? 1.96361   -1.09927  -8.97949  1.000 51.70602  ? 309 CYS A CB  1 
ATOM   1194 S SG  . CYS A 1 170 ? 0.93382   -1.43748  -7.55690  1.000 51.37501  ? 309 CYS A SG  1 
ATOM   1195 N N   . ARG A 1 171 ? 4.05756   -2.59289  -6.85670  1.000 45.69880  ? 310 ARG A N   1 
ATOM   1196 C CA  . ARG A 1 171 ? 4.44073   -3.86202  -6.23484  1.000 50.99346  ? 310 ARG A CA  1 
ATOM   1197 C C   . ARG A 1 171 ? 3.60072   -4.19575  -4.99941  1.000 51.51656  ? 310 ARG A C   1 
ATOM   1198 O O   . ARG A 1 171 ? 3.60853   -3.45936  -4.01068  1.000 45.50148  ? 310 ARG A O   1 
ATOM   1199 C CB  . ARG A 1 171 ? 5.92334   -3.84326  -5.85393  1.000 55.58316  ? 310 ARG A CB  1 
ATOM   1200 C CG  . ARG A 1 171 ? 6.37675   -5.05629  -5.04696  1.000 61.01307  ? 310 ARG A CG  1 
ATOM   1201 C CD  . ARG A 1 171 ? 6.33774   -6.34345  -5.86934  1.000 61.53196  ? 310 ARG A CD  1 
ATOM   1202 N NE  . ARG A 1 171 ? 7.35337   -6.35429  -6.92001  1.000 70.84023  ? 310 ARG A NE  1 
ATOM   1203 C CZ  . ARG A 1 171 ? 7.09165   -6.48337  -8.21727  1.000 75.66832  ? 310 ARG A CZ  1 
ATOM   1204 N NH1 . ARG A 1 171 ? 5.83977   -6.62306  -8.63629  1.000 69.29566  ? 310 ARG A NH1 1 
ATOM   1205 N NH2 . ARG A 1 171 ? 8.08481   -6.47942  -9.09780  1.000 72.47130  ? 310 ARG A NH2 1 
ATOM   1206 N N   . LEU A 1 172 ? 2.88900   -5.31708  -5.06163  1.000 48.96793  ? 311 LEU A N   1 
ATOM   1207 C CA  . LEU A 1 172 ? 2.07458   -5.77734  -3.94493  1.000 41.14510  ? 311 LEU A CA  1 
ATOM   1208 C C   . LEU A 1 172 ? 2.89938   -6.58154  -2.94961  1.000 49.73322  ? 311 LEU A C   1 
ATOM   1209 O O   . LEU A 1 172 ? 3.52944   -7.57190  -3.31480  1.000 52.59812  ? 311 LEU A O   1 
ATOM   1210 C CB  . LEU A 1 172 ? 0.90863   -6.62698  -4.44554  1.000 31.97152  ? 311 LEU A CB  1 
ATOM   1211 C CG  . LEU A 1 172 ? -0.06641  -5.95438  -5.40970  1.000 44.95985  ? 311 LEU A CG  1 
ATOM   1212 C CD1 . LEU A 1 172 ? -1.22417  -6.89189  -5.73544  1.000 34.42621  ? 311 LEU A CD1 1 
ATOM   1213 C CD2 . LEU A 1 172 ? -0.56757  -4.63499  -4.83543  1.000 34.70476  ? 311 LEU A CD2 1 
ATOM   1214 N N   . ILE A 1 173 ? 2.89387   -6.15328  -1.69070  1.000 46.53326  ? 312 ILE A N   1 
ATOM   1215 C CA  . ILE A 1 173 ? 3.57118   -6.90139  -0.64170  1.000 41.80657  ? 312 ILE A CA  1 
ATOM   1216 C C   . ILE A 1 173 ? 2.55654   -7.46769  0.34436   1.000 49.34227  ? 312 ILE A C   1 
ATOM   1217 O O   . ILE A 1 173 ? 2.00536   -6.74318  1.17287   1.000 48.85396  ? 312 ILE A O   1 
ATOM   1218 C CB  . ILE A 1 173 ? 4.58152   -6.01998  0.10676   1.000 43.40425  ? 312 ILE A CB  1 
ATOM   1219 C CG1 . ILE A 1 173 ? 5.55852   -5.38889  -0.88671  1.000 46.60129  ? 312 ILE A CG1 1 
ATOM   1220 C CG2 . ILE A 1 173 ? 5.32029   -6.82972  1.15868   1.000 44.59508  ? 312 ILE A CG2 1 
ATOM   1221 C CD1 . ILE A 1 173 ? 6.47882   -4.36279  -0.27549  1.000 48.44222  ? 312 ILE A CD1 1 
ATOM   1222 N N   . ALA A 1 174 ? 2.34223   -8.77669  0.26720   1.000 53.20865  ? 313 ALA A N   1 
ATOM   1223 C CA  . ALA A 1 174 ? 1.36179   -9.45092  1.10883   1.000 44.72938  ? 313 ALA A CA  1 
ATOM   1224 C C   . ALA A 1 174 ? 2.06666   -10.39254 2.07342   1.000 50.69008  ? 313 ALA A C   1 
ATOM   1225 O O   . ALA A 1 174 ? 3.03636   -11.05570 1.70430   1.000 55.08819  ? 313 ALA A O   1 
ATOM   1226 C CB  . ALA A 1 174 ? 0.35682   -10.20706 0.25709   1.000 42.61950  ? 313 ALA A CB  1 
ATOM   1227 N N   . TYR A 1 175 ? 1.58482   -10.44792 3.30972   1.000 50.69679  ? 314 TYR A N   1 
ATOM   1228 C CA  . TYR A 1 175 ? 2.27967   -11.20015 4.34542   1.000 45.55642  ? 314 TYR A CA  1 
ATOM   1229 C C   . TYR A 1 175 ? 1.37147   -11.61780 5.49844   1.000 53.48651  ? 314 TYR A C   1 
ATOM   1230 O O   . TYR A 1 175 ? 0.32812   -11.00754 5.73547   1.000 47.66610  ? 314 TYR A O   1 
ATOM   1231 C CB  . TYR A 1 175 ? 3.44734   -10.37104 4.88256   1.000 46.35959  ? 314 TYR A CB  1 
ATOM   1232 C CG  . TYR A 1 175 ? 3.05042   -8.98527  5.34501   1.000 44.47685  ? 314 TYR A CG  1 
ATOM   1233 C CD1 . TYR A 1 175 ? 2.93789   -7.93551  4.44389   1.000 42.18450  ? 314 TYR A CD1 1 
ATOM   1234 C CD2 . TYR A 1 175 ? 2.79054   -8.72666  6.68503   1.000 46.43250  ? 314 TYR A CD2 1 
ATOM   1235 C CE1 . TYR A 1 175 ? 2.57276   -6.67252  4.85935   1.000 39.86199  ? 314 TYR A CE1 1 
ATOM   1236 C CE2 . TYR A 1 175 ? 2.42822   -7.46522  7.11214   1.000 34.38236  ? 314 TYR A CE2 1 
ATOM   1237 C CZ  . TYR A 1 175 ? 2.32245   -6.44187  6.19487   1.000 43.02019  ? 314 TYR A CZ  1 
ATOM   1238 O OH  . TYR A 1 175 ? 1.96234   -5.18050  6.61422   1.000 47.43428  ? 314 TYR A OH  1 
ATOM   1239 N N   . GLN A 1 176 ? 1.79176   -12.65706 6.21346   1.000 60.80867  ? 315 GLN A N   1 
ATOM   1240 C CA  . GLN A 1 176 ? 1.12495   -13.09549 7.43556   1.000 59.88013  ? 315 GLN A CA  1 
ATOM   1241 C C   . GLN A 1 176 ? 2.10650   -13.08682 8.59316   1.000 66.47128  ? 315 GLN A C   1 
ATOM   1242 O O   . GLN A 1 176 ? 3.06373   -13.86015 8.60420   1.000 68.07130  ? 315 GLN A O   1 
ATOM   1243 C CB  . GLN A 1 176 ? 0.54019   -14.50195 7.28173   1.000 61.23482  ? 315 GLN A CB  1 
ATOM   1244 C CG  . GLN A 1 176 ? -0.56891  -14.62661 6.26460   1.000 67.98665  ? 315 GLN A CG  1 
ATOM   1245 C CD  . GLN A 1 176 ? -1.35386  -15.91639 6.42128   1.000 76.23824  ? 315 GLN A CD  1 
ATOM   1246 O OE1 . GLN A 1 176 ? -1.84755  -16.22695 7.50554   1.000 64.68632  ? 315 GLN A OE1 1 
ATOM   1247 N NE2 . GLN A 1 176 ? -1.46871  -16.67670 5.33765   1.000 79.36695  ? 315 GLN A NE2 1 
ATOM   1248 N N   . GLU A 1 177 ? 1.87311   -12.22118 9.57145   1.000 74.38465  ? 316 GLU A N   1 
ATOM   1249 C CA  . GLU A 1 177 ? 2.72393   -12.18887 10.75118  1.000 76.19772  ? 316 GLU A CA  1 
ATOM   1250 C C   . GLU A 1 177 ? 2.48370   -13.42925 11.59620  1.000 90.53874  ? 316 GLU A C   1 
ATOM   1251 O O   . GLU A 1 177 ? 1.40806   -14.02487 11.53551  1.000 90.00797  ? 316 GLU A O   1 
ATOM   1252 C CB  . GLU A 1 177 ? 2.46566   -10.93155 11.57971  1.000 72.92230  ? 316 GLU A CB  1 
ATOM   1253 C CG  . GLU A 1 177 ? 2.82959   -9.64301  10.88089  1.000 69.83851  ? 316 GLU A CG  1 
ATOM   1254 C CD  . GLU A 1 177 ? 2.99644   -8.49510  11.85029  1.000 72.02286  ? 316 GLU A CD  1 
ATOM   1255 O OE1 . GLU A 1 177 ? 2.71901   -7.34243  11.45923  1.000 78.61997  ? 316 GLU A OE1 1 
ATOM   1256 O OE2 . GLU A 1 177 ? 3.41167   -8.74470  13.00295  1.000 76.52341  ? 316 GLU A OE2 1 
ATOM   1257 N N   . PRO A 1 178 ? 3.49031   -13.83177 12.38468  1.000 100.47383 ? 317 PRO A N   1 
ATOM   1258 C CA  . PRO A 1 178 ? 3.28501   -14.91933 13.34576  1.000 100.17189 ? 317 PRO A CA  1 
ATOM   1259 C C   . PRO A 1 178 ? 2.21079   -14.57938 14.38158  1.000 106.72640 ? 317 PRO A C   1 
ATOM   1260 O O   . PRO A 1 178 ? 1.65569   -15.49197 14.99126  1.000 110.49027 ? 317 PRO A O   1 
ATOM   1261 C CB  . PRO A 1 178 ? 4.65849   -15.06786 14.00370  1.000 100.18837 ? 317 PRO A CB  1 
ATOM   1262 C CG  . PRO A 1 178 ? 5.61942   -14.57178 12.97648  1.000 97.44254  ? 317 PRO A CG  1 
ATOM   1263 C CD  . PRO A 1 178 ? 4.90934   -13.44285 12.28644  1.000 94.71384  ? 317 PRO A CD  1 
ATOM   1264 N N   . ALA A 1 179 ? 1.91047   -13.29024 14.54688  1.000 105.42679 ? 318 ALA A N   1 
ATOM   1265 C CA  . ALA A 1 179 ? 0.92111   -12.82097 15.51910  1.000 106.67626 ? 318 ALA A CA  1 
ATOM   1266 C C   . ALA A 1 179 ? 1.27045   -13.26129 16.94129  1.000 114.25742 ? 318 ALA A C   1 
ATOM   1267 O O   . ALA A 1 179 ? 0.49094   -13.96626 17.58571  1.000 111.62667 ? 318 ALA A O   1 
ATOM   1268 C CB  . ALA A 1 179 ? -0.48052  -13.29763 15.13723  1.000 96.44040  ? 318 ALA A CB  1 
ATOM   1269 N N   . ASP A 1 180 ? 2.46978   -12.87188 17.37988  1.000 116.60713 ? 319 ASP A N   1 
ATOM   1270 C CA  . ASP A 1 180 ? 3.00962   -13.13269 18.72170  1.000 114.70344 ? 319 ASP A CA  1 
ATOM   1271 C C   . ASP A 1 180 ? 3.50403   -14.57113 18.87020  1.000 111.47617 ? 319 ASP A C   1 
ATOM   1272 O O   . ASP A 1 180 ? 4.04106   -14.94259 19.91400  1.000 111.02832 ? 319 ASP A O   1 
ATOM   1273 C CB  . ASP A 1 180 ? 1.98680   -12.79910 19.81446  1.000 113.03016 ? 319 ASP A CB  1 
ATOM   1274 C CG  . ASP A 1 180 ? 1.76137   -11.30520 19.96434  1.000 115.82344 ? 319 ASP A CG  1 
ATOM   1275 O OD1 . ASP A 1 180 ? 2.49906   -10.66919 20.74738  1.000 114.64530 ? 319 ASP A OD1 1 
ATOM   1276 O OD2 . ASP A 1 180 ? 0.84678   -10.76866 19.30263  1.000 112.56225 ? 319 ASP A OD2 1 
ATOM   1277 N N   . ASP A 1 181 ? 3.32042   -15.37731 17.82821  1.000 109.35032 ? 320 ASP A N   1 
ATOM   1278 C CA  . ASP A 1 181 ? 3.99663   -16.66622 17.74419  1.000 110.07860 ? 320 ASP A CA  1 
ATOM   1279 C C   . ASP A 1 181 ? 5.50272   -16.43386 17.70316  1.000 113.39822 ? 320 ASP A C   1 
ATOM   1280 O O   . ASP A 1 181 ? 6.27381   -17.16664 18.32362  1.000 112.30252 ? 320 ASP A O   1 
ATOM   1281 C CB  . ASP A 1 181 ? 3.55462   -17.44792 16.50266  1.000 104.60343 ? 320 ASP A CB  1 
ATOM   1282 C CG  . ASP A 1 181 ? 2.23370   -18.17316 16.69821  1.000 103.77458 ? 320 ASP A CG  1 
ATOM   1283 O OD1 . ASP A 1 181 ? 1.17361   -17.51219 16.70374  1.000 98.59635  ? 320 ASP A OD1 1 
ATOM   1284 O OD2 . ASP A 1 181 ? 2.25292   -19.41633 16.82534  1.000 98.55916  ? 320 ASP A OD2 1 
ATOM   1285 N N   . SER A 1 182 ? 5.90740   -15.40473 16.96102  1.000 108.08146 ? 321 SER A N   1 
ATOM   1286 C CA  . SER A 1 182 ? 7.31921   -15.08093 16.75882  1.000 102.42630 ? 321 SER A CA  1 
ATOM   1287 C C   . SER A 1 182 ? 7.51480   -13.58687 16.50780  1.000 101.78773 ? 321 SER A C   1 
ATOM   1288 O O   . SER A 1 182 ? 6.56061   -12.80997 16.56193  1.000 94.54981  ? 321 SER A O   1 
ATOM   1289 C CB  . SER A 1 182 ? 7.88839   -15.87879 15.58447  1.000 99.99604  ? 321 SER A CB  1 
ATOM   1290 O OG  . SER A 1 182 ? 7.37138   -17.19653 15.56447  1.000 107.05307 ? 321 SER A OG  1 
ATOM   1291 N N   . SER A 1 183 ? 8.75435   -13.19184 16.22718  1.000 97.21438  ? 322 SER A N   1 
ATOM   1292 C CA  . SER A 1 183 ? 9.06479   -11.79817 15.91399  1.000 88.55605  ? 322 SER A CA  1 
ATOM   1293 C C   . SER A 1 183 ? 9.15489   -11.58496 14.40648  1.000 89.94911  ? 322 SER A C   1 
ATOM   1294 O O   . SER A 1 183 ? 9.77819   -12.37242 13.69404  1.000 84.45932  ? 322 SER A O   1 
ATOM   1295 C CB  . SER A 1 183 ? 10.37257  -11.36836 16.57975  1.000 78.68429  ? 322 SER A CB  1 
ATOM   1296 O OG  . SER A 1 183 ? 11.48889  -11.97259 15.95077  1.000 89.98955  ? 322 SER A OG  1 
ATOM   1297 N N   . PHE A 1 184 ? 8.54105   -10.50694 13.93106  1.000 82.16922  ? 323 PHE A N   1 
ATOM   1298 C CA  . PHE A 1 184 ? 8.44281   -10.23817 12.50123  1.000 80.07815  ? 323 PHE A CA  1 
ATOM   1299 C C   . PHE A 1 184 ? 9.05658   -8.88823  12.14315  1.000 74.74143  ? 323 PHE A C   1 
ATOM   1300 O O   . PHE A 1 184 ? 8.97618   -7.93518  12.91920  1.000 69.45667  ? 323 PHE A O   1 
ATOM   1301 C CB  . PHE A 1 184 ? 6.97610   -10.29061 12.06132  1.000 77.44032  ? 323 PHE A CB  1 
ATOM   1302 C CG  . PHE A 1 184 ? 6.76778   -10.05779 10.59129  1.000 72.63276  ? 323 PHE A CG  1 
ATOM   1303 C CD1 . PHE A 1 184 ? 6.97826   -11.07728 9.67817   1.000 71.69593  ? 323 PHE A CD1 1 
ATOM   1304 C CD2 . PHE A 1 184 ? 6.34122   -8.82413  10.12506  1.000 69.94673  ? 323 PHE A CD2 1 
ATOM   1305 C CE1 . PHE A 1 184 ? 6.78129   -10.86798 8.32531   1.000 65.42729  ? 323 PHE A CE1 1 
ATOM   1306 C CE2 . PHE A 1 184 ? 6.14178   -8.60919  8.77260   1.000 61.63659  ? 323 PHE A CE2 1 
ATOM   1307 C CZ  . PHE A 1 184 ? 6.36176   -9.63272  7.87227   1.000 59.71033  ? 323 PHE A CZ  1 
ATOM   1308 N N   . SER A 1 185 ? 9.67290   -8.81127  10.96764  1.000 69.89011  ? 324 SER A N   1 
ATOM   1309 C CA  . SER A 1 185 ? 10.26596  -7.56190  10.50080  1.000 67.91580  ? 324 SER A CA  1 
ATOM   1310 C C   . SER A 1 185 ? 9.58068   -7.07231  9.22959   1.000 63.28951  ? 324 SER A C   1 
ATOM   1311 O O   . SER A 1 185 ? 9.69363   -7.69007  8.17013   1.000 61.86885  ? 324 SER A O   1 
ATOM   1312 C CB  . SER A 1 185 ? 11.76567  -7.73351  10.25662  1.000 60.93317  ? 324 SER A CB  1 
ATOM   1313 O OG  . SER A 1 185 ? 12.34842  -6.51841  9.81785   1.000 57.07733  ? 324 SER A OG  1 
ATOM   1314 N N   . LEU A 1 186 ? 8.87432   -5.95402  9.34284   1.000 64.36034  ? 325 LEU A N   1 
ATOM   1315 C CA  . LEU A 1 186 ? 8.15301   -5.38594  8.21388   1.000 57.40384  ? 325 LEU A CA  1 
ATOM   1316 C C   . LEU A 1 186 ? 9.11884   -4.69845  7.25193   1.000 55.54728  ? 325 LEU A C   1 
ATOM   1317 O O   . LEU A 1 186 ? 8.92393   -4.72032  6.03598   1.000 52.04912  ? 325 LEU A O   1 
ATOM   1318 C CB  . LEU A 1 186 ? 7.09000   -4.40089  8.70277   1.000 55.12769  ? 325 LEU A CB  1 
ATOM   1319 C CG  . LEU A 1 186 ? 6.13195   -3.84540  7.64856   1.000 52.51852  ? 325 LEU A CG  1 
ATOM   1320 C CD1 . LEU A 1 186 ? 5.43849   -4.97609  6.91391   1.000 50.03069  ? 325 LEU A CD1 1 
ATOM   1321 C CD2 . LEU A 1 186 ? 5.11352   -2.92552  8.29588   1.000 62.55151  ? 325 LEU A CD2 1 
ATOM   1322 N N   . SER A 1 187 ? 10.16120  -4.09080  7.80735   1.000 53.53589  ? 326 SER A N   1 
ATOM   1323 C CA  . SER A 1 187 ? 11.18970  -3.44147  7.00562   1.000 54.34530  ? 326 SER A CA  1 
ATOM   1324 C C   . SER A 1 187 ? 11.93834  -4.45594  6.14437   1.000 55.69444  ? 326 SER A C   1 
ATOM   1325 O O   . SER A 1 187 ? 12.16095  -4.22796  4.95490   1.000 51.62405  ? 326 SER A O   1 
ATOM   1326 C CB  . SER A 1 187 ? 12.16909  -2.69166  7.90728   1.000 52.58157  ? 326 SER A CB  1 
ATOM   1327 O OG  . SER A 1 187 ? 12.75958  -3.57130  8.84645   1.000 53.95819  ? 326 SER A OG  1 
ATOM   1328 N N   . GLN A 1 188 ? 12.31677  -5.57797  6.75169   1.000 56.97511  ? 327 GLN A N   1 
ATOM   1329 C CA  . GLN A 1 188 ? 12.99820  -6.65086  6.03409   1.000 45.89816  ? 327 GLN A CA  1 
ATOM   1330 C C   . GLN A 1 188 ? 12.11388  -7.22946  4.93712   1.000 52.10006  ? 327 GLN A C   1 
ATOM   1331 O O   . GLN A 1 188 ? 12.60194  -7.64078  3.88296   1.000 51.61041  ? 327 GLN A O   1 
ATOM   1332 C CB  . GLN A 1 188 ? 13.42580  -7.76017  6.99913   1.000 46.89237  ? 327 GLN A CB  1 
ATOM   1333 C CG  . GLN A 1 188 ? 14.64897  -7.42140  7.83950   1.000 54.22573  ? 327 GLN A CG  1 
ATOM   1334 C CD  . GLN A 1 188 ? 15.90888  -7.29496  7.00621   1.000 54.48410  ? 327 GLN A CD  1 
ATOM   1335 O OE1 . GLN A 1 188 ? 16.29588  -8.22660  6.30177   1.000 55.75409  ? 327 GLN A OE1 1 
ATOM   1336 N NE2 . GLN A 1 188 ? 16.55083  -6.13483  7.07523   1.000 54.87355  ? 327 GLN A NE2 1 
ATOM   1337 N N   . GLU A 1 189 ? 10.80928  -7.25579  5.18818   1.000 47.37787  ? 328 GLU A N   1 
ATOM   1338 C CA  . GLU A 1 189 ? 9.86096   -7.79027  4.21924   1.000 54.99636  ? 328 GLU A CA  1 
ATOM   1339 C C   . GLU A 1 189 ? 9.79592   -6.89787  2.98219   1.000 56.51371  ? 328 GLU A C   1 
ATOM   1340 O O   . GLU A 1 189 ? 9.75687   -7.38756  1.85238   1.000 58.68639  ? 328 GLU A O   1 
ATOM   1341 C CB  . GLU A 1 189 ? 8.47158   -7.93058  4.84635   1.000 55.03982  ? 328 GLU A CB  1 
ATOM   1342 C CG  . GLU A 1 189 ? 7.47872   -8.69873  3.98887   1.000 57.26482  ? 328 GLU A CG  1 
ATOM   1343 C CD  . GLU A 1 189 ? 7.79476   -10.17916 3.91448   1.000 67.33413  ? 328 GLU A CD  1 
ATOM   1344 O OE1 . GLU A 1 189 ? 7.42818   -10.81770 2.90414   1.000 68.30089  ? 328 GLU A OE1 1 
ATOM   1345 O OE2 . GLU A 1 189 ? 8.40366   -10.70625 4.87024   1.000 62.24255  ? 328 GLU A OE2 1 
ATOM   1346 N N   . VAL A 1 190 ? 9.79081   -5.58699  3.20414   1.000 48.90884  ? 329 VAL A N   1 
ATOM   1347 C CA  . VAL A 1 190 ? 9.76039   -4.62751  2.10769   1.000 54.05035  ? 329 VAL A CA  1 
ATOM   1348 C C   . VAL A 1 190 ? 11.10138  -4.61479  1.38575   1.000 50.20597  ? 329 VAL A C   1 
ATOM   1349 O O   . VAL A 1 190 ? 11.15407  -4.57688  0.15468   1.000 50.15713  ? 329 VAL A O   1 
ATOM   1350 C CB  . VAL A 1 190 ? 9.42295   -3.20365  2.60434   1.000 52.39742  ? 329 VAL A CB  1 
ATOM   1351 C CG1 . VAL A 1 190 ? 9.49752   -2.20171  1.45891   1.000 47.71397  ? 329 VAL A CG1 1 
ATOM   1352 C CG2 . VAL A 1 190 ? 8.04304   -3.18129  3.24284   1.000 44.64251  ? 329 VAL A CG2 1 
ATOM   1353 N N   . LEU A 1 191 ? 12.18136  -4.65744  2.15864   1.000 44.46427  ? 330 LEU A N   1 
ATOM   1354 C CA  . LEU A 1 191 ? 13.52714  -4.69004  1.59925   1.000 48.15354  ? 330 LEU A CA  1 
ATOM   1355 C C   . LEU A 1 191 ? 13.71937  -5.89128  0.68119   1.000 52.60186  ? 330 LEU A C   1 
ATOM   1356 O O   . LEU A 1 191 ? 14.39521  -5.79297  -0.34094  1.000 55.24240  ? 330 LEU A O   1 
ATOM   1357 C CB  . LEU A 1 191 ? 14.57054  -4.70598  2.71687   1.000 51.51389  ? 330 LEU A CB  1 
ATOM   1358 C CG  . LEU A 1 191 ? 14.87291  -3.33374  3.31899   1.000 49.13876  ? 330 LEU A CG  1 
ATOM   1359 C CD1 . LEU A 1 191 ? 15.79983  -3.44449  4.52330   1.000 45.26060  ? 330 LEU A CD1 1 
ATOM   1360 C CD2 . LEU A 1 191 ? 15.47217  -2.43518  2.24980   1.000 45.30163  ? 330 LEU A CD2 1 
ATOM   1361 N N   . ARG A 1 192 ? 13.11304  -7.01884  1.04298   1.000 51.12594  ? 331 ARG A N   1 
ATOM   1362 C CA  . ARG A 1 192 ? 13.18617  -8.22286  0.22485   1.000 56.47579  ? 331 ARG A CA  1 
ATOM   1363 C C   . ARG A 1 192 ? 12.65219  -7.96264  -1.18390  1.000 57.57128  ? 331 ARG A C   1 
ATOM   1364 O O   . ARG A 1 192 ? 13.32290  -8.25340  -2.17456  1.000 57.16046  ? 331 ARG A O   1 
ATOM   1365 C CB  . ARG A 1 192 ? 12.41355  -9.36888  0.88439   1.000 57.01334  ? 331 ARG A CB  1 
ATOM   1366 C CG  . ARG A 1 192 ? 12.69974  -10.73463 0.27919   1.000 63.70404  ? 331 ARG A CG  1 
ATOM   1367 C CD  . ARG A 1 192 ? 11.90967  -11.84024 0.96886   1.000 67.91675  ? 331 ARG A CD  1 
ATOM   1368 N NE  . ARG A 1 192 ? 10.46774  -11.68944 0.78530   1.000 71.92273  ? 331 ARG A NE  1 
ATOM   1369 C CZ  . ARG A 1 192 ? 9.80881   -12.05976 -0.30968  1.000 74.44646  ? 331 ARG A CZ  1 
ATOM   1370 N NH1 . ARG A 1 192 ? 10.45988  -12.59949 -1.33227  1.000 70.00877  ? 331 ARG A NH1 1 
ATOM   1371 N NH2 . ARG A 1 192 ? 8.49673   -11.88390 -0.38570  1.000 66.85550  ? 331 ARG A NH2 1 
ATOM   1372 N N   . HIS A 1 193 ? 11.44767  -7.40363  -1.26395  1.000 59.71509  ? 332 HIS A N   1 
ATOM   1373 C CA  . HIS A 1 193 ? 10.84012  -7.05527  -2.54584  1.000 58.16239  ? 332 HIS A CA  1 
ATOM   1374 C C   . HIS A 1 193 ? 11.64215  -5.98515  -3.27887  1.000 59.93485  ? 332 HIS A C   1 
ATOM   1375 O O   . HIS A 1 193 ? 11.69945  -5.96759  -4.50741  1.000 60.60899  ? 332 HIS A O   1 
ATOM   1376 C CB  . HIS A 1 193 ? 9.40482   -6.56308  -2.34652  1.000 55.43029  ? 332 HIS A CB  1 
ATOM   1377 C CG  . HIS A 1 193 ? 8.44316   -7.63571  -1.94437  1.000 54.48886  ? 332 HIS A CG  1 
ATOM   1378 N ND1 . HIS A 1 193 ? 7.49402   -8.14589  -2.80701  1.000 52.32707  ? 332 HIS A ND1 1 
ATOM   1379 C CD2 . HIS A 1 193 ? 8.27236   -8.29049  -0.77178  1.000 51.99560  ? 332 HIS A CD2 1 
ATOM   1380 C CE1 . HIS A 1 193 ? 6.78544   -9.06859  -2.18354  1.000 51.41463  ? 332 HIS A CE1 1 
ATOM   1381 N NE2 . HIS A 1 193 ? 7.23860   -9.17623  -0.94534  1.000 59.92535  ? 332 HIS A NE2 1 
ATOM   1382 N N   . LEU A 1 194 ? 12.25296  -5.08951  -2.51060  1.000 57.92926  ? 333 LEU A N   1 
ATOM   1383 C CA  . LEU A 1 194 ? 12.97871  -3.95393  -3.06770  1.000 62.30461  ? 333 LEU A CA  1 
ATOM   1384 C C   . LEU A 1 194 ? 14.31170  -4.38042  -3.67664  1.000 66.56892  ? 333 LEU A C   1 
ATOM   1385 O O   . LEU A 1 194 ? 14.77601  -3.79276  -4.65469  1.000 62.43046  ? 333 LEU A O   1 
ATOM   1386 C CB  . LEU A 1 194 ? 13.20516  -2.89683  -1.98514  1.000 52.20861  ? 333 LEU A CB  1 
ATOM   1387 C CG  . LEU A 1 194 ? 13.85216  -1.57265  -2.39171  1.000 65.53634  ? 333 LEU A CG  1 
ATOM   1388 C CD1 . LEU A 1 194 ? 13.00326  -0.85291  -3.42198  1.000 71.35923  ? 333 LEU A CD1 1 
ATOM   1389 C CD2 . LEU A 1 194 ? 14.06342  -0.69402  -1.17091  1.000 62.17881  ? 333 LEU A CD2 1 
ATOM   1390 N N   . ARG A 1 195 ? 14.92186  -5.40453  -3.08941  1.000 68.88722  ? 334 ARG A N   1 
ATOM   1391 C CA  . ARG A 1 195 ? 16.21880  -5.88979  -3.54675  1.000 69.63048  ? 334 ARG A CA  1 
ATOM   1392 C C   . ARG A 1 195 ? 16.09903  -6.78703  -4.77881  1.000 72.07735  ? 334 ARG A C   1 
ATOM   1393 O O   . ARG A 1 195 ? 17.02328  -6.86192  -5.59013  1.000 72.21912  ? 334 ARG A O   1 
ATOM   1394 C CB  . ARG A 1 195 ? 16.93283  -6.62378  -2.41049  1.000 59.28295  ? 334 ARG A CB  1 
ATOM   1395 C CG  . ARG A 1 195 ? 17.37772  -5.68551  -1.30018  1.000 56.89964  ? 334 ARG A CG  1 
ATOM   1396 C CD  . ARG A 1 195 ? 18.17882  -6.39539  -0.22310  1.000 67.15894  ? 334 ARG A CD  1 
ATOM   1397 N NE  . ARG A 1 195 ? 18.88897  -5.43597  0.61906   1.000 59.89710  ? 334 ARG A NE  1 
ATOM   1398 C CZ  . ARG A 1 195 ? 18.85027  -5.42413  1.94765   1.000 59.83444  ? 334 ARG A CZ  1 
ATOM   1399 N NH1 . ARG A 1 195 ? 18.13613  -6.33123  2.60407   1.000 55.97919  ? 334 ARG A NH1 1 
ATOM   1400 N NH2 . ARG A 1 195 ? 19.53284  -4.50457  2.61988   1.000 48.29717  ? 334 ARG A NH2 1 
ATOM   1401 N N   . GLN A 1 196 ? 14.96267  -7.46372  -4.92085  1.000 67.83593  ? 335 GLN A N   1 
ATOM   1402 C CA  . GLN A 1 196 ? 14.70338  -8.25121  -6.12233  1.000 71.47926  ? 335 GLN A CA  1 
ATOM   1403 C C   . GLN A 1 196 ? 14.47426  -7.31998  -7.30560  1.000 74.83166  ? 335 GLN A C   1 
ATOM   1404 O O   . GLN A 1 196 ? 14.81803  -7.64364  -8.44354  1.000 73.47573  ? 335 GLN A O   1 
ATOM   1405 C CB  . GLN A 1 196 ? 13.49911  -9.17173  -5.92826  1.000 75.17051  ? 335 GLN A CB  1 
ATOM   1406 C CG  . GLN A 1 196 ? 13.18942  -10.03566 -7.14077  1.000 82.10426  ? 335 GLN A CG  1 
ATOM   1407 C CD  . GLN A 1 196 ? 12.08644  -11.03752 -6.87802  1.000 89.92426  ? 335 GLN A CD  1 
ATOM   1408 O OE1 . GLN A 1 196 ? 11.54692  -11.10912 -5.77373  1.000 87.58147  ? 335 GLN A OE1 1 
ATOM   1409 N NE2 . GLN A 1 196 ? 11.74393  -11.82128 -7.89517  1.000 94.19766  ? 335 GLN A NE2 1 
ATOM   1410 N N   . GLU A 1 197 ? 13.88473  -6.16152  -7.02159  1.000 75.12268  ? 336 GLU A N   1 
ATOM   1411 C CA  . GLU A 1 197 ? 13.71107  -5.11149  -8.01640  1.000 78.40546  ? 336 GLU A CA  1 
ATOM   1412 C C   . GLU A 1 197 ? 15.07025  -4.69671  -8.56973  1.000 83.94834  ? 336 GLU A C   1 
ATOM   1413 O O   . GLU A 1 197 ? 15.23039  -4.49782  -9.77395  1.000 91.14223  ? 336 GLU A O   1 
ATOM   1414 C CB  . GLU A 1 197 ? 12.98439  -3.90796  -7.40619  1.000 80.56659  ? 336 GLU A CB  1 
ATOM   1415 C CG  . GLU A 1 197 ? 12.76019  -2.73997  -8.35980  1.000 88.02954  ? 336 GLU A CG  1 
ATOM   1416 C CD  . GLU A 1 197 ? 11.59626  -2.96331  -9.31386  1.000 88.02754  ? 336 GLU A CD  1 
ATOM   1417 O OE1 . GLU A 1 197 ? 10.99162  -4.05660  -9.28134  1.000 85.07776  ? 336 GLU A OE1 1 
ATOM   1418 O OE2 . GLU A 1 197 ? 11.28186  -2.03704  -10.09398 1.000 70.32308  ? 336 GLU A OE2 1 
ATOM   1419 N N   . GLU A 1 198 ? 16.04829  -4.57389  -7.67642  1.000 77.29374  ? 337 GLU A N   1 
ATOM   1420 C CA  . GLU A 1 198 ? 17.42288  -4.29831  -8.07506  1.000 81.65353  ? 337 GLU A CA  1 
ATOM   1421 C C   . GLU A 1 198 ? 18.00077  -5.48171  -8.84514  1.000 82.38711  ? 337 GLU A C   1 
ATOM   1422 O O   . GLU A 1 198 ? 18.87224  -5.31570  -9.69838  1.000 91.79301  ? 337 GLU A O   1 
ATOM   1423 C CB  . GLU A 1 198 ? 18.29047  -3.99107  -6.85168  1.000 84.87554  ? 337 GLU A CB  1 
ATOM   1424 C CG  . GLU A 1 198 ? 17.87227  -2.75213  -6.07185  1.000 77.22851  ? 337 GLU A CG  1 
ATOM   1425 C CD  . GLU A 1 198 ? 18.65963  -2.58033  -4.78491  1.000 86.92673  ? 337 GLU A CD  1 
ATOM   1426 O OE1 . GLU A 1 198 ? 19.33790  -3.54354  -4.36561  1.000 88.26765  ? 337 GLU A OE1 1 
ATOM   1427 O OE2 . GLU A 1 198 ? 18.60260  -1.48111  -4.19115  1.000 92.48868  ? 337 GLU A OE2 1 
HETATM 1428 C C10 . 98F B 2 .   ? -5.19979  7.32712   -0.32671  0.500 44.36196  ? 401 98F A C10 1 
HETATM 1429 C C11 . 98F B 2 .   ? -6.99929  6.64145   -1.61993  0.500 40.37751  ? 401 98F A C11 1 
HETATM 1430 C C12 . 98F B 2 .   ? -7.25090  7.98007   -2.00097  0.500 41.56751  ? 401 98F A C12 1 
HETATM 1431 C C13 . 98F B 2 .   ? -6.38677  8.99200   -1.47197  0.500 41.20062  ? 401 98F A C13 1 
HETATM 1432 C C14 . 98F B 2 .   ? -8.72864  6.68691   -2.96590  0.500 40.82970  ? 401 98F A C14 1 
HETATM 1433 C C16 . 98F B 2 .   ? -8.51738  4.00369   -0.96899  0.500 43.23079  ? 401 98F A C16 1 
HETATM 1434 C C15 . 98F B 2 .   ? -10.11604 4.23840   -1.12469  0.500 41.52459  ? 401 98F A C15 1 
HETATM 1435 C C17 . 98F B 2 .   ? -8.05201  4.35424   -2.11801  0.500 43.12613  ? 401 98F A C17 1 
HETATM 1436 C C20 . 98F B 2 .   ? -12.89874 3.91984   -3.25705  0.500 41.70720  ? 401 98F A C20 1 
HETATM 1437 C C7  . 98F B 2 .   ? -14.63248 8.24226   -0.38715  0.500 43.36221  ? 401 98F A C7  1 
HETATM 1438 N N9  . 98F B 2 .   ? -6.58734  10.43908  -1.82894  0.500 44.47954  ? 401 98F A N9  1 
HETATM 1439 C C4  . 98F B 2 .   ? -12.37975 8.87442   0.60853   0.500 40.85457  ? 401 98F A C4  1 
HETATM 1440 N N3  . 98F B 2 .   ? -11.56024 9.94851   0.63885   0.500 41.73364  ? 401 98F A N3  1 
HETATM 1441 C C2  . 98F B 2 .   ? -12.14361 10.94543  -0.07784  0.500 40.59146  ? 401 98F A C2  1 
HETATM 1442 N N2  . 98F B 2 .   ? -13.46817 9.15749   -0.10409  0.500 41.89461  ? 401 98F A N2  1 
HETATM 1443 N N1  . 98F B 2 .   ? -14.16488 11.23417  -1.30786  0.500 43.08268  ? 401 98F A N1  1 
HETATM 1444 C C6  . 98F B 2 .   ? -14.58830 7.84361   -1.61885  0.500 42.69634  ? 401 98F A C6  1 
HETATM 1445 C C5  . 98F B 2 .   ? -14.28552 6.17354   -1.62720  0.500 42.02012  ? 401 98F A C5  1 
HETATM 1446 N N7  . 98F B 2 .   ? -8.33153  7.96855   -2.83467  0.500 41.82859  ? 401 98F A N7  1 
HETATM 1447 C C8  . 98F B 2 .   ? -14.64562 5.73680   -0.52720  0.500 41.41620  ? 401 98F A C8  1 
HETATM 1448 N N   . 98F B 2 .   ? -12.66874 12.99288  -1.17657  0.500 44.63480  ? 401 98F A N   1 
HETATM 1449 C C   . 98F B 2 .   ? -13.82128 12.47594  -1.60793  0.500 44.10461  ? 401 98F A C   1 
HETATM 1450 O O   . 98F B 2 .   ? -10.44165 5.61799   1.67096   0.500 38.00563  ? 401 98F A O   1 
HETATM 1451 C C1  . 98F B 2 .   ? -13.36102 10.44399  -0.55342  0.500 40.54754  ? 401 98F A C1  1 
HETATM 1452 C C18 . 98F B 2 .   ? -10.41150 3.70057   -2.26249  0.500 41.42699  ? 401 98F A C18 1 
HETATM 1453 C C19 . 98F B 2 .   ? -11.52552 4.57869   -2.80160  0.500 40.34587  ? 401 98F A C19 1 
HETATM 1454 C C3  . 98F B 2 .   ? -11.80245 12.28045  -0.41736  0.500 41.41073  ? 401 98F A C3  1 
HETATM 1455 C C9  . 98F B 2 .   ? -13.67474 4.65276   -0.00867  0.500 40.85979  ? 401 98F A C9  1 
HETATM 1456 F F1  . 98F B 2 .   ? -8.29672  2.64392   -0.75913  0.500 39.36968  ? 401 98F A F1  1 
HETATM 1457 F F2  . 98F B 2 .   ? -15.77922 8.06401   -2.23066  0.500 42.37751  ? 401 98F A F2  1 
HETATM 1458 N N4  . 98F B 2 .   ? -5.38685  8.62051   -0.64725  0.500 44.30737  ? 401 98F A N4  1 
HETATM 1459 N N5  . 98F B 2 .   ? -5.96757  6.35946   -0.78558  0.500 43.30815  ? 401 98F A N5  1 
HETATM 1460 N N6  . 98F B 2 .   ? -7.93023  5.87224   -2.23263  0.500 42.03241  ? 401 98F A N6  1 
HETATM 1461 O O1  . 98F B 2 .   ? -14.57513 6.99362   0.49174   0.500 40.44418  ? 401 98F A O1  1 
HETATM 1462 O O10 . 98F B 2 .   ? -15.02167 5.59666   -2.72327  0.500 47.54712  ? 401 98F A O10 1 
HETATM 1463 O O2  . 98F B 2 .   ? -12.86831 5.21762   0.98342   0.500 39.91174  ? 401 98F A O2  1 
HETATM 1464 O O22 . 98F B 2 .   ? -15.12182 4.45616   -4.98924  0.500 39.44837  ? 401 98F A O22 1 
HETATM 1465 O O3  . 98F B 2 .   ? -11.62173 3.68878   2.45084   0.500 41.45403  ? 401 98F A O3  1 
HETATM 1466 O O4  . 98F B 2 .   ? -13.54661 6.25240   -4.45496  0.500 37.62472  ? 401 98F A O4  1 
HETATM 1467 O O5  . 98F B 2 .   ? -9.10883  3.87531   -3.12031  0.500 40.13181  ? 401 98F A O5  1 
HETATM 1468 O O7  . 98F B 2 .   ? -10.88215 3.61490   -0.00116  0.500 44.78539  ? 401 98F A O7  1 
HETATM 1469 P P   . 98F B 2 .   ? -11.43811 4.62700   1.22876   0.500 37.31687  ? 401 98F A P   1 
HETATM 1470 P P1  . 98F B 2 .   ? -14.25863 5.05858   -3.86611  0.500 45.42460  ? 401 98F A P1  1 
HETATM 1471 N N10 . 98F B 2 .   ? -10.51905 12.89048  0.05120   0.500 44.35181  ? 401 98F A N10 1 
HETATM 1472 O O   . HOH C 3 .   ? -5.19926  3.69304   0.00859   1.000 39.16938  ? 501 HOH A O   1 
HETATM 1473 O O   . HOH C 3 .   ? -16.20226 2.68123   -4.08320  1.000 45.69787  ? 502 HOH A O   1 
HETATM 1474 O O   . HOH C 3 .   ? 8.89575   3.79204   -4.69434  1.000 51.87850  ? 503 HOH A O   1 
HETATM 1475 O O   . HOH C 3 .   ? -20.21423 -6.89902  12.03394  1.000 49.10480  ? 504 HOH A O   1 
HETATM 1476 O O   . HOH C 3 .   ? 3.84805   6.45789   -13.37977 1.000 56.76175  ? 505 HOH A O   1 
HETATM 1477 O O   . HOH C 3 .   ? -7.99048  20.86115  -3.35939  1.000 50.75871  ? 506 HOH A O   1 
HETATM 1478 O O   . HOH C 3 .   ? 15.21778  -3.71871  8.48031   1.000 53.82257  ? 507 HOH A O   1 
HETATM 1479 O O   . HOH C 3 .   ? -4.76539  13.06923  -0.14862  1.000 42.14600  ? 508 HOH A O   1 
HETATM 1480 O O   . HOH C 3 .   ? 1.56930   11.81243  1.59134   1.000 44.74699  ? 509 HOH A O   1 
HETATM 1481 O O   . HOH C 3 .   ? -10.97486 8.88381   -6.35135  1.000 41.93551  ? 510 HOH A O   1 
HETATM 1482 O O   . HOH C 3 .   ? 0.50625   9.66444   -9.11553  1.000 43.16993  ? 511 HOH A O   1 
HETATM 1483 O O   . HOH C 3 .   ? -11.43480 -15.69595 7.66365   1.000 41.13121  ? 512 HOH A O   1 
HETATM 1484 O O   . HOH C 3 .   ? -2.63457  2.34842   -0.57406  1.000 36.51216  ? 513 HOH A O   1 
HETATM 1485 O O   . HOH C 3 .   ? -14.48490 1.52668   -1.49983  0.500 38.53246  ? 514 HOH A O   1 
HETATM 1486 O O   . HOH C 3 .   ? -14.53221 12.62012  -5.52381  1.000 39.78623  ? 515 HOH A O   1 
HETATM 1487 O O   . HOH C 3 .   ? -0.16773  -4.82636  -16.04283 1.000 53.48353  ? 516 HOH A O   1 
HETATM 1488 O O   . HOH C 3 .   ? -5.24871  9.48262   -13.97870 1.000 48.62494  ? 517 HOH A O   1 
HETATM 1489 O O   . HOH C 3 .   ? 1.90614   -4.47984  9.26673   1.000 44.95554  ? 518 HOH A O   1 
HETATM 1490 O O   . HOH C 3 .   ? 20.97101  9.39628   6.15568   1.000 63.97680  ? 519 HOH A O   1 
HETATM 1491 O O   . HOH C 3 .   ? 2.55233   6.54147   0.71696   1.000 47.07772  ? 520 HOH A O   1 
HETATM 1492 O O   . HOH C 3 .   ? 3.56636   -2.59618  -11.97531 1.000 50.95277  ? 521 HOH A O   1 
HETATM 1493 O O   . HOH C 3 .   ? -3.41232  10.67716  -0.57295  1.000 45.17906  ? 522 HOH A O   1 
HETATM 1494 O O   . HOH C 3 .   ? -3.96364  18.68283  -11.96444 1.000 52.43079  ? 523 HOH A O   1 
HETATM 1495 O O   . HOH C 3 .   ? 16.09841  -4.62402  10.59752  1.000 54.57172  ? 524 HOH A O   1 
HETATM 1496 O O   . HOH C 3 .   ? 3.08917   -6.93620  -7.49086  1.000 54.17154  ? 525 HOH A O   1 
HETATM 1497 O O   . HOH C 3 .   ? -0.49918  -9.83278  8.35191   1.000 47.16243  ? 526 HOH A O   1 
HETATM 1498 O O   . HOH C 3 .   ? -1.97671  17.06645  -10.85149 1.000 47.84516  ? 527 HOH A O   1 
# 
